data_7ODV
#
_entry.id   7ODV
#
_cell.length_a   97.332
_cell.length_b   145.878
_cell.length_c   169.539
_cell.angle_alpha   90.000
_cell.angle_beta   90.000
_cell.angle_gamma   90.000
#
_symmetry.space_group_name_H-M   'P 21 21 21'
#
loop_
_entity.id
_entity.type
_entity.pdbx_description
1 polymer 'Receptor-like protein kinase HSL1'
2 polymer 'Somatic embryogenesis receptor kinase 1'
3 polymer 'Protein IDA'
4 branched beta-D-mannopyranose-(1-4)-2-acetamido-2-deoxy-beta-D-glucopyranose-(1-4)-2-acetamido-2-deoxy-beta-D-glucopyranose
5 branched 2-acetamido-2-deoxy-beta-D-glucopyranose-(1-4)-2-acetamido-2-deoxy-beta-D-glucopyranose
6 branched alpha-L-fucopyranose-(1-6)-2-acetamido-2-deoxy-beta-D-glucopyranose
7 non-polymer 2-acetamido-2-deoxy-beta-D-glucopyranose
8 non-polymer 'MAGNESIUM ION'
9 non-polymer 'SODIUM ION'
10 water water
#
loop_
_entity_poly.entity_id
_entity_poly.type
_entity_poly.pdbx_seq_one_letter_code
_entity_poly.pdbx_strand_id
1 'polypeptide(L)'
;GSSMDNQDGFILQQVKLSLDDPDSYLSSWNSNDASPCRWSGVSCAGDFSSVTSVDLSSANLAGPFPSVICRLSNLAHLSL
YNNSINSTLPLNIAACKSLQTLDLSQNLLTGELPQTLADIPTLVHLDLTGNNFSGDIPASFGKFENLEVLSLVYNLLDGT
IPPFLGNISTLKMLNLSYNPFSPSRIPPEFGNLTNLEVMWLTECHLVGQIPDSLGQLSKLVDLDLALNDLVGHIPPSLGG
LTNVVQIELYNNSLTGEIPPELGNLKSLRLLDASMNQLTGKIPDELCRVPLESLNLYENNLEGELPASIALSPNLYEIRI
FGNRLTGGLPKDLGLNSPLRWLDVSENEFSGDLPADLCAKGELEELLIIHNSFSGVIPESLADCRSLTRIRLAYNRFSGS
VPTGFWGLPHVNLLELVNNSFSGEISKSIGGASNLSLLILSNNEFTGSLPEEIGSLDNLNQLSASGNKFSGSLPDSLMSL
GELGTLDLHGNQFSGELTSGIKSWKKLNELNLADNEFTGKIPDEIGSLSVLNYLDLSGNMFSGKIPVSLQSLKLNQLNLS
YNRLSGDLPPSLAKDMYKNSFIGNPGLCGDIKGLCGSENEAKKRGYVLEGSENLYFQ
;
AAA,DDD
2 'polypeptide(L)'
;GSSMASANLEGDALHTLRVTLVDPNNVLQSWDPTLVNPCTWFHVTCNNENSVIRVDLGNAELSGHLVPELGVLKNLQYLE
LYSNNITGPIPSNLGNLTNLVSLDLYLNSFSGPIPESLGKLSKLRFLRLNNNSLTGSIPMSLTNITTLQVLDLSNNRLSG
SVPDNGSFSLFTPISFANNLDLCGPVTSHPCPLEGSLENLYFQ
;
BBB,EEE
3 'polypeptide(L)' YVPIPPSA(HYP)SKRHN CCC,FFF
#
loop_
_chem_comp.id
_chem_comp.type
_chem_comp.name
_chem_comp.formula
BMA D-saccharide, beta linking beta-D-mannopyranose 'C6 H12 O6'
FUC L-saccharide, alpha linking alpha-L-fucopyranose 'C6 H12 O5'
MG non-polymer 'MAGNESIUM ION' 'Mg 2'
NA non-polymer 'SODIUM ION' 'Na 1'
NAG D-saccharide, beta linking 2-acetamido-2-deoxy-beta-D-glucopyranose 'C8 H15 N O6'
#
# COMPACT_ATOMS: atom_id res chain seq x y z
N SER A 2 33.37 -22.03 57.38
CA SER A 2 33.18 -20.62 57.82
C SER A 2 34.04 -19.68 56.97
N SER A 3 35.24 -20.13 56.59
CA SER A 3 36.18 -19.42 55.67
C SER A 3 35.54 -19.24 54.28
N MET A 4 34.54 -20.07 53.94
CA MET A 4 33.84 -20.06 52.63
C MET A 4 32.50 -19.30 52.72
N ASP A 5 32.25 -18.62 53.85
CA ASP A 5 31.09 -17.70 54.01
C ASP A 5 31.38 -16.41 53.24
N ASN A 6 30.33 -15.72 52.77
CA ASN A 6 30.46 -14.45 52.00
C ASN A 6 29.31 -13.51 52.36
N GLN A 7 29.45 -12.24 52.03
CA GLN A 7 28.42 -11.20 52.20
C GLN A 7 27.97 -10.69 50.82
N ASP A 8 27.93 -11.57 49.83
CA ASP A 8 27.72 -11.17 48.41
C ASP A 8 26.38 -10.45 48.24
N GLY A 9 25.31 -10.92 48.89
CA GLY A 9 23.98 -10.27 48.86
C GLY A 9 24.06 -8.85 49.39
N PHE A 10 24.74 -8.65 50.52
CA PHE A 10 24.93 -7.32 51.13
C PHE A 10 25.70 -6.43 50.15
N ILE A 11 26.76 -6.95 49.52
CA ILE A 11 27.61 -6.17 48.59
C ILE A 11 26.76 -5.74 47.39
N LEU A 12 25.92 -6.65 46.88
CA LEU A 12 25.02 -6.35 45.72
C LEU A 12 23.99 -5.30 46.13
N GLN A 13 23.50 -5.33 47.37
CA GLN A 13 22.55 -4.29 47.88
C GLN A 13 23.24 -2.93 47.91
N GLN A 14 24.53 -2.89 48.27
CA GLN A 14 25.32 -1.63 48.27
C GLN A 14 25.43 -1.10 46.82
N VAL A 15 25.62 -2.00 45.85
CA VAL A 15 25.65 -1.63 44.40
C VAL A 15 24.29 -1.02 44.01
N LYS A 16 23.20 -1.66 44.43
CA LYS A 16 21.81 -1.21 44.13
C LYS A 16 21.61 0.18 44.71
N LEU A 17 22.05 0.40 45.95
CA LEU A 17 21.91 1.70 46.66
C LEU A 17 22.73 2.78 45.93
N SER A 18 23.88 2.42 45.36
CA SER A 18 24.83 3.36 44.71
C SER A 18 24.28 3.84 43.37
N LEU A 19 23.32 3.15 42.78
CA LEU A 19 22.87 3.39 41.37
C LEU A 19 21.37 3.73 41.34
N ASP A 20 20.99 4.72 40.52
CA ASP A 20 19.57 5.10 40.29
C ASP A 20 18.95 4.08 39.32
N ASP A 21 17.81 3.51 39.67
CA ASP A 21 17.10 2.50 38.85
C ASP A 21 15.66 2.96 38.70
N PRO A 22 15.38 3.94 37.80
CA PRO A 22 14.03 4.46 37.59
C PRO A 22 13.04 3.39 37.13
N ASP A 23 13.47 2.42 36.31
CA ASP A 23 12.58 1.40 35.70
C ASP A 23 12.44 0.16 36.61
N SER A 24 13.09 0.17 37.79
CA SER A 24 13.05 -0.88 38.83
C SER A 24 13.50 -2.24 38.29
N TYR A 25 14.56 -2.28 37.49
CA TYR A 25 15.13 -3.55 36.99
C TYR A 25 15.64 -4.41 38.16
N LEU A 26 16.12 -3.77 39.22
CA LEU A 26 16.74 -4.49 40.38
C LEU A 26 15.69 -4.80 41.46
N SER A 27 14.39 -4.83 41.11
CA SER A 27 13.29 -5.15 42.05
C SER A 27 13.50 -6.53 42.69
N SER A 28 14.01 -7.51 41.92
CA SER A 28 14.21 -8.91 42.37
C SER A 28 15.32 -8.98 43.43
N TRP A 29 16.07 -7.90 43.61
CA TRP A 29 17.15 -7.85 44.63
C TRP A 29 16.50 -7.51 45.97
N ASN A 30 16.29 -8.54 46.80
CA ASN A 30 15.56 -8.43 48.09
C ASN A 30 16.50 -8.83 49.22
N SER A 31 16.83 -7.89 50.12
CA SER A 31 17.78 -8.06 51.26
C SER A 31 17.33 -9.20 52.17
N ASN A 32 16.06 -9.63 52.10
CA ASN A 32 15.48 -10.75 52.89
C ASN A 32 15.97 -12.10 52.36
N ASP A 33 16.41 -12.18 51.10
CA ASP A 33 16.90 -13.44 50.47
C ASP A 33 18.27 -13.79 51.06
N ALA A 34 18.45 -15.07 51.42
CA ALA A 34 19.70 -15.62 51.98
C ALA A 34 20.84 -15.48 50.97
N SER A 35 20.57 -15.76 49.69
CA SER A 35 21.58 -15.75 48.60
C SER A 35 21.09 -14.87 47.45
N PRO A 36 22.01 -14.16 46.73
CA PRO A 36 21.63 -13.39 45.54
C PRO A 36 21.65 -14.21 44.25
N CYS A 37 21.82 -15.53 44.33
CA CYS A 37 22.18 -16.39 43.16
C CYS A 37 21.02 -16.51 42.17
N ARG A 38 19.77 -16.27 42.59
CA ARG A 38 18.58 -16.32 41.70
C ARG A 38 18.11 -14.89 41.36
N TRP A 39 18.84 -13.85 41.79
CA TRP A 39 18.49 -12.44 41.44
C TRP A 39 18.76 -12.20 39.95
N SER A 40 18.04 -11.27 39.34
CA SER A 40 18.17 -10.95 37.90
C SER A 40 19.57 -10.38 37.61
N GLY A 41 20.24 -10.94 36.60
CA GLY A 41 21.58 -10.49 36.17
C GLY A 41 22.66 -11.08 37.05
N VAL A 42 22.29 -11.86 38.07
CA VAL A 42 23.27 -12.44 39.02
C VAL A 42 23.34 -13.95 38.78
N SER A 43 24.57 -14.46 38.62
CA SER A 43 24.86 -15.89 38.40
C SER A 43 25.88 -16.36 39.43
N CYS A 44 25.59 -17.46 40.14
CA CYS A 44 26.57 -18.12 41.03
C CYS A 44 26.93 -19.47 40.41
N ALA A 45 27.95 -19.52 39.55
CA ALA A 45 28.21 -20.71 38.70
C ALA A 45 28.72 -21.92 39.49
N GLY A 46 29.14 -21.73 40.74
CA GLY A 46 29.61 -22.83 41.62
C GLY A 46 28.45 -23.61 42.24
N ASP A 47 27.42 -22.90 42.72
CA ASP A 47 26.32 -23.43 43.55
C ASP A 47 26.75 -23.38 45.03
N PHE A 48 27.95 -22.84 45.29
CA PHE A 48 28.53 -22.57 46.63
C PHE A 48 28.03 -21.22 47.16
N SER A 49 27.16 -20.56 46.39
CA SER A 49 26.48 -19.29 46.72
C SER A 49 27.39 -18.09 46.53
N SER A 50 28.53 -18.22 45.83
CA SER A 50 29.47 -17.12 45.50
C SER A 50 29.17 -16.56 44.10
N VAL A 51 29.00 -15.24 43.98
CA VAL A 51 28.66 -14.58 42.68
C VAL A 51 29.86 -14.69 41.75
N THR A 52 29.65 -15.20 40.53
CA THR A 52 30.71 -15.37 39.50
C THR A 52 30.47 -14.37 38.36
N SER A 53 29.21 -14.03 38.10
CA SER A 53 28.83 -13.14 36.97
C SER A 53 27.73 -12.17 37.38
N VAL A 54 27.90 -10.89 37.02
CA VAL A 54 26.83 -9.87 37.14
C VAL A 54 26.63 -9.23 35.76
N ASP A 55 25.43 -9.39 35.19
CA ASP A 55 25.07 -8.78 33.88
C ASP A 55 23.88 -7.84 34.11
N LEU A 56 24.12 -6.53 34.10
CA LEU A 56 23.08 -5.50 34.33
C LEU A 56 22.85 -4.72 33.03
N SER A 57 22.96 -5.42 31.89
CA SER A 57 22.89 -4.81 30.54
C SER A 57 21.52 -4.18 30.31
N SER A 58 21.49 -2.98 29.72
CA SER A 58 20.25 -2.29 29.26
C SER A 58 19.24 -2.15 30.41
N ALA A 59 19.65 -1.68 31.58
CA ALA A 59 18.79 -1.57 32.78
C ALA A 59 18.48 -0.11 33.12
N ASN A 60 18.91 0.84 32.29
CA ASN A 60 18.71 2.30 32.52
C ASN A 60 19.22 2.66 33.93
N LEU A 61 20.33 2.07 34.35
CA LEU A 61 20.97 2.37 35.66
C LEU A 61 21.88 3.58 35.48
N ALA A 62 21.81 4.54 36.40
CA ALA A 62 22.60 5.78 36.34
C ALA A 62 23.39 5.92 37.65
N GLY A 63 24.64 6.35 37.53
CA GLY A 63 25.51 6.56 38.70
C GLY A 63 26.94 6.16 38.38
N PRO A 64 27.90 6.41 39.28
CA PRO A 64 29.30 6.10 39.02
C PRO A 64 29.49 4.59 39.08
N PHE A 65 30.64 4.09 38.63
CA PHE A 65 30.97 2.65 38.69
C PHE A 65 30.96 2.22 40.16
N PRO A 66 30.28 1.10 40.50
CA PRO A 66 30.21 0.64 41.88
C PRO A 66 31.44 -0.17 42.33
N SER A 67 32.43 0.51 42.93
CA SER A 67 33.72 -0.08 43.37
C SER A 67 33.49 -1.20 44.40
N VAL A 68 32.38 -1.14 45.16
CA VAL A 68 32.04 -2.14 46.22
C VAL A 68 31.87 -3.52 45.56
N ILE A 69 31.50 -3.59 44.28
CA ILE A 69 31.24 -4.87 43.55
C ILE A 69 32.52 -5.72 43.56
N CYS A 70 33.69 -5.09 43.60
CA CYS A 70 35.00 -5.77 43.60
C CYS A 70 35.14 -6.65 44.87
N ARG A 71 34.37 -6.37 45.92
CA ARG A 71 34.37 -7.18 47.15
C ARG A 71 33.71 -8.55 46.90
N LEU A 72 33.03 -8.73 45.76
CA LEU A 72 32.62 -10.10 45.32
C LEU A 72 33.90 -10.82 44.87
N SER A 73 34.42 -11.72 45.70
CA SER A 73 35.77 -12.33 45.54
C SER A 73 35.84 -13.18 44.28
N ASN A 74 34.74 -13.80 43.85
CA ASN A 74 34.75 -14.77 42.72
C ASN A 74 34.14 -14.16 41.45
N LEU A 75 33.92 -12.84 41.41
CA LEU A 75 33.38 -12.16 40.19
C LEU A 75 34.39 -12.28 39.03
N ALA A 76 34.00 -12.99 37.98
CA ALA A 76 34.82 -13.25 36.78
C ALA A 76 34.25 -12.51 35.58
N HIS A 77 32.95 -12.22 35.58
CA HIS A 77 32.26 -11.55 34.45
C HIS A 77 31.41 -10.38 34.96
N LEU A 78 31.65 -9.18 34.43
CA LEU A 78 30.83 -7.99 34.76
C LEU A 78 30.44 -7.28 33.45
N SER A 79 29.14 -7.12 33.22
CA SER A 79 28.63 -6.31 32.08
C SER A 79 27.68 -5.22 32.60
N LEU A 80 28.02 -3.96 32.34
CA LEU A 80 27.16 -2.78 32.62
C LEU A 80 26.81 -2.14 31.29
N TYR A 81 26.78 -2.94 30.22
CA TYR A 81 26.57 -2.49 28.81
C TYR A 81 25.23 -1.75 28.67
N ASN A 82 25.23 -0.66 27.91
CA ASN A 82 24.01 0.12 27.53
C ASN A 82 23.31 0.58 28.82
N ASN A 83 24.02 1.34 29.65
CA ASN A 83 23.46 1.97 30.87
C ASN A 83 23.90 3.44 30.88
N SER A 84 23.61 4.16 31.95
CA SER A 84 24.00 5.58 32.10
C SER A 84 25.08 5.71 33.18
N ILE A 85 26.00 4.75 33.27
CA ILE A 85 27.12 4.82 34.24
C ILE A 85 27.97 6.05 33.86
N ASN A 86 28.27 6.92 34.82
CA ASN A 86 28.92 8.22 34.54
C ASN A 86 30.17 8.38 35.39
N SER A 87 30.74 9.60 35.39
CA SER A 87 31.92 9.99 36.20
C SER A 87 33.16 9.23 35.70
N THR A 88 34.24 9.24 36.47
CA THR A 88 35.52 8.63 36.07
C THR A 88 35.50 7.15 36.45
N LEU A 89 36.11 6.29 35.64
CA LEU A 89 36.34 4.88 36.05
C LEU A 89 37.44 4.91 37.11
N PRO A 90 37.14 4.42 38.33
CA PRO A 90 38.09 4.51 39.45
C PRO A 90 39.31 3.59 39.32
N LEU A 91 40.45 4.04 39.86
CA LEU A 91 41.72 3.26 39.88
C LEU A 91 41.55 2.01 40.75
N ASN A 92 40.58 2.01 41.67
CA ASN A 92 40.37 0.86 42.61
C ASN A 92 39.56 -0.24 41.91
N ILE A 93 39.34 -0.14 40.58
CA ILE A 93 38.71 -1.23 39.78
C ILE A 93 39.62 -2.47 39.80
N ALA A 94 40.93 -2.28 39.98
CA ALA A 94 41.92 -3.38 40.06
C ALA A 94 41.60 -4.31 41.22
N ALA A 95 40.87 -3.84 42.24
CA ALA A 95 40.39 -4.68 43.36
C ALA A 95 39.58 -5.86 42.82
N CYS A 96 38.94 -5.71 41.65
CA CYS A 96 38.25 -6.80 40.93
C CYS A 96 39.32 -7.68 40.26
N LYS A 97 40.02 -8.50 41.07
CA LYS A 97 41.26 -9.21 40.68
C LYS A 97 40.94 -10.53 39.96
N SER A 98 39.69 -10.99 40.01
CA SER A 98 39.26 -12.27 39.39
C SER A 98 38.57 -12.03 38.05
N LEU A 99 38.37 -10.77 37.65
CA LEU A 99 37.61 -10.42 36.40
C LEU A 99 38.32 -10.99 35.17
N GLN A 100 37.57 -11.74 34.35
CA GLN A 100 38.08 -12.25 33.05
C GLN A 100 37.47 -11.41 31.92
N THR A 101 36.20 -11.02 32.06
CA THR A 101 35.51 -10.17 31.06
C THR A 101 34.96 -8.91 31.75
N LEU A 102 35.26 -7.74 31.21
CA LEU A 102 34.70 -6.46 31.68
C LEU A 102 34.09 -5.71 30.50
N ASP A 103 32.76 -5.58 30.48
CA ASP A 103 32.03 -4.82 29.44
C ASP A 103 31.37 -3.60 30.09
N LEU A 104 31.94 -2.40 29.88
CA LEU A 104 31.39 -1.13 30.38
C LEU A 104 31.02 -0.25 29.18
N SER A 105 30.73 -0.88 28.04
CA SER A 105 30.45 -0.19 26.75
C SER A 105 29.08 0.49 26.79
N GLN A 106 28.90 1.51 25.94
CA GLN A 106 27.64 2.27 25.75
C GLN A 106 27.21 2.86 27.11
N ASN A 107 28.11 3.64 27.72
CA ASN A 107 27.87 4.33 29.01
C ASN A 107 28.29 5.80 28.86
N LEU A 108 28.28 6.57 29.96
CA LEU A 108 28.64 8.01 29.95
C LEU A 108 29.98 8.24 30.65
N LEU A 109 30.80 7.19 30.81
CA LEU A 109 32.07 7.26 31.56
C LEU A 109 33.00 8.28 30.90
N THR A 110 33.58 9.17 31.69
CA THR A 110 34.45 10.26 31.18
C THR A 110 35.79 10.23 31.91
N GLY A 111 36.77 10.99 31.42
CA GLY A 111 38.09 11.13 32.06
C GLY A 111 39.11 10.20 31.45
N GLU A 112 40.28 10.07 32.08
CA GLU A 112 41.39 9.23 31.59
C GLU A 112 41.15 7.79 31.99
N LEU A 113 41.59 6.84 31.16
CA LEU A 113 41.52 5.38 31.45
C LEU A 113 42.33 5.10 32.70
N PRO A 114 41.80 4.32 33.68
CA PRO A 114 42.58 3.90 34.83
C PRO A 114 43.68 2.92 34.44
N GLN A 115 44.94 3.25 34.76
CA GLN A 115 46.13 2.42 34.43
C GLN A 115 46.04 1.09 35.18
N THR A 116 45.31 1.07 36.29
CA THR A 116 45.17 -0.12 37.17
C THR A 116 44.41 -1.23 36.46
N LEU A 117 43.78 -0.96 35.32
CA LEU A 117 43.09 -2.00 34.50
C LEU A 117 44.10 -3.07 34.09
N ALA A 118 45.36 -2.67 33.83
CA ALA A 118 46.47 -3.60 33.47
C ALA A 118 46.92 -4.40 34.69
N ASP A 119 46.48 -4.03 35.89
CA ASP A 119 46.87 -4.73 37.15
C ASP A 119 45.83 -5.82 37.46
N ILE A 120 44.90 -6.13 36.54
CA ILE A 120 44.03 -7.34 36.69
C ILE A 120 44.61 -8.44 35.81
N PRO A 121 45.38 -9.40 36.38
CA PRO A 121 45.98 -10.50 35.63
C PRO A 121 45.02 -11.45 34.89
N THR A 122 43.84 -11.71 35.46
CA THR A 122 42.83 -12.62 34.88
C THR A 122 42.14 -11.98 33.66
N LEU A 123 42.29 -10.67 33.44
CA LEU A 123 41.49 -9.95 32.41
C LEU A 123 41.82 -10.47 31.00
N VAL A 124 40.79 -10.87 30.25
CA VAL A 124 40.93 -11.41 28.87
C VAL A 124 40.18 -10.48 27.89
N HIS A 125 39.03 -9.95 28.30
CA HIS A 125 38.16 -9.12 27.43
C HIS A 125 37.90 -7.77 28.09
N LEU A 126 38.31 -6.67 27.45
CA LEU A 126 38.02 -5.30 27.95
C LEU A 126 37.30 -4.52 26.84
N ASP A 127 36.05 -4.14 27.08
CA ASP A 127 35.24 -3.36 26.12
C ASP A 127 34.79 -2.06 26.78
N LEU A 128 35.35 -0.94 26.36
CA LEU A 128 34.97 0.41 26.87
C LEU A 128 34.40 1.25 25.72
N THR A 129 33.84 0.60 24.70
CA THR A 129 33.28 1.26 23.49
C THR A 129 32.10 2.14 23.89
N GLY A 130 31.86 3.22 23.13
CA GLY A 130 30.74 4.15 23.35
C GLY A 130 30.85 4.85 24.70
N ASN A 131 32.00 5.43 25.00
CA ASN A 131 32.21 6.20 26.25
C ASN A 131 32.86 7.53 25.89
N ASN A 132 33.19 8.35 26.89
CA ASN A 132 33.80 9.69 26.67
C ASN A 132 35.23 9.70 27.21
N PHE A 133 35.87 8.54 27.27
CA PHE A 133 37.25 8.43 27.80
C PHE A 133 38.17 9.30 26.96
N SER A 134 39.06 10.07 27.61
CA SER A 134 39.96 11.02 26.93
C SER A 134 41.39 10.85 27.43
N GLY A 135 42.33 11.53 26.78
CA GLY A 135 43.74 11.55 27.17
C GLY A 135 44.52 10.42 26.54
N ASP A 136 45.73 10.18 27.03
CA ASP A 136 46.66 9.17 26.49
C ASP A 136 46.25 7.78 26.99
N ILE A 137 46.42 6.76 26.16
CA ILE A 137 46.30 5.34 26.59
C ILE A 137 47.46 5.09 27.55
N PRO A 138 47.20 4.58 28.78
CA PRO A 138 48.27 4.41 29.78
C PRO A 138 49.33 3.37 29.37
N ALA A 139 50.60 3.61 29.71
CA ALA A 139 51.74 2.74 29.39
C ALA A 139 51.55 1.35 30.03
N SER A 140 50.78 1.29 31.12
CA SER A 140 50.43 0.03 31.81
C SER A 140 49.80 -0.94 30.81
N PHE A 141 49.09 -0.43 29.79
CA PHE A 141 48.31 -1.25 28.84
C PHE A 141 49.25 -2.19 28.07
N GLY A 142 50.51 -1.81 27.91
CA GLY A 142 51.54 -2.69 27.32
C GLY A 142 51.80 -3.94 28.14
N LYS A 143 51.46 -3.92 29.43
CA LYS A 143 51.86 -4.99 30.40
C LYS A 143 50.68 -5.93 30.71
N PHE A 144 49.57 -5.88 29.98
CA PHE A 144 48.42 -6.80 30.17
C PHE A 144 48.90 -8.25 30.05
N GLU A 145 48.61 -9.09 31.04
CA GLU A 145 49.13 -10.48 31.13
C GLU A 145 48.38 -11.44 30.21
N ASN A 146 47.04 -11.38 30.14
CA ASN A 146 46.26 -12.40 29.40
C ASN A 146 45.21 -11.77 28.48
N LEU A 147 45.29 -10.47 28.21
CA LEU A 147 44.24 -9.76 27.45
C LEU A 147 44.25 -10.23 26.00
N GLU A 148 43.08 -10.65 25.50
CA GLU A 148 42.88 -11.05 24.09
C GLU A 148 42.09 -9.98 23.35
N VAL A 149 41.24 -9.22 24.05
CA VAL A 149 40.37 -8.21 23.39
C VAL A 149 40.53 -6.86 24.09
N LEU A 150 40.96 -5.84 23.34
CA LEU A 150 41.01 -4.44 23.83
C LEU A 150 40.15 -3.59 22.88
N SER A 151 39.05 -3.04 23.38
CA SER A 151 38.14 -2.20 22.56
C SER A 151 37.94 -0.85 23.23
N LEU A 152 38.40 0.20 22.57
CA LEU A 152 38.25 1.60 23.04
C LEU A 152 37.55 2.39 21.94
N VAL A 153 36.67 1.74 21.16
CA VAL A 153 36.00 2.35 19.97
C VAL A 153 35.06 3.46 20.43
N TYR A 154 34.92 4.52 19.63
CA TYR A 154 34.00 5.66 19.87
C TYR A 154 34.24 6.25 21.26
N ASN A 155 35.47 6.65 21.53
CA ASN A 155 35.83 7.40 22.76
C ASN A 155 36.38 8.76 22.34
N LEU A 156 36.92 9.53 23.28
CA LEU A 156 37.51 10.87 22.97
C LEU A 156 39.03 10.84 23.18
N LEU A 157 39.67 9.69 22.98
CA LEU A 157 41.14 9.55 23.22
C LEU A 157 41.87 10.46 22.24
N ASP A 158 42.76 11.32 22.74
CA ASP A 158 43.38 12.40 21.93
C ASP A 158 44.91 12.26 21.88
N GLY A 159 45.44 11.10 22.29
CA GLY A 159 46.88 10.83 22.29
C GLY A 159 47.33 10.19 20.98
N THR A 160 48.62 9.88 20.87
CA THR A 160 49.19 9.14 19.71
C THR A 160 48.86 7.65 19.88
N ILE A 161 48.78 6.89 18.79
CA ILE A 161 48.62 5.41 18.87
C ILE A 161 49.90 4.84 19.47
N PRO A 162 49.80 4.11 20.61
CA PRO A 162 50.97 3.65 21.36
C PRO A 162 51.63 2.37 20.85
N PRO A 163 52.96 2.37 20.62
CA PRO A 163 53.69 1.17 20.20
C PRO A 163 53.67 0.04 21.23
N PHE A 164 53.54 0.37 22.53
CA PHE A 164 53.56 -0.62 23.64
C PHE A 164 52.36 -1.57 23.53
N LEU A 165 51.28 -1.18 22.84
CA LEU A 165 50.11 -2.07 22.62
C LEU A 165 50.54 -3.28 21.78
N GLY A 166 51.62 -3.15 21.01
CA GLY A 166 52.22 -4.26 20.24
C GLY A 166 52.85 -5.31 21.14
N ASN A 167 53.05 -5.00 22.42
CA ASN A 167 53.76 -5.87 23.39
C ASN A 167 52.76 -6.84 24.06
N ILE A 168 51.46 -6.74 23.77
CA ILE A 168 50.45 -7.68 24.32
C ILE A 168 50.42 -8.93 23.44
N SER A 169 51.23 -9.94 23.75
CA SER A 169 51.43 -11.15 22.91
C SER A 169 50.13 -11.96 22.81
N THR A 170 49.26 -11.90 23.82
CA THR A 170 47.99 -12.68 23.86
C THR A 170 46.89 -12.03 23.04
N LEU A 171 47.10 -10.82 22.51
CA LEU A 171 46.01 -10.00 21.92
C LEU A 171 45.50 -10.67 20.64
N LYS A 172 44.18 -10.80 20.53
CA LYS A 172 43.51 -11.32 19.32
C LYS A 172 42.80 -10.18 18.59
N MET A 173 42.33 -9.17 19.33
CA MET A 173 41.57 -8.04 18.71
C MET A 173 42.06 -6.70 19.26
N LEU A 174 42.47 -5.81 18.36
CA LEU A 174 42.82 -4.41 18.70
C LEU A 174 41.80 -3.50 18.02
N ASN A 175 40.91 -2.91 18.81
CA ASN A 175 39.78 -2.08 18.32
C ASN A 175 39.90 -0.67 18.89
N LEU A 176 40.52 0.25 18.15
CA LEU A 176 40.77 1.65 18.59
C LEU A 176 40.01 2.63 17.68
N SER A 177 39.09 2.14 16.86
CA SER A 177 38.40 2.92 15.81
C SER A 177 37.58 4.08 16.39
N TYR A 178 37.36 5.12 15.58
CA TYR A 178 36.50 6.30 15.88
C TYR A 178 36.99 6.98 17.16
N ASN A 179 38.25 7.43 17.14
CA ASN A 179 38.86 8.20 18.25
C ASN A 179 39.58 9.41 17.67
N PRO A 180 39.50 10.59 18.31
CA PRO A 180 40.18 11.78 17.82
C PRO A 180 41.67 11.78 18.18
N PHE A 181 42.40 10.75 17.76
CA PHE A 181 43.83 10.53 18.14
C PHE A 181 44.69 11.65 17.53
N SER A 182 45.71 12.08 18.24
CA SER A 182 46.75 12.98 17.67
C SER A 182 47.32 12.26 16.46
N PRO A 183 47.42 12.91 15.28
CA PRO A 183 47.86 12.20 14.07
C PRO A 183 49.15 11.41 14.31
N SER A 184 49.12 10.09 14.12
CA SER A 184 50.24 9.19 14.45
C SER A 184 50.36 8.05 13.45
N ARG A 185 51.55 7.48 13.33
CA ARG A 185 51.81 6.38 12.37
C ARG A 185 51.35 5.08 13.01
N ILE A 186 51.14 4.04 12.20
CA ILE A 186 50.91 2.66 12.71
C ILE A 186 52.26 2.16 13.23
N PRO A 187 52.40 1.86 14.54
CA PRO A 187 53.66 1.35 15.07
C PRO A 187 54.07 0.04 14.38
N PRO A 188 55.34 -0.08 13.94
CA PRO A 188 55.83 -1.33 13.35
C PRO A 188 55.76 -2.49 14.35
N GLU A 189 55.76 -2.17 15.64
CA GLU A 189 55.70 -3.15 16.76
C GLU A 189 54.35 -3.88 16.75
N PHE A 190 53.34 -3.36 16.05
CA PHE A 190 52.01 -4.01 15.91
C PHE A 190 52.20 -5.34 15.14
N GLY A 191 53.27 -5.44 14.35
CA GLY A 191 53.63 -6.69 13.64
C GLY A 191 54.07 -7.78 14.59
N ASN A 192 54.39 -7.44 15.83
CA ASN A 192 54.77 -8.40 16.90
C ASN A 192 53.53 -9.02 17.55
N LEU A 193 52.33 -8.56 17.21
CA LEU A 193 51.05 -9.13 17.72
C LEU A 193 50.72 -10.38 16.91
N THR A 194 51.41 -11.49 17.15
CA THR A 194 51.41 -12.67 16.25
C THR A 194 50.06 -13.42 16.30
N ASN A 195 49.27 -13.26 17.36
CA ASN A 195 47.95 -13.93 17.50
C ASN A 195 46.81 -12.99 17.10
N LEU A 196 47.12 -11.78 16.60
CA LEU A 196 46.07 -10.79 16.28
C LEU A 196 45.20 -11.32 15.14
N GLU A 197 43.88 -11.28 15.33
CA GLU A 197 42.88 -11.68 14.30
C GLU A 197 42.19 -10.44 13.74
N VAL A 198 42.03 -9.38 14.54
CA VAL A 198 41.36 -8.11 14.08
C VAL A 198 42.23 -6.91 14.43
N MET A 199 42.48 -6.04 13.44
CA MET A 199 43.11 -4.71 13.64
C MET A 199 42.14 -3.68 13.08
N TRP A 200 41.37 -3.06 13.96
CA TRP A 200 40.31 -2.09 13.58
C TRP A 200 40.77 -0.69 13.98
N LEU A 201 41.27 0.09 13.01
CA LEU A 201 41.83 1.43 13.26
C LEU A 201 41.19 2.44 12.32
N THR A 202 39.88 2.31 12.07
CA THR A 202 39.11 3.24 11.19
C THR A 202 39.00 4.60 11.89
N GLU A 203 39.24 5.68 11.16
CA GLU A 203 39.10 7.08 11.65
C GLU A 203 39.92 7.28 12.95
N CYS A 204 41.20 6.92 12.91
CA CYS A 204 42.15 7.08 14.05
C CYS A 204 43.21 8.13 13.70
N HIS A 205 42.97 8.93 12.66
CA HIS A 205 43.88 10.03 12.22
C HIS A 205 45.27 9.46 11.93
N LEU A 206 45.34 8.26 11.36
CA LEU A 206 46.62 7.58 11.06
C LEU A 206 47.33 8.34 9.93
N VAL A 207 48.63 8.53 10.07
CA VAL A 207 49.49 9.19 9.04
C VAL A 207 50.66 8.24 8.78
N GLY A 208 51.46 8.51 7.75
CA GLY A 208 52.66 7.71 7.45
C GLY A 208 52.32 6.50 6.60
N GLN A 209 53.24 5.55 6.50
CA GLN A 209 53.09 4.38 5.58
C GLN A 209 52.63 3.18 6.40
N ILE A 210 51.97 2.23 5.73
CA ILE A 210 51.61 0.93 6.35
C ILE A 210 52.91 0.17 6.55
N PRO A 211 53.26 -0.22 7.79
CA PRO A 211 54.51 -0.94 8.04
C PRO A 211 54.51 -2.33 7.39
N ASP A 212 55.68 -2.74 6.87
CA ASP A 212 55.88 -4.07 6.26
C ASP A 212 55.63 -5.15 7.32
N SER A 213 55.97 -4.85 8.58
CA SER A 213 55.79 -5.77 9.74
C SER A 213 54.38 -6.35 9.76
N LEU A 214 53.37 -5.59 9.33
CA LEU A 214 51.95 -6.04 9.37
C LEU A 214 51.78 -7.32 8.55
N GLY A 215 52.65 -7.54 7.56
CA GLY A 215 52.66 -8.76 6.72
C GLY A 215 52.90 -10.02 7.53
N GLN A 216 53.51 -9.90 8.71
CA GLN A 216 53.84 -11.07 9.57
C GLN A 216 52.61 -11.55 10.35
N LEU A 217 51.48 -10.82 10.28
CA LEU A 217 50.27 -11.17 11.07
C LEU A 217 49.51 -12.31 10.38
N SER A 218 50.01 -13.54 10.51
CA SER A 218 49.51 -14.74 9.79
C SER A 218 48.09 -15.11 10.22
N LYS A 219 47.64 -14.72 11.42
CA LYS A 219 46.31 -15.11 11.95
C LYS A 219 45.28 -14.00 11.73
N LEU A 220 45.68 -12.87 11.14
CA LEU A 220 44.78 -11.72 10.96
C LEU A 220 43.64 -12.10 10.01
N VAL A 221 42.39 -11.81 10.41
CA VAL A 221 41.16 -12.08 9.62
C VAL A 221 40.64 -10.75 9.04
N ASP A 222 40.69 -9.67 9.81
CA ASP A 222 40.21 -8.33 9.37
C ASP A 222 41.31 -7.29 9.54
N LEU A 223 41.69 -6.61 8.45
CA LEU A 223 42.60 -5.45 8.52
C LEU A 223 41.82 -4.21 8.07
N ASP A 224 41.51 -3.30 8.98
CA ASP A 224 40.72 -2.09 8.66
C ASP A 224 41.55 -0.85 9.03
N LEU A 225 42.08 -0.17 8.03
CA LEU A 225 42.89 1.05 8.20
C LEU A 225 42.21 2.20 7.45
N ALA A 226 40.89 2.08 7.25
CA ALA A 226 40.11 3.01 6.40
C ALA A 226 39.88 4.35 7.12
N LEU A 227 39.50 5.38 6.35
CA LEU A 227 39.17 6.73 6.86
C LEU A 227 40.35 7.29 7.66
N ASN A 228 41.55 7.25 7.08
CA ASN A 228 42.78 7.84 7.69
C ASN A 228 43.53 8.63 6.62
N ASP A 229 44.73 9.11 6.93
CA ASP A 229 45.56 9.90 5.98
C ASP A 229 46.84 9.14 5.68
N LEU A 230 46.77 7.81 5.58
CA LEU A 230 47.93 6.96 5.30
C LEU A 230 48.45 7.25 3.90
N VAL A 231 49.78 7.34 3.75
CA VAL A 231 50.46 7.67 2.45
C VAL A 231 51.33 6.47 2.07
N GLY A 232 51.90 6.49 0.87
CA GLY A 232 52.81 5.43 0.40
C GLY A 232 52.05 4.30 -0.28
N HIS A 233 52.72 3.18 -0.54
CA HIS A 233 52.18 2.06 -1.36
C HIS A 233 51.51 1.04 -0.45
N ILE A 234 50.60 0.23 -1.00
CA ILE A 234 50.10 -0.98 -0.30
C ILE A 234 51.26 -1.96 -0.24
N PRO A 235 51.80 -2.31 0.95
CA PRO A 235 53.02 -3.12 1.03
C PRO A 235 52.88 -4.49 0.36
N PRO A 236 53.86 -4.92 -0.44
CA PRO A 236 53.87 -6.27 -1.01
C PRO A 236 53.94 -7.35 0.08
N SER A 237 54.44 -7.00 1.27
CA SER A 237 54.53 -7.87 2.47
C SER A 237 53.14 -8.37 2.89
N LEU A 238 52.07 -7.68 2.49
CA LEU A 238 50.68 -8.01 2.87
C LEU A 238 50.27 -9.37 2.29
N GLY A 239 51.06 -9.90 1.34
CA GLY A 239 50.88 -11.26 0.80
C GLY A 239 51.10 -12.31 1.88
N GLY A 240 51.78 -11.94 2.97
CA GLY A 240 52.05 -12.81 4.13
C GLY A 240 50.82 -13.04 5.00
N LEU A 241 49.72 -12.31 4.79
CA LEU A 241 48.50 -12.40 5.64
C LEU A 241 47.72 -13.66 5.27
N THR A 242 48.17 -14.82 5.73
CA THR A 242 47.66 -16.14 5.30
C THR A 242 46.16 -16.25 5.54
N ASN A 243 45.65 -15.73 6.66
CA ASN A 243 44.25 -15.96 7.08
C ASN A 243 43.37 -14.74 6.80
N VAL A 244 43.89 -13.69 6.16
CA VAL A 244 43.10 -12.43 6.00
C VAL A 244 41.87 -12.70 5.12
N VAL A 245 40.70 -12.28 5.58
CA VAL A 245 39.42 -12.43 4.84
C VAL A 245 38.99 -11.04 4.34
N GLN A 246 39.17 -10.00 5.15
CA GLN A 246 38.71 -8.62 4.83
C GLN A 246 39.86 -7.63 4.97
N ILE A 247 40.09 -6.80 3.95
CA ILE A 247 41.09 -5.70 4.01
C ILE A 247 40.39 -4.41 3.60
N GLU A 248 40.36 -3.41 4.50
CA GLU A 248 39.74 -2.08 4.24
C GLU A 248 40.82 -1.01 4.30
N LEU A 249 41.14 -0.36 3.18
CA LEU A 249 42.14 0.75 3.11
C LEU A 249 41.49 1.96 2.44
N TYR A 250 40.16 2.05 2.43
CA TYR A 250 39.42 3.09 1.65
C TYR A 250 39.56 4.46 2.33
N ASN A 251 39.48 5.51 1.51
CA ASN A 251 39.60 6.94 1.89
C ASN A 251 40.91 7.19 2.65
N ASN A 252 42.05 6.83 2.06
CA ASN A 252 43.39 7.25 2.53
C ASN A 252 44.03 8.09 1.40
N SER A 253 45.33 8.35 1.49
CA SER A 253 46.11 9.04 0.45
C SER A 253 47.11 8.05 -0.16
N LEU A 254 46.74 6.78 -0.26
CA LEU A 254 47.66 5.71 -0.74
C LEU A 254 47.96 5.91 -2.22
N THR A 255 49.20 5.65 -2.63
CA THR A 255 49.70 5.77 -4.02
C THR A 255 50.32 4.44 -4.43
N GLY A 256 50.76 4.31 -5.68
CA GLY A 256 51.48 3.11 -6.14
C GLY A 256 50.52 2.07 -6.68
N GLU A 257 51.04 0.89 -7.04
CA GLU A 257 50.23 -0.14 -7.74
C GLU A 257 49.71 -1.14 -6.71
N ILE A 258 48.58 -1.75 -7.00
CA ILE A 258 48.02 -2.86 -6.17
C ILE A 258 48.96 -4.04 -6.32
N PRO A 259 49.56 -4.54 -5.22
CA PRO A 259 50.57 -5.59 -5.32
C PRO A 259 49.97 -6.91 -5.85
N PRO A 260 50.66 -7.59 -6.78
CA PRO A 260 50.22 -8.90 -7.27
C PRO A 260 50.30 -9.96 -6.16
N GLU A 261 51.08 -9.70 -5.11
CA GLU A 261 51.25 -10.61 -3.95
C GLU A 261 49.90 -10.80 -3.22
N LEU A 262 48.94 -9.89 -3.39
CA LEU A 262 47.60 -10.02 -2.77
C LEU A 262 46.91 -11.28 -3.30
N GLY A 263 47.30 -11.77 -4.49
CA GLY A 263 46.82 -13.04 -5.06
C GLY A 263 47.17 -14.23 -4.20
N ASN A 264 48.20 -14.11 -3.36
CA ASN A 264 48.65 -15.21 -2.45
C ASN A 264 47.66 -15.39 -1.29
N LEU A 265 46.75 -14.43 -1.08
CA LEU A 265 45.79 -14.48 0.05
C LEU A 265 44.59 -15.34 -0.37
N LYS A 266 44.64 -16.64 -0.06
CA LYS A 266 43.60 -17.62 -0.46
C LYS A 266 42.28 -17.31 0.24
N SER A 267 42.32 -16.81 1.48
CA SER A 267 41.09 -16.58 2.30
C SER A 267 40.50 -15.18 2.07
N LEU A 268 41.15 -14.33 1.28
CA LEU A 268 40.65 -12.95 1.02
C LEU A 268 39.29 -13.03 0.32
N ARG A 269 38.29 -12.32 0.85
CA ARG A 269 36.94 -12.25 0.24
C ARG A 269 36.53 -10.80 -0.02
N LEU A 270 36.89 -9.88 0.88
CA LEU A 270 36.48 -8.46 0.78
C LEU A 270 37.72 -7.57 0.71
N LEU A 271 37.87 -6.79 -0.35
CA LEU A 271 38.95 -5.78 -0.47
C LEU A 271 38.35 -4.45 -0.91
N ASP A 272 38.52 -3.40 -0.11
CA ASP A 272 38.09 -2.03 -0.48
C ASP A 272 39.29 -1.09 -0.31
N ALA A 273 39.92 -0.71 -1.43
CA ALA A 273 41.04 0.26 -1.46
C ALA A 273 40.58 1.49 -2.25
N SER A 274 39.28 1.78 -2.20
CA SER A 274 38.65 2.89 -2.97
C SER A 274 39.04 4.24 -2.37
N MET A 275 38.77 5.32 -3.12
CA MET A 275 39.04 6.72 -2.69
C MET A 275 40.51 6.87 -2.27
N ASN A 276 41.44 6.31 -3.06
CA ASN A 276 42.90 6.52 -2.87
C ASN A 276 43.46 7.16 -4.14
N GLN A 277 44.77 7.15 -4.34
CA GLN A 277 45.40 7.65 -5.59
C GLN A 277 46.21 6.51 -6.24
N LEU A 278 45.68 5.28 -6.21
CA LEU A 278 46.41 4.08 -6.73
C LEU A 278 46.53 4.17 -8.26
N THR A 279 47.70 3.80 -8.77
CA THR A 279 48.06 3.88 -10.21
C THR A 279 48.30 2.46 -10.73
N GLY A 280 48.44 2.31 -12.05
CA GLY A 280 48.77 1.02 -12.67
C GLY A 280 47.53 0.19 -12.92
N LYS A 281 47.70 -1.12 -13.15
CA LYS A 281 46.60 -2.03 -13.56
C LYS A 281 46.18 -2.89 -12.37
N ILE A 282 44.90 -3.28 -12.32
CA ILE A 282 44.40 -4.26 -11.33
C ILE A 282 45.07 -5.59 -11.66
N PRO A 283 45.81 -6.22 -10.71
CA PRO A 283 46.55 -7.45 -10.99
C PRO A 283 45.65 -8.66 -11.29
N ASP A 284 46.06 -9.51 -12.24
CA ASP A 284 45.33 -10.75 -12.63
C ASP A 284 45.27 -11.67 -11.41
N GLU A 285 46.36 -11.74 -10.66
CA GLU A 285 46.52 -12.71 -9.53
C GLU A 285 45.45 -12.43 -8.47
N LEU A 286 45.20 -11.16 -8.15
CA LEU A 286 44.13 -10.74 -7.21
C LEU A 286 42.78 -11.17 -7.77
N CYS A 287 42.53 -10.97 -9.06
CA CYS A 287 41.21 -11.27 -9.69
C CYS A 287 41.00 -12.79 -9.71
N ARG A 288 42.08 -13.59 -9.69
CA ARG A 288 41.99 -15.07 -9.62
C ARG A 288 41.42 -15.51 -8.26
N VAL A 289 41.68 -14.75 -7.19
CA VAL A 289 41.14 -15.03 -5.82
C VAL A 289 39.62 -15.00 -5.91
N PRO A 290 38.90 -15.96 -5.28
CA PRO A 290 37.44 -15.98 -5.31
C PRO A 290 36.92 -14.86 -4.40
N LEU A 291 36.79 -13.65 -4.92
CA LEU A 291 36.41 -12.48 -4.08
C LEU A 291 34.89 -12.39 -3.99
N GLU A 292 34.39 -11.86 -2.87
CA GLU A 292 32.93 -11.61 -2.69
C GLU A 292 32.64 -10.13 -2.90
N SER A 293 33.60 -9.25 -2.62
CA SER A 293 33.49 -7.79 -2.87
C SER A 293 34.84 -7.21 -3.29
N LEU A 294 34.89 -6.53 -4.44
CA LEU A 294 36.10 -5.79 -4.87
C LEU A 294 35.70 -4.35 -5.15
N ASN A 295 36.11 -3.42 -4.28
CA ASN A 295 35.87 -1.97 -4.48
C ASN A 295 37.22 -1.27 -4.66
N LEU A 296 37.49 -0.72 -5.83
CA LEU A 296 38.72 0.05 -6.13
C LEU A 296 38.35 1.37 -6.78
N TYR A 297 37.15 1.90 -6.46
CA TYR A 297 36.60 3.10 -7.13
C TYR A 297 37.36 4.38 -6.71
N GLU A 298 37.25 5.42 -7.53
CA GLU A 298 37.86 6.76 -7.29
C GLU A 298 39.36 6.60 -7.03
N ASN A 299 40.06 5.90 -7.93
CA ASN A 299 41.55 5.82 -7.96
C ASN A 299 42.01 6.33 -9.34
N ASN A 300 43.30 6.25 -9.64
CA ASN A 300 43.84 6.61 -10.98
C ASN A 300 44.25 5.34 -11.71
N LEU A 301 43.52 4.24 -11.49
CA LEU A 301 43.87 2.91 -12.06
C LEU A 301 43.62 2.92 -13.57
N GLU A 302 44.41 2.14 -14.32
CA GLU A 302 44.36 2.09 -15.80
C GLU A 302 44.42 0.64 -16.26
N GLY A 303 44.25 0.39 -17.55
CA GLY A 303 44.40 -0.94 -18.15
C GLY A 303 43.08 -1.70 -18.15
N GLU A 304 43.13 -3.00 -18.49
CA GLU A 304 41.92 -3.83 -18.67
C GLU A 304 41.57 -4.50 -17.34
N LEU A 305 40.29 -4.68 -17.06
CA LEU A 305 39.85 -5.52 -15.93
C LEU A 305 40.17 -6.97 -16.29
N PRO A 306 40.97 -7.69 -15.48
CA PRO A 306 41.27 -9.10 -15.75
C PRO A 306 39.99 -9.95 -15.76
N ALA A 307 39.88 -10.87 -16.71
CA ALA A 307 38.67 -11.70 -16.95
C ALA A 307 38.53 -12.74 -15.83
N SER A 308 39.60 -12.98 -15.07
CA SER A 308 39.64 -13.94 -13.95
C SER A 308 38.59 -13.61 -12.88
N ILE A 309 38.21 -12.34 -12.74
CA ILE A 309 37.23 -11.88 -11.71
C ILE A 309 35.89 -12.61 -11.92
N ALA A 310 35.55 -12.94 -13.18
CA ALA A 310 34.32 -13.67 -13.55
C ALA A 310 34.34 -15.09 -12.98
N LEU A 311 35.52 -15.64 -12.71
CA LEU A 311 35.68 -17.03 -12.21
C LEU A 311 35.14 -17.15 -10.78
N SER A 312 35.21 -16.10 -9.95
CA SER A 312 34.78 -16.19 -8.53
C SER A 312 33.31 -16.61 -8.45
N PRO A 313 33.00 -17.63 -7.61
CA PRO A 313 31.62 -18.03 -7.40
C PRO A 313 30.91 -17.22 -6.32
N ASN A 314 31.63 -16.34 -5.62
CA ASN A 314 31.05 -15.62 -4.45
C ASN A 314 31.02 -14.11 -4.69
N LEU A 315 31.29 -13.62 -5.90
CA LEU A 315 31.26 -12.15 -6.19
C LEU A 315 29.83 -11.62 -6.19
N TYR A 316 29.53 -10.67 -5.32
CA TYR A 316 28.22 -9.96 -5.28
C TYR A 316 28.41 -8.46 -5.45
N GLU A 317 29.63 -7.94 -5.28
CA GLU A 317 29.89 -6.48 -5.32
C GLU A 317 31.18 -6.20 -6.10
N ILE A 318 31.07 -5.45 -7.19
CA ILE A 318 32.25 -4.92 -7.93
C ILE A 318 31.99 -3.44 -8.20
N ARG A 319 32.72 -2.55 -7.53
CA ARG A 319 32.59 -1.08 -7.67
C ARG A 319 33.97 -0.51 -7.99
N ILE A 320 34.25 -0.26 -9.27
CA ILE A 320 35.58 0.20 -9.77
C ILE A 320 35.40 1.50 -10.56
N PHE A 321 34.36 2.27 -10.25
CA PHE A 321 34.02 3.53 -10.96
C PHE A 321 35.09 4.58 -10.69
N GLY A 322 35.18 5.61 -11.53
CA GLY A 322 36.10 6.74 -11.34
C GLY A 322 37.55 6.32 -11.53
N ASN A 323 37.83 5.54 -12.57
CA ASN A 323 39.21 5.15 -12.98
C ASN A 323 39.36 5.40 -14.48
N ARG A 324 40.50 5.02 -15.07
CA ARG A 324 40.73 5.14 -16.52
C ARG A 324 40.81 3.73 -17.13
N LEU A 325 40.02 2.80 -16.60
CA LEU A 325 40.05 1.38 -17.05
C LEU A 325 39.57 1.31 -18.51
N THR A 326 40.20 0.49 -19.33
CA THR A 326 39.96 0.39 -20.79
C THR A 326 39.55 -1.04 -21.15
N GLY A 327 39.16 -1.26 -22.41
CA GLY A 327 38.76 -2.58 -22.92
C GLY A 327 37.34 -2.95 -22.52
N GLY A 328 37.01 -4.23 -22.56
CA GLY A 328 35.63 -4.71 -22.31
C GLY A 328 35.50 -5.41 -20.98
N LEU A 329 34.27 -5.59 -20.52
CA LEU A 329 33.97 -6.32 -19.27
C LEU A 329 34.17 -7.81 -19.55
N PRO A 330 34.39 -8.65 -18.51
CA PRO A 330 34.47 -10.09 -18.69
C PRO A 330 33.18 -10.63 -19.30
N LYS A 331 33.30 -11.50 -20.31
CA LYS A 331 32.14 -12.09 -21.03
C LYS A 331 31.26 -12.88 -20.05
N ASP A 332 31.89 -13.60 -19.10
CA ASP A 332 31.17 -14.54 -18.20
C ASP A 332 30.83 -13.84 -16.88
N LEU A 333 30.98 -12.52 -16.78
CA LEU A 333 30.67 -11.80 -15.51
C LEU A 333 29.21 -12.03 -15.15
N GLY A 334 28.93 -12.54 -13.95
CA GLY A 334 27.57 -12.77 -13.43
C GLY A 334 27.08 -14.17 -13.73
N LEU A 335 27.78 -14.91 -14.59
CA LEU A 335 27.38 -16.29 -15.00
C LEU A 335 27.53 -17.24 -13.81
N ASN A 336 28.63 -17.12 -13.06
CA ASN A 336 28.98 -18.09 -11.98
C ASN A 336 28.88 -17.42 -10.60
N SER A 337 28.48 -16.15 -10.52
CA SER A 337 28.45 -15.40 -9.24
C SER A 337 27.08 -14.78 -9.00
N PRO A 338 26.63 -14.70 -7.73
CA PRO A 338 25.40 -13.99 -7.40
C PRO A 338 25.65 -12.47 -7.34
N LEU A 339 25.91 -11.87 -8.50
CA LEU A 339 26.24 -10.42 -8.62
C LEU A 339 25.02 -9.62 -8.17
N ARG A 340 25.22 -8.69 -7.23
CA ARG A 340 24.16 -7.83 -6.69
C ARG A 340 24.42 -6.38 -7.11
N TRP A 341 25.65 -5.91 -6.96
CA TRP A 341 25.99 -4.49 -7.23
C TRP A 341 27.17 -4.40 -8.20
N LEU A 342 26.92 -3.84 -9.39
CA LEU A 342 27.96 -3.59 -10.40
C LEU A 342 28.01 -2.09 -10.66
N ASP A 343 29.18 -1.48 -10.46
CA ASP A 343 29.38 -0.04 -10.78
C ASP A 343 30.73 0.10 -11.47
N VAL A 344 30.71 0.26 -12.79
CA VAL A 344 31.94 0.42 -13.63
C VAL A 344 31.89 1.81 -14.27
N SER A 345 31.13 2.74 -13.67
CA SER A 345 30.89 4.09 -14.23
C SER A 345 32.19 4.92 -14.28
N GLU A 346 32.19 6.01 -15.06
CA GLU A 346 33.34 6.94 -15.20
C GLU A 346 34.62 6.14 -15.48
N ASN A 347 34.60 5.32 -16.53
CA ASN A 347 35.77 4.55 -17.04
C ASN A 347 35.80 4.69 -18.55
N GLU A 348 36.76 4.06 -19.23
CA GLU A 348 36.88 4.08 -20.71
C GLU A 348 36.50 2.72 -21.28
N PHE A 349 35.63 1.97 -20.60
CA PHE A 349 35.23 0.61 -21.03
C PHE A 349 34.49 0.71 -22.37
N SER A 350 34.69 -0.29 -23.23
CA SER A 350 34.03 -0.38 -24.57
C SER A 350 33.48 -1.79 -24.76
N GLY A 351 32.76 -2.00 -25.86
CA GLY A 351 32.28 -3.33 -26.27
C GLY A 351 30.89 -3.61 -25.72
N ASP A 352 30.36 -4.80 -26.00
CA ASP A 352 28.98 -5.19 -25.61
C ASP A 352 28.93 -5.44 -24.11
N LEU A 353 27.79 -5.18 -23.49
CA LEU A 353 27.57 -5.60 -22.09
C LEU A 353 27.65 -7.12 -22.05
N PRO A 354 28.26 -7.72 -21.00
CA PRO A 354 28.27 -9.17 -20.86
C PRO A 354 26.82 -9.70 -20.82
N ALA A 355 26.57 -10.84 -21.46
CA ALA A 355 25.21 -11.38 -21.72
C ALA A 355 24.53 -11.86 -20.44
N ASP A 356 25.28 -12.38 -19.46
CA ASP A 356 24.67 -13.09 -18.31
C ASP A 356 25.05 -12.43 -16.98
N LEU A 357 24.89 -11.10 -16.88
CA LEU A 357 25.19 -10.33 -15.65
C LEU A 357 24.22 -10.75 -14.53
N CYS A 358 22.97 -11.08 -14.85
CA CYS A 358 21.90 -11.42 -13.88
C CYS A 358 21.56 -12.92 -13.96
N ALA A 359 22.52 -13.77 -14.31
CA ALA A 359 22.31 -15.22 -14.47
C ALA A 359 21.81 -15.81 -13.15
N LYS A 360 22.40 -15.39 -12.03
CA LYS A 360 22.05 -15.92 -10.67
C LYS A 360 20.78 -15.26 -10.13
N GLY A 361 20.26 -14.23 -10.80
CA GLY A 361 18.96 -13.61 -10.48
C GLY A 361 19.01 -12.72 -9.26
N GLU A 362 20.16 -12.11 -8.96
CA GLU A 362 20.31 -11.27 -7.75
C GLU A 362 20.82 -9.86 -8.09
N LEU A 363 20.92 -9.47 -9.36
CA LEU A 363 21.46 -8.13 -9.72
C LEU A 363 20.44 -7.07 -9.32
N GLU A 364 20.85 -6.12 -8.48
CA GLU A 364 19.99 -5.01 -7.99
C GLU A 364 20.40 -3.69 -8.64
N GLU A 365 21.71 -3.47 -8.82
CA GLU A 365 22.22 -2.18 -9.34
C GLU A 365 23.14 -2.42 -10.54
N LEU A 366 22.73 -1.92 -11.70
CA LEU A 366 23.55 -1.90 -12.93
C LEU A 366 23.91 -0.45 -13.23
N LEU A 367 25.15 -0.04 -12.94
CA LEU A 367 25.60 1.36 -13.07
C LEU A 367 26.84 1.37 -13.98
N ILE A 368 26.68 1.83 -15.23
CA ILE A 368 27.76 1.78 -16.26
C ILE A 368 27.92 3.13 -16.96
N ILE A 369 27.55 4.24 -16.30
CA ILE A 369 27.47 5.58 -16.96
C ILE A 369 28.87 6.11 -17.30
N HIS A 370 28.94 7.03 -18.26
CA HIS A 370 30.18 7.68 -18.75
C HIS A 370 31.21 6.63 -19.19
N ASN A 371 30.78 5.70 -20.04
CA ASN A 371 31.64 4.67 -20.69
C ASN A 371 31.36 4.70 -22.18
N SER A 372 32.07 3.89 -22.97
CA SER A 372 31.88 3.79 -24.44
C SER A 372 31.24 2.44 -24.77
N PHE A 373 30.43 1.88 -23.88
CA PHE A 373 29.73 0.60 -24.12
C PHE A 373 28.86 0.73 -25.37
N SER A 374 28.89 -0.28 -26.22
CA SER A 374 28.20 -0.29 -27.54
C SER A 374 27.28 -1.51 -27.61
N GLY A 375 26.41 -1.55 -28.61
CA GLY A 375 25.55 -2.71 -28.90
C GLY A 375 24.19 -2.57 -28.24
N VAL A 376 23.50 -3.68 -28.04
CA VAL A 376 22.09 -3.69 -27.53
C VAL A 376 22.10 -4.16 -26.07
N ILE A 377 21.05 -3.82 -25.33
CA ILE A 377 20.85 -4.35 -23.95
C ILE A 377 20.66 -5.86 -24.10
N PRO A 378 21.43 -6.72 -23.38
CA PRO A 378 21.21 -8.16 -23.40
C PRO A 378 19.75 -8.49 -23.08
N GLU A 379 19.16 -9.42 -23.84
CA GLU A 379 17.74 -9.82 -23.72
C GLU A 379 17.51 -10.50 -22.36
N SER A 380 18.57 -11.09 -21.80
CA SER A 380 18.53 -11.80 -20.48
C SER A 380 18.06 -10.85 -19.39
N LEU A 381 18.49 -9.58 -19.43
CA LEU A 381 18.18 -8.56 -18.39
C LEU A 381 16.67 -8.29 -18.34
N ALA A 382 15.92 -8.61 -19.40
CA ALA A 382 14.46 -8.47 -19.43
C ALA A 382 13.82 -9.37 -18.38
N ASP A 383 14.50 -10.45 -17.96
CA ASP A 383 14.00 -11.38 -16.93
C ASP A 383 14.64 -11.07 -15.56
N CYS A 384 15.51 -10.07 -15.45
CA CYS A 384 16.20 -9.73 -14.17
C CYS A 384 15.26 -8.91 -13.27
N ARG A 385 14.28 -9.56 -12.64
CA ARG A 385 13.24 -8.89 -11.80
C ARG A 385 13.88 -8.33 -10.52
N SER A 386 15.11 -8.75 -10.18
CA SER A 386 15.86 -8.29 -8.98
C SER A 386 16.28 -6.81 -9.10
N LEU A 387 16.44 -6.27 -10.31
CA LEU A 387 17.03 -4.92 -10.53
C LEU A 387 16.18 -3.82 -9.86
N THR A 388 16.84 -2.85 -9.22
CA THR A 388 16.20 -1.69 -8.56
C THR A 388 16.73 -0.38 -9.16
N ARG A 389 18.00 -0.32 -9.55
CA ARG A 389 18.61 0.91 -10.11
C ARG A 389 19.35 0.57 -11.41
N ILE A 390 18.92 1.15 -12.53
CA ILE A 390 19.56 0.93 -13.87
C ILE A 390 20.05 2.28 -14.39
N ARG A 391 21.35 2.40 -14.63
CA ARG A 391 21.97 3.63 -15.15
C ARG A 391 22.92 3.25 -16.30
N LEU A 392 22.40 3.26 -17.53
CA LEU A 392 23.14 2.94 -18.77
C LEU A 392 23.47 4.23 -19.53
N ALA A 393 23.35 5.38 -18.88
CA ALA A 393 23.47 6.70 -19.55
C ALA A 393 24.92 7.01 -19.98
N TYR A 394 25.06 7.89 -20.97
CA TYR A 394 26.36 8.40 -21.51
C TYR A 394 27.20 7.21 -22.02
N ASN A 395 26.62 6.43 -22.92
CA ASN A 395 27.27 5.29 -23.61
C ASN A 395 26.95 5.35 -25.11
N ARG A 396 27.41 4.36 -25.88
CA ARG A 396 27.19 4.31 -27.35
C ARG A 396 26.22 3.17 -27.70
N PHE A 397 25.26 2.88 -26.82
CA PHE A 397 24.28 1.78 -27.03
C PHE A 397 23.34 2.12 -28.19
N SER A 398 22.75 1.09 -28.79
CA SER A 398 21.78 1.22 -29.90
C SER A 398 20.73 0.12 -29.79
N GLY A 399 19.77 0.12 -30.71
CA GLY A 399 18.76 -0.95 -30.85
C GLY A 399 17.59 -0.76 -29.93
N SER A 400 16.54 -1.55 -30.11
CA SER A 400 15.32 -1.54 -29.27
C SER A 400 15.67 -2.07 -27.88
N VAL A 401 15.13 -1.45 -26.84
CA VAL A 401 15.21 -1.97 -25.44
C VAL A 401 14.43 -3.28 -25.41
N PRO A 402 14.93 -4.35 -24.76
CA PRO A 402 14.14 -5.57 -24.61
C PRO A 402 12.78 -5.22 -24.01
N THR A 403 11.71 -5.86 -24.47
CA THR A 403 10.31 -5.59 -24.03
C THR A 403 10.21 -5.66 -22.51
N GLY A 404 10.72 -6.74 -21.92
CA GLY A 404 10.63 -6.99 -20.46
C GLY A 404 11.33 -5.93 -19.62
N PHE A 405 12.46 -5.41 -20.09
CA PHE A 405 13.29 -4.40 -19.38
C PHE A 405 12.41 -3.22 -18.93
N TRP A 406 11.43 -2.84 -19.73
CA TRP A 406 10.49 -1.73 -19.44
C TRP A 406 9.63 -2.07 -18.22
N GLY A 407 9.26 -3.33 -18.04
CA GLY A 407 8.26 -3.75 -17.04
C GLY A 407 8.86 -4.43 -15.82
N LEU A 408 10.17 -4.30 -15.58
CA LEU A 408 10.81 -4.90 -14.39
C LEU A 408 10.17 -4.30 -13.14
N PRO A 409 9.66 -5.15 -12.22
CA PRO A 409 8.80 -4.70 -11.11
C PRO A 409 9.41 -3.86 -9.98
N HIS A 410 10.67 -4.08 -9.61
CA HIS A 410 11.30 -3.40 -8.44
C HIS A 410 12.22 -2.26 -8.87
N VAL A 411 12.23 -1.87 -10.14
CA VAL A 411 13.12 -0.80 -10.67
C VAL A 411 12.55 0.56 -10.25
N ASN A 412 13.36 1.35 -9.53
CA ASN A 412 12.97 2.68 -9.02
C ASN A 412 13.45 3.75 -10.02
N LEU A 413 14.66 3.57 -10.55
CA LEU A 413 15.23 4.52 -11.55
C LEU A 413 15.67 3.75 -12.79
N LEU A 414 15.16 4.15 -13.95
CA LEU A 414 15.64 3.67 -15.26
C LEU A 414 16.19 4.86 -16.03
N GLU A 415 17.49 4.86 -16.32
CA GLU A 415 18.17 6.00 -16.99
C GLU A 415 18.94 5.51 -18.22
N LEU A 416 18.48 5.87 -19.42
CA LEU A 416 19.08 5.45 -20.71
C LEU A 416 19.58 6.67 -21.48
N VAL A 417 19.84 7.78 -20.80
CA VAL A 417 20.11 9.11 -21.41
C VAL A 417 21.41 9.07 -22.23
N ASN A 418 21.48 9.86 -23.30
CA ASN A 418 22.69 10.08 -24.15
C ASN A 418 23.18 8.75 -24.75
N ASN A 419 22.26 7.97 -25.34
CA ASN A 419 22.59 6.76 -26.12
C ASN A 419 21.93 6.92 -27.50
N SER A 420 21.96 5.87 -28.34
CA SER A 420 21.28 5.87 -29.66
C SER A 420 20.14 4.86 -29.66
N PHE A 421 19.51 4.61 -28.50
CA PHE A 421 18.42 3.60 -28.38
C PHE A 421 17.31 3.95 -29.36
N SER A 422 16.84 2.96 -30.11
CA SER A 422 15.72 3.11 -31.07
C SER A 422 14.50 2.37 -30.53
N GLY A 423 13.43 2.32 -31.32
CA GLY A 423 12.22 1.55 -30.98
C GLY A 423 11.25 2.37 -30.17
N GLU A 424 10.28 1.70 -29.56
CA GLU A 424 9.18 2.35 -28.82
C GLU A 424 9.23 1.87 -27.37
N ILE A 425 8.62 2.64 -26.47
CA ILE A 425 8.37 2.15 -25.09
C ILE A 425 7.26 1.10 -25.21
N SER A 426 7.48 -0.11 -24.72
CA SER A 426 6.50 -1.22 -24.79
C SER A 426 5.35 -0.96 -23.82
N LYS A 427 4.20 -1.60 -24.04
CA LYS A 427 3.03 -1.58 -23.11
C LYS A 427 3.42 -2.29 -21.81
N SER A 428 4.55 -3.01 -21.81
CA SER A 428 5.09 -3.71 -20.62
C SER A 428 5.47 -2.72 -19.51
N ILE A 429 5.61 -1.43 -19.84
CA ILE A 429 5.99 -0.35 -18.86
C ILE A 429 4.97 -0.32 -17.72
N GLY A 430 3.73 -0.75 -17.96
CA GLY A 430 2.66 -0.83 -16.96
C GLY A 430 3.05 -1.69 -15.77
N GLY A 431 3.95 -2.66 -15.97
CA GLY A 431 4.41 -3.60 -14.94
C GLY A 431 5.41 -2.98 -13.97
N ALA A 432 5.98 -1.82 -14.29
CA ALA A 432 7.03 -1.16 -13.46
C ALA A 432 6.39 -0.49 -12.24
N SER A 433 5.99 -1.30 -11.25
CA SER A 433 5.24 -0.85 -10.06
C SER A 433 6.07 0.14 -9.23
N ASN A 434 7.39 -0.03 -9.17
CA ASN A 434 8.26 0.79 -8.29
C ASN A 434 8.87 1.97 -9.06
N LEU A 435 8.60 2.12 -10.36
CA LEU A 435 9.29 3.15 -11.17
C LEU A 435 8.91 4.55 -10.67
N SER A 436 9.91 5.33 -10.27
CA SER A 436 9.74 6.72 -9.80
C SER A 436 10.36 7.69 -10.82
N LEU A 437 11.53 7.34 -11.35
CA LEU A 437 12.28 8.23 -12.26
C LEU A 437 12.51 7.53 -13.60
N LEU A 438 11.97 8.08 -14.69
CA LEU A 438 12.18 7.55 -16.06
C LEU A 438 12.90 8.64 -16.87
N ILE A 439 14.16 8.41 -17.23
CA ILE A 439 15.00 9.41 -17.97
C ILE A 439 15.48 8.76 -19.27
N LEU A 440 14.90 9.14 -20.41
CA LEU A 440 15.15 8.53 -21.74
C LEU A 440 15.69 9.59 -22.69
N SER A 441 16.13 10.74 -22.18
CA SER A 441 16.49 11.93 -22.99
C SER A 441 17.69 11.64 -23.90
N ASN A 442 17.74 12.33 -25.05
CA ASN A 442 18.85 12.30 -26.04
C ASN A 442 19.05 10.86 -26.56
N ASN A 443 17.97 10.25 -27.05
CA ASN A 443 18.02 8.93 -27.73
C ASN A 443 17.33 9.05 -29.10
N GLU A 444 17.09 7.94 -29.79
CA GLU A 444 16.38 7.91 -31.10
C GLU A 444 15.03 7.20 -30.92
N PHE A 445 14.42 7.28 -29.74
CA PHE A 445 13.14 6.58 -29.45
C PHE A 445 12.05 7.15 -30.36
N THR A 446 11.16 6.29 -30.85
CA THR A 446 10.05 6.67 -31.77
C THR A 446 8.74 6.16 -31.19
N GLY A 447 7.63 6.66 -31.74
CA GLY A 447 6.29 6.11 -31.46
C GLY A 447 5.52 6.92 -30.44
N SER A 448 4.26 6.55 -30.23
CA SER A 448 3.37 7.18 -29.23
C SER A 448 3.75 6.67 -27.84
N LEU A 449 3.58 7.50 -26.82
CA LEU A 449 3.73 7.06 -25.41
C LEU A 449 2.60 6.07 -25.11
N PRO A 450 2.91 4.88 -24.56
CA PRO A 450 1.88 3.90 -24.27
C PRO A 450 0.93 4.36 -23.15
N GLU A 451 -0.35 3.97 -23.24
CA GLU A 451 -1.39 4.32 -22.25
C GLU A 451 -1.02 3.73 -20.89
N GLU A 452 -0.22 2.66 -20.89
CA GLU A 452 0.20 1.94 -19.66
C GLU A 452 1.18 2.80 -18.84
N ILE A 453 1.78 3.83 -19.43
CA ILE A 453 2.67 4.76 -18.67
C ILE A 453 1.82 5.47 -17.60
N GLY A 454 0.54 5.72 -17.87
CA GLY A 454 -0.41 6.31 -16.90
C GLY A 454 -0.78 5.34 -15.79
N SER A 455 -0.58 4.04 -16.00
CA SER A 455 -0.79 2.99 -14.98
C SER A 455 0.24 3.13 -13.86
N LEU A 456 1.37 3.82 -14.12
CA LEU A 456 2.46 4.03 -13.14
C LEU A 456 2.09 5.17 -12.19
N ASP A 457 1.28 4.86 -11.17
CA ASP A 457 0.69 5.86 -10.23
C ASP A 457 1.78 6.63 -9.47
N ASN A 458 2.89 5.99 -9.14
CA ASN A 458 3.95 6.60 -8.30
C ASN A 458 5.05 7.23 -9.15
N LEU A 459 4.87 7.36 -10.47
CA LEU A 459 5.94 7.95 -11.32
C LEU A 459 6.10 9.42 -10.93
N ASN A 460 7.33 9.82 -10.62
CA ASN A 460 7.64 11.18 -10.11
C ASN A 460 8.29 12.01 -11.23
N GLN A 461 9.14 11.40 -12.06
CA GLN A 461 9.84 12.15 -13.14
C GLN A 461 9.69 11.42 -14.48
N LEU A 462 9.19 12.13 -15.51
CA LEU A 462 9.23 11.62 -16.90
C LEU A 462 10.03 12.62 -17.73
N SER A 463 11.24 12.24 -18.13
CA SER A 463 12.10 13.08 -18.99
C SER A 463 12.46 12.31 -20.27
N ALA A 464 11.89 12.71 -21.41
CA ALA A 464 12.03 12.01 -22.71
C ALA A 464 12.46 13.01 -23.79
N SER A 465 13.28 14.01 -23.43
CA SER A 465 13.70 15.08 -24.35
C SER A 465 14.60 14.50 -25.46
N GLY A 466 14.79 15.24 -26.55
CA GLY A 466 15.73 14.90 -27.63
C GLY A 466 15.44 13.53 -28.26
N ASN A 467 14.17 13.21 -28.47
CA ASN A 467 13.76 11.91 -29.07
C ASN A 467 12.87 12.19 -30.28
N LYS A 468 12.39 11.15 -30.95
CA LYS A 468 11.47 11.26 -32.11
C LYS A 468 10.11 10.73 -31.71
N PHE A 469 9.73 10.87 -30.44
CA PHE A 469 8.40 10.45 -29.94
C PHE A 469 7.33 11.28 -30.67
N SER A 470 6.17 10.69 -30.92
CA SER A 470 5.10 11.34 -31.71
C SER A 470 3.74 11.02 -31.12
N GLY A 471 2.69 11.65 -31.65
CA GLY A 471 1.29 11.32 -31.35
C GLY A 471 0.73 12.18 -30.25
N SER A 472 -0.57 12.06 -29.99
CA SER A 472 -1.25 12.78 -28.88
C SER A 472 -0.80 12.13 -27.57
N LEU A 473 -0.66 12.92 -26.51
CA LEU A 473 -0.34 12.39 -25.16
C LEU A 473 -1.45 11.44 -24.76
N PRO A 474 -1.14 10.26 -24.18
CA PRO A 474 -2.17 9.35 -23.70
C PRO A 474 -2.99 10.05 -22.60
N ASP A 475 -4.30 9.81 -22.57
CA ASP A 475 -5.21 10.40 -21.56
C ASP A 475 -4.78 9.98 -20.16
N SER A 476 -4.19 8.79 -20.02
CA SER A 476 -3.71 8.22 -18.74
C SER A 476 -2.61 9.10 -18.13
N LEU A 477 -1.78 9.75 -18.97
CA LEU A 477 -0.62 10.54 -18.49
C LEU A 477 -1.11 11.62 -17.53
N MET A 478 -2.28 12.21 -17.81
CA MET A 478 -2.89 13.27 -16.97
C MET A 478 -3.36 12.69 -15.63
N SER A 479 -3.44 11.37 -15.48
CA SER A 479 -3.88 10.71 -14.22
C SER A 479 -2.72 10.57 -13.23
N LEU A 480 -1.49 10.93 -13.63
CA LEU A 480 -0.28 10.79 -12.77
C LEU A 480 -0.22 11.97 -11.79
N GLY A 481 -0.68 11.77 -10.56
CA GLY A 481 -0.77 12.83 -9.54
C GLY A 481 0.49 12.94 -8.69
N GLU A 482 1.47 12.05 -8.89
CA GLU A 482 2.75 12.10 -8.15
C GLU A 482 3.83 12.65 -9.07
N LEU A 483 3.49 13.09 -10.28
CA LEU A 483 4.48 13.54 -11.28
C LEU A 483 4.95 14.94 -10.91
N GLY A 484 6.25 15.11 -10.69
CA GLY A 484 6.86 16.42 -10.37
C GLY A 484 7.51 17.05 -11.58
N THR A 485 8.06 16.24 -12.47
CA THR A 485 8.77 16.74 -13.67
C THR A 485 8.26 16.02 -14.91
N LEU A 486 7.74 16.77 -15.88
CA LEU A 486 7.39 16.25 -17.23
C LEU A 486 8.16 17.07 -18.26
N ASP A 487 9.18 16.49 -18.86
CA ASP A 487 10.02 17.17 -19.89
C ASP A 487 9.96 16.33 -21.18
N LEU A 488 9.28 16.84 -22.19
CA LEU A 488 9.10 16.14 -23.50
C LEU A 488 9.63 17.03 -24.62
N HIS A 489 10.55 17.95 -24.30
CA HIS A 489 11.05 18.94 -25.29
C HIS A 489 11.88 18.21 -26.37
N GLY A 490 11.98 18.78 -27.56
CA GLY A 490 12.69 18.18 -28.71
C GLY A 490 12.08 16.87 -29.16
N ASN A 491 10.76 16.84 -29.38
CA ASN A 491 10.04 15.65 -29.89
C ASN A 491 9.05 16.06 -30.99
N GLN A 492 8.22 15.14 -31.48
CA GLN A 492 7.23 15.40 -32.55
C GLN A 492 5.84 15.14 -31.97
N PHE A 493 5.65 15.39 -30.69
CA PHE A 493 4.34 15.20 -30.01
C PHE A 493 3.33 16.15 -30.66
N SER A 494 2.09 15.69 -30.82
CA SER A 494 1.03 16.47 -31.50
C SER A 494 -0.24 16.41 -30.67
N GLY A 495 -1.28 17.13 -31.09
CA GLY A 495 -2.61 17.08 -30.45
C GLY A 495 -2.76 18.18 -29.43
N GLU A 496 -3.77 18.08 -28.57
CA GLU A 496 -4.13 19.17 -27.64
C GLU A 496 -3.94 18.71 -26.19
N LEU A 497 -3.61 19.65 -25.31
CA LEU A 497 -3.67 19.43 -23.84
C LEU A 497 -5.15 19.49 -23.44
N THR A 498 -5.52 18.84 -22.35
CA THR A 498 -6.92 18.70 -21.91
C THR A 498 -7.10 19.29 -20.51
N SER A 499 -8.35 19.36 -20.06
CA SER A 499 -8.76 19.78 -18.69
C SER A 499 -8.16 18.84 -17.65
N GLY A 500 -7.80 17.61 -18.05
CA GLY A 500 -7.22 16.59 -17.16
C GLY A 500 -5.87 16.99 -16.59
N ILE A 501 -5.22 18.02 -17.14
CA ILE A 501 -3.91 18.51 -16.62
C ILE A 501 -4.07 19.00 -15.19
N LYS A 502 -5.31 19.29 -14.76
CA LYS A 502 -5.63 19.74 -13.38
C LYS A 502 -5.21 18.68 -12.37
N SER A 503 -5.22 17.40 -12.76
CA SER A 503 -4.83 16.27 -11.87
C SER A 503 -3.32 16.27 -11.64
N TRP A 504 -2.53 17.05 -12.39
CA TRP A 504 -1.06 17.19 -12.16
C TRP A 504 -0.81 18.14 -11.01
N LYS A 505 -1.37 17.84 -9.83
CA LYS A 505 -1.35 18.76 -8.67
C LYS A 505 0.09 18.88 -8.12
N LYS A 506 0.93 17.86 -8.26
CA LYS A 506 2.32 17.91 -7.71
C LYS A 506 3.34 18.25 -8.81
N LEU A 507 2.92 18.76 -9.96
CA LEU A 507 3.84 19.03 -11.10
C LEU A 507 4.58 20.35 -10.89
N ASN A 508 5.91 20.30 -10.82
CA ASN A 508 6.77 21.50 -10.61
C ASN A 508 7.24 22.04 -11.95
N GLU A 509 7.57 21.16 -12.90
CA GLU A 509 8.09 21.56 -14.22
C GLU A 509 7.29 20.89 -15.34
N LEU A 510 6.77 21.67 -16.28
CA LEU A 510 6.13 21.16 -17.52
C LEU A 510 6.90 21.73 -18.71
N ASN A 511 7.58 20.88 -19.47
CA ASN A 511 8.36 21.33 -20.65
C ASN A 511 7.90 20.55 -21.88
N LEU A 512 7.15 21.21 -22.75
CA LEU A 512 6.59 20.60 -23.99
C LEU A 512 7.16 21.34 -25.20
N ALA A 513 8.29 22.04 -25.02
CA ALA A 513 8.91 22.92 -26.04
C ALA A 513 9.39 22.09 -27.25
N ASP A 514 9.49 22.74 -28.41
CA ASP A 514 9.97 22.13 -29.69
C ASP A 514 9.17 20.85 -29.97
N ASN A 515 7.84 20.94 -29.97
CA ASN A 515 6.95 19.83 -30.38
C ASN A 515 6.00 20.35 -31.46
N GLU A 516 4.90 19.64 -31.72
CA GLU A 516 3.89 20.06 -32.73
C GLU A 516 2.51 20.12 -32.06
N PHE A 517 2.48 20.51 -30.78
CA PHE A 517 1.22 20.59 -29.98
C PHE A 517 0.32 21.69 -30.57
N THR A 518 -0.99 21.46 -30.58
CA THR A 518 -1.99 22.42 -31.11
C THR A 518 -3.07 22.64 -30.06
N GLY A 519 -4.02 23.54 -30.33
CA GLY A 519 -5.17 23.82 -29.44
C GLY A 519 -4.85 24.93 -28.45
N LYS A 520 -5.80 25.21 -27.56
CA LYS A 520 -5.67 26.28 -26.53
C LYS A 520 -4.89 25.73 -25.33
N ILE A 521 -4.24 26.61 -24.58
CA ILE A 521 -3.67 26.27 -23.25
C ILE A 521 -4.86 26.11 -22.31
N PRO A 522 -5.05 24.95 -21.66
CA PRO A 522 -6.22 24.71 -20.82
C PRO A 522 -6.27 25.70 -19.65
N ASP A 523 -7.47 26.14 -19.26
CA ASP A 523 -7.65 27.10 -18.14
C ASP A 523 -7.22 26.44 -16.82
N GLU A 524 -7.09 25.12 -16.81
CA GLU A 524 -6.74 24.33 -15.60
C GLU A 524 -5.24 24.46 -15.30
N ILE A 525 -4.46 25.14 -16.14
CA ILE A 525 -3.00 25.39 -15.92
C ILE A 525 -2.84 26.15 -14.60
N GLY A 526 -3.76 27.08 -14.28
CA GLY A 526 -3.74 27.84 -13.02
C GLY A 526 -3.95 26.97 -11.79
N SER A 527 -4.63 25.83 -11.94
CA SER A 527 -4.94 24.90 -10.81
C SER A 527 -3.67 24.23 -10.30
N LEU A 528 -2.57 24.27 -11.04
CA LEU A 528 -1.34 23.53 -10.66
C LEU A 528 -0.56 24.34 -9.62
N SER A 529 -0.75 24.02 -8.34
CA SER A 529 -0.24 24.78 -7.16
C SER A 529 1.29 24.87 -7.17
N VAL A 530 2.01 23.81 -7.53
CA VAL A 530 3.50 23.76 -7.36
C VAL A 530 4.21 24.01 -8.69
N LEU A 531 3.50 24.44 -9.74
CA LEU A 531 4.13 24.73 -11.05
C LEU A 531 4.90 26.05 -10.99
N ASN A 532 6.22 25.99 -11.16
CA ASN A 532 7.11 27.18 -11.13
C ASN A 532 7.89 27.29 -12.44
N TYR A 533 7.90 26.24 -13.27
CA TYR A 533 8.61 26.24 -14.57
C TYR A 533 7.66 25.74 -15.68
N LEU A 534 7.36 26.60 -16.66
CA LEU A 534 6.47 26.23 -17.80
C LEU A 534 7.13 26.65 -19.11
N ASP A 535 7.43 25.68 -19.97
CA ASP A 535 7.95 25.94 -21.34
C ASP A 535 7.04 25.26 -22.36
N LEU A 536 6.25 26.05 -23.09
CA LEU A 536 5.37 25.56 -24.17
C LEU A 536 5.83 26.20 -25.49
N SER A 537 7.08 26.63 -25.55
CA SER A 537 7.65 27.37 -26.71
C SER A 537 7.80 26.41 -27.89
N GLY A 538 7.92 26.94 -29.12
CA GLY A 538 8.14 26.15 -30.34
C GLY A 538 7.03 25.12 -30.55
N ASN A 539 5.77 25.53 -30.40
CA ASN A 539 4.60 24.67 -30.72
C ASN A 539 3.65 25.45 -31.62
N MET A 540 2.40 25.00 -31.72
CA MET A 540 1.35 25.71 -32.49
C MET A 540 0.16 25.97 -31.57
N PHE A 541 0.43 26.26 -30.29
CA PHE A 541 -0.64 26.56 -29.30
C PHE A 541 -1.37 27.82 -29.74
N SER A 542 -2.70 27.82 -29.65
CA SER A 542 -3.56 28.88 -30.23
C SER A 542 -4.52 29.41 -29.18
N GLY A 543 -5.12 30.57 -29.44
CA GLY A 543 -6.15 31.18 -28.57
C GLY A 543 -5.55 32.21 -27.63
N LYS A 544 -6.35 32.68 -26.68
CA LYS A 544 -5.92 33.69 -25.67
C LYS A 544 -5.20 32.97 -24.53
N ILE A 545 -4.11 33.56 -24.03
CA ILE A 545 -3.41 33.04 -22.83
C ILE A 545 -4.40 33.08 -21.67
N PRO A 546 -4.62 31.96 -20.96
CA PRO A 546 -5.65 31.90 -19.92
C PRO A 546 -5.34 32.88 -18.77
N VAL A 547 -6.38 33.47 -18.20
CA VAL A 547 -6.28 34.43 -17.06
C VAL A 547 -5.75 33.70 -15.83
N SER A 548 -6.04 32.41 -15.71
CA SER A 548 -5.64 31.55 -14.55
C SER A 548 -4.11 31.52 -14.41
N LEU A 549 -3.37 31.71 -15.50
CA LEU A 549 -1.89 31.65 -15.49
C LEU A 549 -1.32 32.67 -14.49
N GLN A 550 -1.99 33.81 -14.32
CA GLN A 550 -1.48 34.91 -13.46
C GLN A 550 -1.61 34.48 -11.99
N SER A 551 -2.50 33.55 -11.64
CA SER A 551 -2.60 32.97 -10.27
C SER A 551 -1.30 32.26 -9.89
N LEU A 552 -0.62 31.62 -10.85
CA LEU A 552 0.62 30.83 -10.61
C LEU A 552 1.78 31.76 -10.27
N LYS A 553 2.68 31.30 -9.40
CA LYS A 553 3.96 31.99 -9.11
C LYS A 553 5.03 31.24 -9.90
N LEU A 554 5.34 31.70 -11.11
CA LEU A 554 6.26 31.01 -12.04
C LEU A 554 7.61 31.72 -12.02
N ASN A 555 8.69 30.95 -11.90
CA ASN A 555 10.06 31.50 -11.98
C ASN A 555 10.53 31.42 -13.44
N GLN A 556 9.92 30.54 -14.24
CA GLN A 556 10.23 30.40 -15.69
C GLN A 556 8.93 30.33 -16.50
N LEU A 557 8.79 31.17 -17.52
CA LEU A 557 7.66 31.09 -18.49
C LEU A 557 8.18 31.30 -19.91
N ASN A 558 7.90 30.36 -20.81
CA ASN A 558 8.12 30.58 -22.27
C ASN A 558 6.91 30.09 -23.05
N LEU A 559 6.21 31.02 -23.71
CA LEU A 559 5.08 30.72 -24.62
C LEU A 559 5.46 31.21 -26.01
N SER A 560 6.75 31.41 -26.25
CA SER A 560 7.29 32.00 -27.51
C SER A 560 7.09 31.04 -28.69
N TYR A 561 7.01 31.60 -29.90
CA TYR A 561 6.90 30.85 -31.19
C TYR A 561 5.70 29.91 -31.12
N ASN A 562 4.50 30.48 -30.91
CA ASN A 562 3.21 29.75 -31.01
C ASN A 562 2.27 30.55 -31.90
N ARG A 563 0.97 30.25 -31.85
CA ARG A 563 -0.08 31.00 -32.59
C ARG A 563 -1.01 31.70 -31.60
N LEU A 564 -0.53 32.02 -30.40
CA LEU A 564 -1.37 32.63 -29.34
C LEU A 564 -1.83 34.01 -29.79
N SER A 565 -3.08 34.35 -29.50
CA SER A 565 -3.73 35.61 -29.94
C SER A 565 -4.34 36.32 -28.74
N GLY A 566 -4.71 37.58 -28.95
CA GLY A 566 -5.36 38.46 -27.95
C GLY A 566 -4.36 39.37 -27.29
N ASP A 567 -4.66 39.74 -26.05
CA ASP A 567 -3.89 40.70 -25.21
C ASP A 567 -3.18 39.95 -24.08
N LEU A 568 -1.97 40.43 -23.77
CA LEU A 568 -1.18 40.11 -22.56
C LEU A 568 -1.87 40.76 -21.37
N PRO A 569 -2.47 40.01 -20.43
CA PRO A 569 -3.06 40.60 -19.22
C PRO A 569 -2.08 41.55 -18.54
N PRO A 570 -2.57 42.60 -17.83
CA PRO A 570 -1.69 43.61 -17.23
C PRO A 570 -0.58 43.01 -16.34
N SER A 571 -0.90 41.92 -15.61
CA SER A 571 0.02 41.16 -14.74
C SER A 571 1.24 40.64 -15.53
N LEU A 572 1.02 40.15 -16.76
CA LEU A 572 2.05 39.52 -17.62
C LEU A 572 2.67 40.56 -18.56
N ALA A 573 2.15 41.78 -18.60
CA ALA A 573 2.64 42.90 -19.45
C ALA A 573 3.73 43.65 -18.68
N LYS A 574 4.97 43.15 -18.73
CA LYS A 574 6.14 43.72 -17.99
C LYS A 574 7.43 43.41 -18.74
N ASP A 575 8.57 43.90 -18.24
CA ASP A 575 9.90 43.82 -18.89
C ASP A 575 10.55 42.45 -18.60
N MET A 576 10.15 41.79 -17.51
CA MET A 576 10.68 40.45 -17.12
C MET A 576 10.10 39.37 -18.05
N TYR A 577 9.00 39.66 -18.74
CA TYR A 577 8.31 38.69 -19.64
C TYR A 577 8.55 39.05 -21.11
N LYS A 578 9.58 39.83 -21.40
CA LYS A 578 9.87 40.31 -22.78
C LYS A 578 10.17 39.12 -23.70
N ASN A 579 10.90 38.10 -23.22
CA ASN A 579 11.32 36.96 -24.06
C ASN A 579 10.34 35.79 -23.91
N SER A 580 9.27 35.96 -23.14
CA SER A 580 8.31 34.86 -22.85
C SER A 580 7.24 34.78 -23.95
N PHE A 581 6.94 35.87 -24.66
CA PHE A 581 5.80 35.90 -25.62
C PHE A 581 6.22 36.27 -27.05
N ILE A 582 7.53 36.23 -27.38
CA ILE A 582 8.06 36.54 -28.74
C ILE A 582 7.52 35.50 -29.74
N GLY A 583 7.35 35.88 -31.01
CA GLY A 583 7.00 34.93 -32.09
C GLY A 583 5.54 34.53 -32.07
N ASN A 584 4.67 35.28 -31.39
CA ASN A 584 3.20 35.10 -31.48
C ASN A 584 2.62 36.30 -32.22
N PRO A 585 2.30 36.18 -33.53
CA PRO A 585 1.89 37.34 -34.34
C PRO A 585 0.58 37.99 -33.90
N GLY A 586 -0.42 37.20 -33.49
CA GLY A 586 -1.73 37.69 -33.03
C GLY A 586 -1.64 38.35 -31.66
N LEU A 587 -0.51 38.21 -30.96
CA LEU A 587 -0.35 38.69 -29.57
C LEU A 587 0.25 40.09 -29.59
N CYS A 588 -0.31 41.01 -28.80
CA CYS A 588 0.21 42.39 -28.58
C CYS A 588 -0.03 42.83 -27.13
N GLY A 589 1.01 43.31 -26.46
CA GLY A 589 0.97 43.86 -25.09
C GLY A 589 1.82 45.11 -24.96
N ASP A 590 2.01 45.61 -23.74
CA ASP A 590 2.77 46.85 -23.43
C ASP A 590 4.24 46.49 -23.16
N ILE A 591 4.87 45.75 -24.07
CA ILE A 591 6.32 45.35 -24.03
C ILE A 591 7.02 46.02 -25.22
N LYS A 592 8.15 46.70 -24.96
CA LYS A 592 8.92 47.49 -25.98
C LYS A 592 9.68 46.53 -26.91
N GLY A 593 9.05 46.13 -28.02
CA GLY A 593 9.64 45.24 -29.03
C GLY A 593 8.64 44.22 -29.57
N LEU A 594 7.66 43.80 -28.76
CA LEU A 594 6.65 42.77 -29.12
C LEU A 594 5.83 43.26 -30.32
N CYS A 595 5.12 44.38 -30.17
CA CYS A 595 4.28 45.03 -31.22
C CYS A 595 4.63 46.51 -31.33
N ASN B 8 28.86 13.97 -2.52
CA ASN B 8 29.82 15.11 -2.56
C ASN B 8 29.40 16.14 -1.49
N LEU B 9 30.04 17.31 -1.49
CA LEU B 9 29.74 18.41 -0.53
C LEU B 9 28.28 18.86 -0.65
N GLU B 10 27.77 18.99 -1.88
CA GLU B 10 26.39 19.48 -2.14
C GLU B 10 25.39 18.46 -1.56
N GLY B 11 25.61 17.17 -1.82
CA GLY B 11 24.80 16.07 -1.26
C GLY B 11 24.83 16.08 0.27
N ASP B 12 26.00 16.28 0.87
CA ASP B 12 26.16 16.32 2.35
C ASP B 12 25.33 17.48 2.91
N ALA B 13 25.46 18.67 2.30
CA ALA B 13 24.71 19.88 2.71
C ALA B 13 23.20 19.60 2.66
N LEU B 14 22.71 19.00 1.58
CA LEU B 14 21.26 18.70 1.43
C LEU B 14 20.84 17.64 2.44
N HIS B 15 21.72 16.68 2.77
CA HIS B 15 21.41 15.62 3.77
C HIS B 15 21.29 16.27 5.14
N THR B 16 22.20 17.19 5.47
CA THR B 16 22.14 17.96 6.74
C THR B 16 20.77 18.63 6.85
N LEU B 17 20.26 19.20 5.76
CA LEU B 17 18.91 19.82 5.75
C LEU B 17 17.85 18.76 6.05
N ARG B 18 17.98 17.58 5.44
CA ARG B 18 17.00 16.48 5.61
C ARG B 18 16.89 16.11 7.09
N VAL B 19 18.01 15.98 7.80
CA VAL B 19 18.03 15.54 9.23
C VAL B 19 17.35 16.60 10.10
N THR B 20 17.47 17.90 9.80
CA THR B 20 16.84 18.99 10.62
C THR B 20 15.40 19.24 10.17
N LEU B 21 14.98 18.74 9.01
CA LEU B 21 13.57 18.87 8.57
C LEU B 21 12.79 17.67 9.12
N VAL B 22 11.50 17.87 9.38
CA VAL B 22 10.55 16.77 9.74
C VAL B 22 9.74 16.50 8.47
N ASP B 23 9.71 15.23 8.04
CA ASP B 23 9.23 14.82 6.70
C ASP B 23 8.17 13.74 6.85
N PRO B 24 6.93 14.09 7.26
CA PRO B 24 5.88 13.10 7.50
C PRO B 24 5.53 12.23 6.27
N ASN B 25 5.59 12.78 5.05
CA ASN B 25 5.22 12.06 3.81
C ASN B 25 6.45 11.45 3.13
N ASN B 26 7.63 11.51 3.75
CA ASN B 26 8.89 10.89 3.25
C ASN B 26 9.17 11.37 1.82
N VAL B 27 9.03 12.67 1.56
CA VAL B 27 9.35 13.29 0.24
C VAL B 27 10.87 13.23 0.02
N LEU B 28 11.68 13.12 1.07
CA LEU B 28 13.16 13.13 0.97
C LEU B 28 13.72 11.70 1.01
N GLN B 29 12.88 10.69 0.77
CA GLN B 29 13.25 9.26 0.81
C GLN B 29 14.41 8.96 -0.16
N SER B 30 14.41 9.59 -1.33
CA SER B 30 15.42 9.40 -2.40
C SER B 30 16.75 10.08 -2.03
N TRP B 31 16.81 10.87 -0.97
CA TRP B 31 18.02 11.67 -0.64
C TRP B 31 19.05 10.77 0.03
N ASP B 32 19.69 9.89 -0.75
CA ASP B 32 20.67 8.89 -0.24
C ASP B 32 22.05 9.53 -0.25
N PRO B 33 22.68 9.73 0.93
CA PRO B 33 23.97 10.40 1.01
C PRO B 33 25.12 9.58 0.43
N THR B 34 24.92 8.26 0.24
CA THR B 34 25.94 7.34 -0.29
C THR B 34 26.14 7.60 -1.79
N LEU B 35 25.18 8.26 -2.46
CA LEU B 35 25.29 8.59 -3.90
C LEU B 35 26.43 9.58 -4.14
N VAL B 36 27.07 9.49 -5.30
CA VAL B 36 28.25 10.32 -5.68
C VAL B 36 27.82 11.78 -5.69
N ASN B 37 26.61 12.06 -6.19
CA ASN B 37 26.02 13.43 -6.27
C ASN B 37 24.52 13.28 -6.03
N PRO B 38 23.81 14.37 -5.67
CA PRO B 38 22.36 14.31 -5.42
C PRO B 38 21.47 14.56 -6.64
N CYS B 39 22.03 14.49 -7.85
CA CYS B 39 21.33 14.87 -9.10
C CYS B 39 20.17 13.90 -9.40
N THR B 40 20.29 12.61 -9.04
CA THR B 40 19.22 11.60 -9.26
C THR B 40 18.21 11.65 -8.10
N TRP B 41 18.48 12.44 -7.05
CA TRP B 41 17.49 12.63 -5.95
C TRP B 41 16.26 13.32 -6.53
N PHE B 42 15.06 12.84 -6.19
CA PHE B 42 13.81 13.54 -6.58
C PHE B 42 13.76 14.86 -5.80
N HIS B 43 13.27 15.93 -6.42
CA HIS B 43 13.18 17.30 -5.87
C HIS B 43 14.54 18.01 -5.94
N VAL B 44 15.55 17.40 -6.58
CA VAL B 44 16.86 18.08 -6.84
C VAL B 44 17.12 18.06 -8.34
N THR B 45 17.32 19.24 -8.93
CA THR B 45 17.71 19.37 -10.35
C THR B 45 19.17 19.85 -10.38
N CYS B 46 19.99 19.22 -11.21
CA CYS B 46 21.42 19.56 -11.38
C CYS B 46 21.64 20.13 -12.78
N ASN B 47 22.76 20.83 -12.99
CA ASN B 47 23.19 21.33 -14.32
C ASN B 47 23.97 20.23 -15.05
N ASN B 48 24.44 20.50 -16.26
CA ASN B 48 25.21 19.53 -17.09
C ASN B 48 26.54 19.20 -16.40
N GLU B 49 27.02 20.06 -15.50
CA GLU B 49 28.28 19.81 -14.74
C GLU B 49 27.94 19.12 -13.40
N ASN B 50 26.70 18.65 -13.24
CA ASN B 50 26.22 17.87 -12.07
C ASN B 50 26.28 18.70 -10.79
N SER B 51 26.07 20.01 -10.86
CA SER B 51 25.96 20.90 -9.68
C SER B 51 24.50 21.29 -9.49
N VAL B 52 24.02 21.34 -8.24
CA VAL B 52 22.57 21.58 -7.96
C VAL B 52 22.22 23.01 -8.38
N ILE B 53 21.16 23.15 -9.17
CA ILE B 53 20.64 24.47 -9.64
C ILE B 53 19.22 24.67 -9.10
N ARG B 54 18.51 23.60 -8.74
CA ARG B 54 17.14 23.75 -8.18
C ARG B 54 16.88 22.76 -7.04
N VAL B 55 16.23 23.24 -5.98
CA VAL B 55 15.63 22.36 -4.93
C VAL B 55 14.13 22.66 -4.94
N ASP B 56 13.28 21.67 -5.20
CA ASP B 56 11.84 21.91 -5.38
C ASP B 56 11.07 21.13 -4.32
N LEU B 57 10.79 21.77 -3.18
CA LEU B 57 10.16 21.11 -2.00
C LEU B 57 8.91 21.88 -1.54
N GLY B 58 8.23 22.58 -2.46
CA GLY B 58 6.98 23.30 -2.18
C GLY B 58 5.82 22.36 -1.84
N ASN B 59 4.96 22.76 -0.91
CA ASN B 59 3.70 22.05 -0.55
C ASN B 59 3.98 20.57 -0.23
N ALA B 60 4.96 20.30 0.65
CA ALA B 60 5.41 18.92 0.96
C ALA B 60 5.10 18.54 2.41
N GLU B 61 4.39 19.41 3.16
CA GLU B 61 4.05 19.22 4.59
C GLU B 61 5.34 19.10 5.42
N LEU B 62 6.40 19.79 5.01
CA LEU B 62 7.69 19.79 5.73
C LEU B 62 7.58 20.71 6.94
N SER B 63 8.10 20.29 8.09
CA SER B 63 8.25 21.12 9.30
C SER B 63 9.71 21.06 9.73
N GLY B 64 10.05 21.73 10.83
CA GLY B 64 11.43 21.78 11.33
C GLY B 64 12.09 23.07 10.92
N HIS B 65 13.40 23.10 10.80
CA HIS B 65 14.15 24.36 10.50
C HIS B 65 15.13 24.14 9.35
N LEU B 66 15.56 25.25 8.75
CA LEU B 66 16.59 25.25 7.69
C LEU B 66 17.97 25.15 8.35
N VAL B 67 18.99 24.98 7.53
CA VAL B 67 20.40 24.84 8.00
C VAL B 67 21.25 25.87 7.27
N PRO B 68 22.33 26.38 7.90
CA PRO B 68 23.28 27.26 7.21
C PRO B 68 24.00 26.55 6.05
N GLU B 69 24.01 25.22 6.04
CA GLU B 69 24.76 24.40 5.06
C GLU B 69 24.23 24.60 3.64
N LEU B 70 23.01 25.12 3.48
CA LEU B 70 22.41 25.41 2.15
C LEU B 70 23.29 26.41 1.41
N GLY B 71 24.08 27.22 2.12
CA GLY B 71 24.99 28.23 1.53
C GLY B 71 26.06 27.63 0.64
N VAL B 72 26.42 26.35 0.84
CA VAL B 72 27.50 25.65 0.08
C VAL B 72 27.03 25.35 -1.35
N LEU B 73 25.72 25.45 -1.65
CA LEU B 73 25.18 25.21 -3.01
C LEU B 73 25.46 26.43 -3.89
N LYS B 74 26.70 26.59 -4.36
CA LYS B 74 27.19 27.81 -5.05
C LYS B 74 26.42 28.05 -6.37
N ASN B 75 25.98 27.00 -7.07
CA ASN B 75 25.32 27.15 -8.39
C ASN B 75 23.78 27.13 -8.26
N LEU B 76 23.24 27.08 -7.04
CA LEU B 76 21.76 26.97 -6.85
C LEU B 76 21.08 28.24 -7.38
N GLN B 77 20.04 28.08 -8.20
CA GLN B 77 19.31 29.21 -8.82
C GLN B 77 17.88 29.29 -8.27
N TYR B 78 17.28 28.16 -7.89
CA TYR B 78 15.87 28.15 -7.43
C TYR B 78 15.75 27.38 -6.12
N LEU B 79 15.44 28.07 -5.03
CA LEU B 79 15.13 27.43 -3.73
C LEU B 79 13.64 27.54 -3.49
N GLU B 80 12.91 26.42 -3.57
CA GLU B 80 11.44 26.41 -3.48
C GLU B 80 11.04 25.63 -2.23
N LEU B 81 10.82 26.33 -1.12
CA LEU B 81 10.49 25.70 0.18
C LEU B 81 9.12 26.20 0.66
N TYR B 82 8.31 26.73 -0.26
CA TYR B 82 7.02 27.41 0.07
C TYR B 82 5.95 26.39 0.45
N SER B 83 4.82 26.88 0.99
CA SER B 83 3.65 26.06 1.41
C SER B 83 4.09 24.89 2.29
N ASN B 84 4.77 25.18 3.40
CA ASN B 84 5.22 24.17 4.39
C ASN B 84 5.05 24.77 5.79
N ASN B 85 5.48 24.06 6.84
CA ASN B 85 5.40 24.58 8.23
C ASN B 85 6.81 24.76 8.78
N ILE B 86 7.77 25.15 7.95
CA ILE B 86 9.17 25.37 8.39
C ILE B 86 9.18 26.55 9.37
N THR B 87 9.82 26.39 10.53
CA THR B 87 9.90 27.42 11.59
C THR B 87 11.36 27.84 11.77
N GLY B 88 11.57 28.86 12.59
CA GLY B 88 12.91 29.34 12.96
C GLY B 88 13.40 30.43 12.00
N PRO B 89 14.66 30.85 12.15
CA PRO B 89 15.20 31.97 11.38
C PRO B 89 15.56 31.60 9.93
N ILE B 90 15.48 32.56 9.03
CA ILE B 90 16.05 32.44 7.67
C ILE B 90 17.57 32.51 7.83
N PRO B 91 18.33 31.47 7.42
CA PRO B 91 19.78 31.49 7.62
C PRO B 91 20.46 32.64 6.87
N SER B 92 21.41 33.31 7.53
CA SER B 92 22.24 34.38 6.92
C SER B 92 23.09 33.81 5.79
N ASN B 93 23.44 32.52 5.85
CA ASN B 93 24.36 31.90 4.87
C ASN B 93 23.66 31.77 3.51
N LEU B 94 22.33 31.94 3.44
CA LEU B 94 21.60 32.00 2.15
C LEU B 94 22.16 33.13 1.29
N GLY B 95 22.75 34.15 1.92
CA GLY B 95 23.42 35.26 1.20
C GLY B 95 24.65 34.78 0.43
N ASN B 96 25.16 33.60 0.76
CA ASN B 96 26.36 33.01 0.07
C ASN B 96 25.92 32.27 -1.19
N LEU B 97 24.62 32.18 -1.47
CA LEU B 97 24.09 31.59 -2.72
C LEU B 97 24.20 32.62 -3.87
N THR B 98 25.39 32.79 -4.43
CA THR B 98 25.72 33.90 -5.36
C THR B 98 24.86 33.84 -6.62
N ASN B 99 24.51 32.65 -7.12
CA ASN B 99 23.79 32.51 -8.42
C ASN B 99 22.27 32.38 -8.22
N LEU B 100 21.76 32.61 -7.00
CA LEU B 100 20.32 32.38 -6.71
C LEU B 100 19.46 33.37 -7.50
N VAL B 101 18.47 32.86 -8.23
CA VAL B 101 17.51 33.69 -9.02
C VAL B 101 16.19 33.78 -8.26
N SER B 102 15.76 32.71 -7.61
CA SER B 102 14.48 32.70 -6.85
C SER B 102 14.69 32.24 -5.41
N LEU B 103 14.22 33.03 -4.44
CA LEU B 103 14.14 32.61 -3.02
C LEU B 103 12.66 32.60 -2.62
N ASP B 104 12.04 31.43 -2.55
CA ASP B 104 10.59 31.31 -2.28
C ASP B 104 10.36 30.58 -0.95
N LEU B 105 10.29 31.34 0.15
CA LEU B 105 10.10 30.79 1.52
C LEU B 105 8.70 31.13 2.01
N TYR B 106 7.80 31.53 1.10
CA TYR B 106 6.45 32.04 1.47
C TYR B 106 5.58 30.89 1.98
N LEU B 107 4.49 31.24 2.69
CA LEU B 107 3.52 30.30 3.30
C LEU B 107 4.26 29.31 4.21
N ASN B 108 5.01 29.85 5.17
CA ASN B 108 5.72 29.07 6.23
C ASN B 108 5.52 29.79 7.55
N SER B 109 6.11 29.30 8.64
CA SER B 109 6.06 29.94 9.97
C SER B 109 7.44 30.49 10.34
N PHE B 110 8.21 30.97 9.35
CA PHE B 110 9.56 31.57 9.59
C PHE B 110 9.45 32.81 10.48
N SER B 111 10.24 32.83 11.56
CA SER B 111 10.32 33.98 12.49
C SER B 111 11.67 34.68 12.32
N GLY B 112 11.88 35.79 13.02
CA GLY B 112 13.18 36.49 13.06
C GLY B 112 13.31 37.52 11.95
N PRO B 113 14.50 38.13 11.80
CA PRO B 113 14.72 39.18 10.81
C PRO B 113 14.95 38.65 9.39
N ILE B 114 14.62 39.45 8.38
CA ILE B 114 15.09 39.23 6.99
C ILE B 114 16.59 39.52 7.01
N PRO B 115 17.47 38.54 6.73
CA PRO B 115 18.92 38.75 6.83
C PRO B 115 19.43 39.86 5.89
N GLU B 116 20.33 40.70 6.40
CA GLU B 116 21.00 41.76 5.61
C GLU B 116 21.85 41.10 4.51
N SER B 117 22.30 39.86 4.73
CA SER B 117 23.16 39.10 3.79
C SER B 117 22.46 38.90 2.44
N LEU B 118 21.12 38.86 2.42
CA LEU B 118 20.34 38.58 1.18
C LEU B 118 20.64 39.65 0.12
N GLY B 119 21.11 40.83 0.53
CA GLY B 119 21.53 41.90 -0.39
C GLY B 119 22.68 41.47 -1.28
N LYS B 120 23.47 40.49 -0.86
CA LYS B 120 24.65 40.00 -1.62
C LYS B 120 24.21 39.07 -2.75
N LEU B 121 22.91 38.77 -2.86
CA LEU B 121 22.34 37.95 -3.97
C LEU B 121 22.16 38.85 -5.19
N SER B 122 23.24 39.10 -5.94
CA SER B 122 23.30 40.04 -7.09
C SER B 122 22.34 39.64 -8.21
N LYS B 123 22.12 38.34 -8.45
CA LYS B 123 21.33 37.86 -9.62
C LYS B 123 19.89 37.55 -9.22
N LEU B 124 19.47 37.81 -7.98
CA LEU B 124 18.11 37.44 -7.50
C LEU B 124 17.06 38.23 -8.28
N ARG B 125 16.05 37.54 -8.82
CA ARG B 125 14.92 38.18 -9.53
C ARG B 125 13.63 38.02 -8.74
N PHE B 126 13.49 36.95 -7.96
CA PHE B 126 12.24 36.66 -7.23
C PHE B 126 12.53 36.49 -5.72
N LEU B 127 11.91 37.32 -4.89
CA LEU B 127 11.99 37.20 -3.42
C LEU B 127 10.57 37.17 -2.84
N ARG B 128 10.09 35.99 -2.45
CA ARG B 128 8.74 35.85 -1.85
C ARG B 128 8.88 35.28 -0.44
N LEU B 129 8.74 36.12 0.58
CA LEU B 129 8.83 35.74 2.01
C LEU B 129 7.45 35.96 2.66
N ASN B 130 6.41 36.09 1.85
CA ASN B 130 5.06 36.46 2.34
C ASN B 130 4.46 35.32 3.18
N ASN B 131 3.46 35.63 4.00
CA ASN B 131 2.72 34.64 4.84
C ASN B 131 3.70 33.91 5.77
N ASN B 132 4.55 34.68 6.46
CA ASN B 132 5.47 34.17 7.51
C ASN B 132 5.27 35.04 8.77
N SER B 133 6.01 34.77 9.84
CA SER B 133 5.98 35.58 11.08
C SER B 133 7.26 36.42 11.21
N LEU B 134 7.85 36.85 10.08
CA LEU B 134 9.13 37.59 10.09
C LEU B 134 8.94 38.95 10.78
N THR B 135 9.94 39.37 11.56
CA THR B 135 9.90 40.62 12.37
C THR B 135 11.09 41.51 12.01
N GLY B 136 11.02 42.79 12.39
CA GLY B 136 12.14 43.73 12.22
C GLY B 136 12.01 44.55 10.95
N SER B 137 13.09 45.19 10.52
CA SER B 137 13.07 46.14 9.38
C SER B 137 13.46 45.42 8.08
N ILE B 138 13.03 45.98 6.94
CA ILE B 138 13.42 45.48 5.59
C ILE B 138 14.81 46.02 5.30
N PRO B 139 15.84 45.19 5.05
CA PRO B 139 17.21 45.68 4.86
C PRO B 139 17.35 46.55 3.60
N MET B 140 18.15 47.61 3.73
CA MET B 140 18.49 48.54 2.63
C MET B 140 19.39 47.83 1.63
N SER B 141 20.03 46.72 2.03
CA SER B 141 20.88 45.90 1.14
C SER B 141 20.07 45.40 -0.06
N LEU B 142 18.79 45.10 0.17
CA LEU B 142 17.91 44.51 -0.87
C LEU B 142 17.77 45.45 -2.06
N THR B 143 17.88 46.76 -1.82
CA THR B 143 17.78 47.79 -2.89
C THR B 143 18.98 47.68 -3.84
N ASN B 144 20.11 47.13 -3.40
CA ASN B 144 21.32 46.99 -4.26
C ASN B 144 21.14 45.80 -5.22
N ILE B 145 20.06 45.01 -5.12
CA ILE B 145 19.82 43.87 -6.06
C ILE B 145 19.19 44.45 -7.32
N THR B 146 20.01 44.71 -8.34
CA THR B 146 19.60 45.36 -9.62
C THR B 146 18.61 44.46 -10.36
N THR B 147 18.73 43.15 -10.20
CA THR B 147 17.94 42.14 -10.94
C THR B 147 16.56 41.91 -10.31
N LEU B 148 16.27 42.47 -9.13
CA LEU B 148 15.03 42.08 -8.40
C LEU B 148 13.81 42.60 -9.17
N GLN B 149 12.93 41.70 -9.60
CA GLN B 149 11.73 42.07 -10.41
C GLN B 149 10.43 41.67 -9.69
N VAL B 150 10.48 40.72 -8.75
CA VAL B 150 9.30 40.32 -7.94
C VAL B 150 9.68 40.32 -6.46
N LEU B 151 8.92 41.05 -5.64
CA LEU B 151 9.11 41.08 -4.16
C LEU B 151 7.76 40.95 -3.47
N ASP B 152 7.60 40.00 -2.55
CA ASP B 152 6.39 39.94 -1.71
C ASP B 152 6.82 39.70 -0.26
N LEU B 153 6.66 40.73 0.60
CA LEU B 153 6.97 40.64 2.05
C LEU B 153 5.66 40.77 2.82
N SER B 154 4.52 40.53 2.17
CA SER B 154 3.18 40.75 2.75
C SER B 154 2.88 39.72 3.83
N ASN B 155 1.89 39.99 4.67
CA ASN B 155 1.39 39.05 5.72
C ASN B 155 2.56 38.60 6.59
N ASN B 156 3.34 39.58 7.07
CA ASN B 156 4.46 39.37 8.02
C ASN B 156 4.26 40.36 9.18
N ARG B 157 5.15 40.34 10.16
CA ARG B 157 5.07 41.26 11.33
C ARG B 157 6.22 42.27 11.26
N LEU B 158 6.64 42.67 10.05
CA LEU B 158 7.78 43.60 9.85
C LEU B 158 7.40 45.04 10.24
N SER B 159 8.39 45.86 10.52
CA SER B 159 8.21 47.26 10.99
C SER B 159 9.32 48.15 10.43
N GLY B 160 9.16 49.46 10.56
CA GLY B 160 10.17 50.45 10.14
C GLY B 160 9.90 50.99 8.75
N SER B 161 10.86 51.72 8.18
CA SER B 161 10.70 52.41 6.87
C SER B 161 10.83 51.40 5.74
N VAL B 162 9.96 51.50 4.72
CA VAL B 162 10.05 50.65 3.50
C VAL B 162 10.97 51.36 2.51
N PRO B 163 12.10 50.75 2.10
CA PRO B 163 13.02 51.40 1.16
C PRO B 163 12.30 51.68 -0.16
N ASP B 164 12.51 52.84 -0.77
CA ASP B 164 11.82 53.20 -2.05
C ASP B 164 12.85 53.53 -3.13
N ASN B 165 14.14 53.32 -2.89
CA ASN B 165 15.21 53.58 -3.89
C ASN B 165 15.67 52.27 -4.53
N GLY B 166 16.46 52.37 -5.60
CA GLY B 166 17.01 51.23 -6.36
C GLY B 166 15.91 50.33 -6.91
N SER B 167 16.06 49.03 -6.70
CA SER B 167 15.11 47.97 -7.16
C SER B 167 13.71 48.23 -6.60
N PHE B 168 13.63 48.83 -5.42
CA PHE B 168 12.36 49.03 -4.68
C PHE B 168 11.55 50.17 -5.29
N SER B 169 12.13 50.95 -6.21
CA SER B 169 11.47 52.12 -6.86
C SER B 169 10.15 51.70 -7.52
N LEU B 170 10.12 50.54 -8.19
CA LEU B 170 8.96 50.07 -8.99
C LEU B 170 7.95 49.31 -8.10
N PHE B 171 8.28 49.03 -6.84
CA PHE B 171 7.47 48.10 -6.01
C PHE B 171 6.25 48.84 -5.46
N THR B 172 5.08 48.19 -5.58
CA THR B 172 3.73 48.69 -5.22
C THR B 172 3.36 48.22 -3.82
N PRO B 173 2.30 48.77 -3.19
CA PRO B 173 1.88 48.39 -1.84
C PRO B 173 1.55 46.91 -1.58
N ILE B 174 0.98 46.20 -2.57
CA ILE B 174 0.61 44.75 -2.43
C ILE B 174 1.83 43.95 -1.94
N SER B 175 3.04 44.41 -2.27
CA SER B 175 4.32 43.77 -1.84
C SER B 175 4.50 43.88 -0.31
N PHE B 176 4.06 44.96 0.33
CA PHE B 176 4.36 45.23 1.77
C PHE B 176 3.09 45.20 2.64
N ALA B 177 1.96 44.72 2.12
CA ALA B 177 0.64 44.79 2.80
C ALA B 177 0.62 43.92 4.06
N ASN B 178 -0.23 44.29 5.02
CA ASN B 178 -0.56 43.55 6.28
C ASN B 178 0.73 43.25 7.06
N ASN B 179 1.55 44.27 7.30
CA ASN B 179 2.73 44.18 8.21
C ASN B 179 2.42 44.97 9.48
N LEU B 180 3.24 44.78 10.52
CA LEU B 180 2.96 45.27 11.90
C LEU B 180 2.97 46.80 11.94
N ASP B 181 4.06 47.43 11.50
CA ASP B 181 4.25 48.89 11.62
C ASP B 181 5.27 49.37 10.59
N LEU B 182 5.02 49.04 9.32
CA LEU B 182 5.83 49.56 8.20
C LEU B 182 5.39 51.00 7.93
N CYS B 183 6.35 51.89 7.71
CA CYS B 183 6.09 53.33 7.40
C CYS B 183 6.80 53.69 6.09
N GLY B 184 6.36 54.78 5.45
CA GLY B 184 7.00 55.33 4.25
C GLY B 184 5.98 55.59 3.13
N PRO B 185 6.42 56.08 1.95
CA PRO B 185 5.51 56.45 0.86
CA PRO B 185 5.51 56.45 0.86
C PRO B 185 4.61 55.34 0.30
N VAL B 186 5.14 54.13 0.14
CA VAL B 186 4.33 52.98 -0.38
C VAL B 186 3.20 52.67 0.62
N THR B 187 3.43 52.87 1.92
CA THR B 187 2.46 52.60 3.02
C THR B 187 1.55 53.82 3.23
N SER B 188 0.51 53.66 4.06
CA SER B 188 -0.42 54.73 4.48
C SER B 188 0.32 55.73 5.37
N HIS B 189 0.71 55.31 6.58
CA HIS B 189 1.40 56.15 7.61
C HIS B 189 2.79 56.54 7.13
N PRO B 190 3.14 57.86 7.08
CA PRO B 190 4.51 58.29 6.84
C PRO B 190 5.39 58.06 8.08
N CYS B 191 6.70 58.24 7.93
CA CYS B 191 7.73 57.88 8.95
C CYS B 191 8.02 59.05 9.89
N PRO B 192 8.29 58.80 11.19
CA PRO B 192 8.65 59.88 12.13
C PRO B 192 9.93 60.62 11.71
N TYR C 1 22.93 5.64 23.67
CA TYR C 1 23.49 4.62 22.75
C TYR C 1 23.88 5.28 21.41
N VAL C 2 25.18 5.42 21.17
CA VAL C 2 25.73 5.79 19.83
C VAL C 2 25.89 4.51 19.01
N PRO C 3 25.20 4.37 17.84
CA PRO C 3 25.42 3.23 16.95
C PRO C 3 26.82 3.29 16.31
N ILE C 4 27.46 2.13 16.15
CA ILE C 4 28.89 1.99 15.76
C ILE C 4 28.98 1.48 14.32
N PRO C 5 29.61 2.25 13.40
CA PRO C 5 29.80 1.80 12.03
C PRO C 5 30.60 0.50 12.06
N PRO C 6 30.09 -0.60 11.49
CA PRO C 6 30.83 -1.86 11.44
C PRO C 6 32.12 -1.73 10.60
N SER C 7 33.07 -2.65 10.78
CA SER C 7 34.22 -2.84 9.87
C SER C 7 33.72 -3.55 8.62
N ALA C 8 33.56 -2.83 7.51
CA ALA C 8 32.97 -3.34 6.26
C ALA C 8 33.38 -2.46 5.07
N HYP C 9 33.18 -2.93 3.81
CA HYP C 9 33.40 -2.08 2.64
C HYP C 9 32.61 -0.77 2.66
O HYP C 9 31.51 -0.72 3.23
CB HYP C 9 32.93 -2.98 1.50
CG HYP C 9 33.24 -4.38 2.01
CD HYP C 9 32.79 -4.31 3.46
OD1 HYP C 9 34.64 -4.60 1.95
N SER C 10 33.19 0.27 2.05
CA SER C 10 32.52 1.55 1.81
C SER C 10 31.31 1.34 0.88
N LYS C 11 30.42 2.33 0.78
CA LYS C 11 29.06 2.16 0.21
C LYS C 11 28.78 3.20 -0.88
N ARG C 12 29.78 3.92 -1.39
CA ARG C 12 29.56 4.97 -2.41
C ARG C 12 29.23 4.33 -3.77
N HIS C 13 28.24 4.87 -4.48
CA HIS C 13 27.76 4.35 -5.79
C HIS C 13 27.11 5.45 -6.62
N ASN C 14 26.91 5.21 -7.92
CA ASN C 14 26.21 6.13 -8.85
C ASN C 14 24.71 5.85 -8.82
N GLY D 1 -9.84 -44.87 52.07
CA GLY D 1 -8.80 -43.80 52.06
C GLY D 1 -9.40 -42.43 52.35
N SER D 2 -9.20 -41.92 53.57
CA SER D 2 -9.60 -40.56 54.03
C SER D 2 -8.80 -39.50 53.27
N SER D 3 -7.55 -39.81 52.91
CA SER D 3 -6.67 -38.97 52.05
C SER D 3 -7.29 -38.78 50.65
N MET D 4 -8.19 -39.68 50.24
CA MET D 4 -8.88 -39.66 48.92
C MET D 4 -10.28 -39.03 49.03
N ASP D 5 -10.62 -38.43 50.18
CA ASP D 5 -11.83 -37.60 50.35
C ASP D 5 -11.61 -36.24 49.67
N ASN D 6 -12.69 -35.58 49.25
CA ASN D 6 -12.62 -34.29 48.52
C ASN D 6 -13.82 -33.41 48.90
N GLN D 7 -13.73 -32.12 48.59
CA GLN D 7 -14.83 -31.14 48.80
C GLN D 7 -15.26 -30.60 47.44
N ASP D 8 -15.29 -31.47 46.42
CA ASP D 8 -15.53 -31.04 45.02
C ASP D 8 -16.90 -30.38 44.90
N GLY D 9 -17.93 -30.91 45.56
CA GLY D 9 -19.30 -30.34 45.57
C GLY D 9 -19.29 -28.94 46.13
N PHE D 10 -18.59 -28.73 47.24
CA PHE D 10 -18.44 -27.40 47.88
C PHE D 10 -17.78 -26.44 46.89
N ILE D 11 -16.71 -26.88 46.22
CA ILE D 11 -15.94 -26.03 45.25
C ILE D 11 -16.87 -25.63 44.12
N LEU D 12 -17.66 -26.58 43.61
CA LEU D 12 -18.59 -26.31 42.47
C LEU D 12 -19.69 -25.34 42.91
N GLN D 13 -20.15 -25.42 44.16
CA GLN D 13 -21.16 -24.47 44.69
C GLN D 13 -20.57 -23.05 44.73
N GLN D 14 -19.29 -22.93 45.06
CA GLN D 14 -18.58 -21.61 45.06
C GLN D 14 -18.54 -21.07 43.64
N VAL D 15 -18.30 -21.92 42.64
CA VAL D 15 -18.30 -21.53 41.20
C VAL D 15 -19.71 -21.01 40.84
N LYS D 16 -20.75 -21.74 41.25
CA LYS D 16 -22.17 -21.37 40.98
C LYS D 16 -22.47 -20.01 41.59
N LEU D 17 -22.04 -19.79 42.84
CA LEU D 17 -22.25 -18.52 43.58
C LEU D 17 -21.52 -17.37 42.86
N SER D 18 -20.36 -17.63 42.27
CA SER D 18 -19.50 -16.61 41.63
C SER D 18 -20.09 -16.11 40.31
N LEU D 19 -21.04 -16.86 39.71
CA LEU D 19 -21.53 -16.58 38.33
C LEU D 19 -23.04 -16.32 38.33
N ASP D 20 -23.50 -15.41 37.48
CA ASP D 20 -24.95 -15.15 37.26
C ASP D 20 -25.51 -16.24 36.35
N ASP D 21 -26.61 -16.86 36.75
CA ASP D 21 -27.27 -17.95 35.99
C ASP D 21 -28.74 -17.61 35.80
N PRO D 22 -29.10 -16.67 34.89
CA PRO D 22 -30.48 -16.25 34.69
C PRO D 22 -31.40 -17.39 34.23
N ASP D 23 -30.90 -18.32 33.42
CA ASP D 23 -31.72 -19.39 32.80
C ASP D 23 -31.70 -20.66 33.68
N SER D 24 -31.05 -20.60 34.86
CA SER D 24 -31.03 -21.69 35.88
C SER D 24 -30.47 -22.98 35.31
N TYR D 25 -29.40 -22.91 34.53
N TYR D 25 -29.39 -22.90 34.52
CA TYR D 25 -28.74 -24.12 33.97
CA TYR D 25 -28.65 -24.05 33.94
C TYR D 25 -28.14 -24.95 35.12
C TYR D 25 -28.02 -24.90 35.05
N LEU D 26 -27.72 -24.29 36.21
CA LEU D 26 -27.06 -24.99 37.35
C LEU D 26 -28.06 -25.39 38.43
N SER D 27 -29.35 -25.53 38.11
CA SER D 27 -30.41 -25.90 39.10
C SER D 27 -30.09 -27.27 39.72
N SER D 28 -29.56 -28.21 38.93
CA SER D 28 -29.26 -29.61 39.38
C SER D 28 -28.12 -29.60 40.39
N TRP D 29 -27.42 -28.47 40.56
CA TRP D 29 -26.33 -28.37 41.56
C TRP D 29 -26.96 -28.11 42.93
N ASN D 30 -27.08 -29.16 43.74
CA ASN D 30 -27.78 -29.12 45.05
C ASN D 30 -26.77 -29.48 46.15
N SER D 31 -26.49 -28.54 47.05
CA SER D 31 -25.49 -28.67 48.15
C SER D 31 -25.84 -29.86 49.06
N ASN D 32 -27.08 -30.37 49.00
CA ASN D 32 -27.55 -31.52 49.81
C ASN D 32 -27.01 -32.84 49.23
N ASP D 33 -26.60 -32.87 47.96
CA ASP D 33 -26.05 -34.09 47.29
C ASP D 33 -24.64 -34.35 47.84
N ALA D 34 -24.34 -35.62 48.16
CA ALA D 34 -23.04 -36.07 48.70
C ALA D 34 -21.94 -35.83 47.65
N SER D 35 -22.23 -36.12 46.39
CA SER D 35 -21.24 -36.01 45.28
C SER D 35 -21.84 -35.16 44.15
N PRO D 36 -21.00 -34.38 43.42
CA PRO D 36 -21.46 -33.63 42.26
C PRO D 36 -21.42 -34.42 40.95
N CYS D 37 -21.15 -35.72 41.01
CA CYS D 37 -20.77 -36.54 39.82
C CYS D 37 -21.94 -36.73 38.85
N ARG D 38 -23.19 -36.59 39.30
CA ARG D 38 -24.38 -36.69 38.40
C ARG D 38 -24.96 -35.30 38.12
N TRP D 39 -24.31 -34.22 38.55
CA TRP D 39 -24.77 -32.83 38.25
C TRP D 39 -24.57 -32.54 36.76
N SER D 40 -25.37 -31.65 36.19
CA SER D 40 -25.30 -31.28 34.75
C SER D 40 -23.95 -30.62 34.44
N GLY D 41 -23.27 -31.11 33.40
CA GLY D 41 -21.98 -30.58 32.93
C GLY D 41 -20.84 -31.12 33.76
N VAL D 42 -21.14 -31.94 34.78
CA VAL D 42 -20.09 -32.48 35.70
C VAL D 42 -19.91 -33.97 35.44
N SER D 43 -18.66 -34.38 35.24
CA SER D 43 -18.27 -35.79 35.01
C SER D 43 -17.18 -36.19 35.99
N CYS D 44 -17.37 -37.31 36.68
CA CYS D 44 -16.33 -37.92 37.54
C CYS D 44 -15.87 -39.22 36.88
N ALA D 45 -14.83 -39.15 36.04
CA ALA D 45 -14.29 -40.35 35.37
C ALA D 45 -13.49 -41.20 36.36
N GLY D 46 -13.88 -42.46 36.55
CA GLY D 46 -13.22 -43.40 37.47
C GLY D 46 -13.67 -43.21 38.91
N ASP D 47 -12.76 -43.48 39.86
CA ASP D 47 -13.08 -43.72 41.30
C ASP D 47 -12.84 -42.46 42.13
N PHE D 48 -13.29 -42.50 43.38
CA PHE D 48 -13.06 -41.50 44.45
C PHE D 48 -14.19 -40.45 44.41
N SER D 49 -15.00 -40.43 43.34
CA SER D 49 -16.02 -39.38 43.09
C SER D 49 -15.35 -38.01 42.94
N SER D 50 -14.20 -37.98 42.24
CA SER D 50 -13.42 -36.75 41.97
C SER D 50 -13.80 -36.21 40.58
N VAL D 51 -14.10 -34.90 40.50
CA VAL D 51 -14.49 -34.24 39.23
C VAL D 51 -13.28 -34.23 38.30
N THR D 52 -13.46 -34.72 37.08
CA THR D 52 -12.42 -34.78 36.03
C THR D 52 -12.77 -33.82 34.90
N SER D 53 -14.07 -33.60 34.68
CA SER D 53 -14.55 -32.74 33.56
C SER D 53 -15.71 -31.84 34.02
N VAL D 54 -15.65 -30.56 33.65
CA VAL D 54 -16.78 -29.61 33.81
C VAL D 54 -17.05 -28.98 32.45
N ASP D 55 -18.23 -29.21 31.87
CA ASP D 55 -18.65 -28.61 30.59
C ASP D 55 -19.91 -27.78 30.81
N LEU D 56 -19.77 -26.45 30.80
CA LEU D 56 -20.89 -25.50 31.03
C LEU D 56 -21.19 -24.73 29.74
N SER D 57 -21.04 -25.40 28.60
CA SER D 57 -21.18 -24.82 27.25
C SER D 57 -22.61 -24.28 27.04
N SER D 58 -22.73 -23.08 26.47
CA SER D 58 -24.02 -22.46 26.09
C SER D 58 -24.98 -22.39 27.28
N ALA D 59 -24.52 -21.90 28.44
CA ALA D 59 -25.34 -21.88 29.69
C ALA D 59 -25.75 -20.45 30.05
N ASN D 60 -25.41 -19.45 29.25
CA ASN D 60 -25.73 -18.02 29.52
C ASN D 60 -25.25 -17.65 30.93
N LEU D 61 -24.04 -18.07 31.29
CA LEU D 61 -23.42 -17.76 32.60
C LEU D 61 -22.58 -16.49 32.45
N ALA D 62 -22.72 -15.54 33.37
CA ALA D 62 -21.99 -14.25 33.31
C ALA D 62 -21.17 -14.07 34.60
N GLY D 63 -19.93 -13.60 34.45
CA GLY D 63 -19.05 -13.33 35.59
C GLY D 63 -17.61 -13.61 35.21
N PRO D 64 -16.65 -13.33 36.12
CA PRO D 64 -15.24 -13.52 35.82
C PRO D 64 -14.94 -15.02 35.85
N PHE D 65 -13.75 -15.42 35.38
CA PHE D 65 -13.32 -16.83 35.44
C PHE D 65 -13.28 -17.26 36.90
N PRO D 66 -13.89 -18.42 37.27
CA PRO D 66 -13.93 -18.85 38.66
C PRO D 66 -12.64 -19.58 39.11
N SER D 67 -11.68 -18.86 39.67
CA SER D 67 -10.36 -19.39 40.08
C SER D 67 -10.49 -20.49 41.14
N VAL D 68 -11.58 -20.50 41.91
CA VAL D 68 -11.85 -21.53 42.95
C VAL D 68 -11.91 -22.91 42.28
N ILE D 69 -12.30 -23.01 41.00
CA ILE D 69 -12.49 -24.30 40.28
C ILE D 69 -11.16 -25.07 40.25
N CYS D 70 -10.02 -24.37 40.31
CA CYS D 70 -8.67 -24.98 40.27
C CYS D 70 -8.46 -25.86 41.51
N ARG D 71 -9.24 -25.66 42.57
CA ARG D 71 -9.19 -26.51 43.79
C ARG D 71 -9.76 -27.91 43.50
N LEU D 72 -10.42 -28.12 42.36
CA LEU D 72 -10.75 -29.49 41.89
C LEU D 72 -9.45 -30.13 41.43
N SER D 73 -8.90 -31.04 42.24
CA SER D 73 -7.54 -31.61 42.08
C SER D 73 -7.43 -32.40 40.78
N ASN D 74 -8.50 -33.09 40.36
CA ASN D 74 -8.43 -34.02 39.21
C ASN D 74 -9.10 -33.44 37.97
N LEU D 75 -9.42 -32.14 37.96
CA LEU D 75 -10.03 -31.48 36.77
C LEU D 75 -9.03 -31.51 35.61
N ALA D 76 -9.38 -32.24 34.55
CA ALA D 76 -8.54 -32.39 33.35
C ALA D 76 -9.19 -31.67 32.17
N HIS D 77 -10.52 -31.50 32.19
CA HIS D 77 -11.27 -30.90 31.06
C HIS D 77 -12.20 -29.80 31.56
N LEU D 78 -12.04 -28.58 31.07
CA LEU D 78 -12.95 -27.46 31.40
C LEU D 78 -13.41 -26.78 30.11
N SER D 79 -14.72 -26.71 29.89
CA SER D 79 -15.32 -25.91 28.79
C SER D 79 -16.30 -24.89 29.37
N LEU D 80 -16.05 -23.60 29.11
CA LEU D 80 -16.97 -22.49 29.41
C LEU D 80 -17.40 -21.86 28.09
N TYR D 81 -17.40 -22.65 27.01
CA TYR D 81 -17.67 -22.22 25.61
C TYR D 81 -19.05 -21.57 25.52
N ASN D 82 -19.15 -20.47 24.76
CA ASN D 82 -20.41 -19.78 24.43
C ASN D 82 -21.13 -19.36 25.73
N ASN D 83 -20.45 -18.56 26.54
CA ASN D 83 -21.01 -17.97 27.79
C ASN D 83 -20.67 -16.49 27.79
N SER D 84 -20.95 -15.78 28.88
CA SER D 84 -20.63 -14.34 29.04
C SER D 84 -19.55 -14.16 30.10
N ILE D 85 -18.56 -15.06 30.16
CA ILE D 85 -17.41 -14.91 31.09
C ILE D 85 -16.67 -13.63 30.70
N ASN D 86 -16.42 -12.73 31.66
CA ASN D 86 -15.88 -11.39 31.35
C ASN D 86 -14.61 -11.12 32.16
N SER D 87 -14.11 -9.88 32.09
CA SER D 87 -12.92 -9.37 32.80
C SER D 87 -11.66 -10.06 32.26
N THR D 88 -10.56 -9.97 32.99
CA THR D 88 -9.24 -10.51 32.57
C THR D 88 -9.15 -11.97 33.00
N LEU D 89 -8.49 -12.79 32.20
CA LEU D 89 -8.17 -14.18 32.59
C LEU D 89 -7.09 -14.11 33.67
N PRO D 90 -7.37 -14.63 34.88
CA PRO D 90 -6.46 -14.50 36.02
C PRO D 90 -5.17 -15.34 35.90
N LEU D 91 -4.06 -14.83 36.45
CA LEU D 91 -2.74 -15.50 36.41
C LEU D 91 -2.79 -16.78 37.24
N ASN D 92 -3.71 -16.84 38.21
CA ASN D 92 -3.82 -17.98 39.16
C ASN D 92 -4.61 -19.12 38.49
N ILE D 93 -4.91 -19.03 37.19
CA ILE D 93 -5.48 -20.14 36.38
C ILE D 93 -4.47 -21.31 36.36
N ALA D 94 -3.18 -21.02 36.51
CA ALA D 94 -2.10 -22.03 36.52
C ALA D 94 -2.29 -23.00 37.69
N ALA D 95 -3.02 -22.60 38.74
CA ALA D 95 -3.37 -23.49 39.87
C ALA D 95 -4.12 -24.72 39.35
N CYS D 96 -4.80 -24.61 38.20
CA CYS D 96 -5.43 -25.76 37.50
C CYS D 96 -4.32 -26.54 36.80
N LYS D 97 -3.53 -27.30 37.55
CA LYS D 97 -2.27 -27.92 37.07
C LYS D 97 -2.53 -29.28 36.41
N SER D 98 -3.74 -29.82 36.51
CA SER D 98 -4.11 -31.12 35.91
C SER D 98 -4.85 -30.93 34.58
N LEU D 99 -5.15 -29.68 34.19
CA LEU D 99 -5.95 -29.37 32.97
C LEU D 99 -5.23 -29.88 31.72
N GLN D 100 -5.95 -30.66 30.90
CA GLN D 100 -5.45 -31.13 29.58
C GLN D 100 -6.17 -30.36 28.48
N THR D 101 -7.45 -30.05 28.67
CA THR D 101 -8.23 -29.25 27.70
C THR D 101 -8.85 -28.04 28.40
N LEU D 102 -8.63 -26.85 27.83
CA LEU D 102 -9.26 -25.60 28.33
C LEU D 102 -9.94 -24.90 27.15
N ASP D 103 -11.27 -24.86 27.15
CA ASP D 103 -12.07 -24.15 26.13
C ASP D 103 -12.80 -22.98 26.79
N LEU D 104 -12.31 -21.75 26.56
CA LEU D 104 -12.95 -20.51 27.07
C LEU D 104 -13.39 -19.67 25.88
N SER D 105 -13.64 -20.33 24.74
CA SER D 105 -14.02 -19.67 23.46
C SER D 105 -15.44 -19.08 23.52
N GLN D 106 -15.69 -18.07 22.69
CA GLN D 106 -17.01 -17.38 22.55
C GLN D 106 -17.41 -16.83 23.93
N ASN D 107 -16.55 -16.01 24.52
CA ASN D 107 -16.79 -15.35 25.83
C ASN D 107 -16.48 -13.85 25.68
N LEU D 108 -16.50 -13.10 26.78
CA LEU D 108 -16.25 -11.64 26.79
C LEU D 108 -14.90 -11.33 27.46
N LEU D 109 -14.00 -12.31 27.54
CA LEU D 109 -12.69 -12.15 28.22
C LEU D 109 -11.87 -11.06 27.52
N THR D 110 -11.30 -10.14 28.28
CA THR D 110 -10.53 -8.98 27.74
C THR D 110 -9.15 -8.96 28.41
N GLY D 111 -8.27 -8.11 27.89
CA GLY D 111 -6.94 -7.88 28.49
C GLY D 111 -5.87 -8.71 27.82
N GLU D 112 -4.67 -8.75 28.40
CA GLU D 112 -3.53 -9.53 27.87
C GLU D 112 -3.66 -10.99 28.31
N LEU D 113 -3.18 -11.90 27.48
CA LEU D 113 -3.14 -13.35 27.76
C LEU D 113 -2.28 -13.57 29.00
N PRO D 114 -2.76 -14.35 30.01
CA PRO D 114 -1.93 -14.70 31.16
C PRO D 114 -0.77 -15.64 30.75
N GLN D 115 0.46 -15.23 31.06
CA GLN D 115 1.69 -16.01 30.70
C GLN D 115 1.69 -17.32 31.48
N THR D 116 0.98 -17.36 32.60
CA THR D 116 0.93 -18.53 33.52
C THR D 116 0.22 -19.71 32.84
N LEU D 117 -0.45 -19.48 31.70
CA LEU D 117 -1.11 -20.58 30.93
C LEU D 117 -0.05 -21.61 30.51
N ALA D 118 1.18 -21.15 30.22
CA ALA D 118 2.32 -22.02 29.85
C ALA D 118 2.86 -22.77 31.09
N ASP D 119 2.43 -22.39 32.29
CA ASP D 119 2.86 -23.05 33.54
C ASP D 119 1.93 -24.22 33.89
N ILE D 120 0.97 -24.55 33.01
CA ILE D 120 0.16 -25.80 33.13
C ILE D 120 0.81 -26.84 32.21
N PRO D 121 1.60 -27.77 32.78
CA PRO D 121 2.35 -28.74 31.98
C PRO D 121 1.47 -29.79 31.28
N THR D 122 0.34 -30.16 31.89
CA THR D 122 -0.60 -31.16 31.33
C THR D 122 -1.38 -30.59 30.14
N LEU D 123 -1.35 -29.27 29.90
CA LEU D 123 -2.23 -28.62 28.89
C LEU D 123 -1.92 -29.15 27.49
N VAL D 124 -2.95 -29.62 26.78
CA VAL D 124 -2.83 -30.17 25.39
C VAL D 124 -3.65 -29.30 24.44
N HIS D 125 -4.82 -28.82 24.86
CA HIS D 125 -5.76 -28.05 24.02
C HIS D 125 -6.07 -26.70 24.68
N LEU D 126 -5.74 -25.60 24.02
CA LEU D 126 -6.08 -24.23 24.49
C LEU D 126 -6.90 -23.53 23.41
N ASP D 127 -8.16 -23.22 23.69
CA ASP D 127 -9.05 -22.52 22.74
C ASP D 127 -9.57 -21.24 23.40
N LEU D 128 -9.10 -20.08 22.96
CA LEU D 128 -9.55 -18.76 23.46
C LEU D 128 -10.20 -17.98 22.31
N THR D 129 -10.75 -18.67 21.32
CA THR D 129 -11.40 -18.08 20.13
C THR D 129 -12.61 -17.24 20.56
N GLY D 130 -12.96 -16.20 19.79
CA GLY D 130 -14.12 -15.34 20.06
C GLY D 130 -14.01 -14.63 21.39
N ASN D 131 -12.87 -13.97 21.64
CA ASN D 131 -12.67 -13.18 22.88
C ASN D 131 -12.11 -11.82 22.48
N ASN D 132 -11.80 -10.99 23.48
CA ASN D 132 -11.33 -9.60 23.27
C ASN D 132 -9.88 -9.49 23.72
N PHE D 133 -9.15 -10.61 23.77
CA PHE D 133 -7.74 -10.62 24.25
C PHE D 133 -6.92 -9.67 23.37
N SER D 134 -6.07 -8.85 23.99
CA SER D 134 -5.26 -7.83 23.28
C SER D 134 -3.79 -7.94 23.71
N GLY D 135 -2.92 -7.23 23.00
CA GLY D 135 -1.49 -7.13 23.36
C GLY D 135 -0.69 -8.23 22.72
N ASP D 136 0.54 -8.44 23.21
CA ASP D 136 1.49 -9.40 22.61
C ASP D 136 1.20 -10.80 23.15
N ILE D 137 1.41 -11.82 22.33
CA ILE D 137 1.43 -13.24 22.80
C ILE D 137 2.62 -13.38 23.73
N PRO D 138 2.44 -13.89 24.97
CA PRO D 138 3.54 -13.99 25.93
C PRO D 138 4.64 -14.97 25.49
N ALA D 139 5.90 -14.66 25.80
CA ALA D 139 7.08 -15.46 25.44
C ALA D 139 6.99 -16.84 26.11
N SER D 140 6.25 -16.95 27.20
CA SER D 140 6.00 -18.22 27.92
C SER D 140 5.41 -19.25 26.96
N PHE D 141 4.65 -18.79 25.96
CA PHE D 141 3.89 -19.67 25.02
C PHE D 141 4.87 -20.53 24.21
N GLY D 142 6.10 -20.06 24.01
CA GLY D 142 7.17 -20.85 23.38
C GLY D 142 7.57 -22.06 24.22
N LYS D 143 7.26 -22.07 25.51
CA LYS D 143 7.75 -23.10 26.46
C LYS D 143 6.66 -24.13 26.81
N PHE D 144 5.52 -24.15 26.11
CA PHE D 144 4.43 -25.12 26.38
C PHE D 144 4.99 -26.54 26.24
N GLU D 145 4.78 -27.39 27.26
CA GLU D 145 5.39 -28.74 27.34
C GLU D 145 4.67 -29.76 26.47
N ASN D 146 3.33 -29.77 26.46
CA ASN D 146 2.56 -30.85 25.78
C ASN D 146 1.44 -30.28 24.90
N LEU D 147 1.44 -28.99 24.60
CA LEU D 147 0.33 -28.35 23.85
C LEU D 147 0.32 -28.85 22.41
N GLU D 148 -0.83 -29.35 21.96
CA GLU D 148 -1.05 -29.79 20.57
C GLU D 148 -1.93 -28.78 19.83
N VAL D 149 -2.81 -28.07 20.54
CA VAL D 149 -3.77 -27.13 19.89
C VAL D 149 -3.67 -25.76 20.57
N LEU D 150 -3.33 -24.73 19.80
CA LEU D 150 -3.35 -23.32 20.26
C LEU D 150 -4.29 -22.54 19.34
N SER D 151 -5.39 -22.04 19.87
CA SER D 151 -6.38 -21.26 19.09
C SER D 151 -6.63 -19.90 19.75
N LEU D 152 -6.25 -18.83 19.06
CA LEU D 152 -6.49 -17.45 19.52
C LEU D 152 -7.26 -16.72 18.42
N VAL D 153 -8.12 -17.43 17.69
CA VAL D 153 -8.86 -16.88 16.51
C VAL D 153 -9.86 -15.82 17.00
N TYR D 154 -10.09 -14.78 16.20
CA TYR D 154 -11.08 -13.69 16.45
C TYR D 154 -10.82 -13.08 17.83
N ASN D 155 -9.60 -12.60 18.05
CA ASN D 155 -9.25 -11.82 19.26
C ASN D 155 -8.80 -10.43 18.80
N LEU D 156 -8.27 -9.61 19.71
CA LEU D 156 -7.76 -8.26 19.37
C LEU D 156 -6.23 -8.20 19.53
N LEU D 157 -5.54 -9.31 19.30
CA LEU D 157 -4.07 -9.36 19.49
C LEU D 157 -3.42 -8.42 18.47
N ASP D 158 -2.56 -7.51 18.94
CA ASP D 158 -2.04 -6.39 18.10
C ASP D 158 -0.52 -6.45 17.97
N GLY D 159 0.11 -7.57 18.35
CA GLY D 159 1.57 -7.73 18.27
C GLY D 159 2.01 -8.39 16.98
N THR D 160 3.31 -8.64 16.82
CA THR D 160 3.86 -9.38 15.66
C THR D 160 3.62 -10.88 15.90
N ILE D 161 3.54 -11.67 14.83
CA ILE D 161 3.44 -13.16 14.96
C ILE D 161 4.79 -13.65 15.49
N PRO D 162 4.81 -14.32 16.66
CA PRO D 162 6.06 -14.68 17.34
C PRO D 162 6.76 -15.93 16.82
N PRO D 163 8.08 -15.86 16.52
CA PRO D 163 8.85 -17.03 16.08
C PRO D 163 8.94 -18.13 17.15
N PHE D 164 8.84 -17.78 18.43
CA PHE D 164 8.97 -18.74 19.56
C PHE D 164 7.82 -19.76 19.53
N LEU D 165 6.70 -19.45 18.87
CA LEU D 165 5.58 -20.41 18.70
C LEU D 165 6.04 -21.61 17.87
N GLY D 166 7.08 -21.43 17.06
CA GLY D 166 7.72 -22.53 16.29
C GLY D 166 8.44 -23.52 17.18
N ASN D 167 8.65 -23.17 18.45
CA ASN D 167 9.44 -23.97 19.42
C ASN D 167 8.52 -24.95 20.17
N ILE D 168 7.21 -24.93 19.92
CA ILE D 168 6.26 -25.90 20.55
C ILE D 168 6.28 -27.19 19.73
N SER D 169 7.16 -28.13 20.08
CA SER D 169 7.44 -29.36 19.29
C SER D 169 6.20 -30.26 19.18
N THR D 170 5.30 -30.23 20.17
CA THR D 170 4.11 -31.13 20.22
C THR D 170 2.96 -30.54 19.40
N LEU D 171 3.10 -29.31 18.88
CA LEU D 171 1.94 -28.57 18.29
C LEU D 171 1.44 -29.29 17.04
N LYS D 172 0.13 -29.52 16.97
CA LYS D 172 -0.56 -30.09 15.78
C LYS D 172 -1.37 -28.99 15.08
N MET D 173 -1.85 -27.98 15.81
CA MET D 173 -2.71 -26.93 15.21
C MET D 173 -2.29 -25.55 15.71
N LEU D 174 -1.99 -24.64 14.77
CA LEU D 174 -1.73 -23.21 15.09
C LEU D 174 -2.85 -22.39 14.46
N ASN D 175 -3.75 -21.84 15.28
CA ASN D 175 -4.95 -21.10 14.81
C ASN D 175 -4.89 -19.67 15.35
N LEU D 176 -4.35 -18.73 14.59
CA LEU D 176 -4.17 -17.31 14.99
C LEU D 176 -5.00 -16.40 14.08
N SER D 177 -5.91 -16.96 13.30
CA SER D 177 -6.68 -16.24 12.25
C SER D 177 -7.55 -15.12 12.84
N TYR D 178 -7.83 -14.10 12.02
CA TYR D 178 -8.74 -12.96 12.34
C TYR D 178 -8.27 -12.25 13.61
N ASN D 179 -7.04 -11.73 13.55
CA ASN D 179 -6.43 -10.91 14.63
C ASN D 179 -5.82 -9.68 13.99
N PRO D 180 -5.94 -8.48 14.63
CA PRO D 180 -5.34 -7.26 14.10
C PRO D 180 -3.84 -7.19 14.40
N PHE D 181 -3.08 -8.20 13.99
CA PHE D 181 -1.62 -8.32 14.29
C PHE D 181 -0.87 -7.19 13.60
N SER D 182 0.17 -6.68 14.27
CA SER D 182 1.13 -5.75 13.63
C SER D 182 1.69 -6.49 12.42
N PRO D 183 1.74 -5.85 11.23
CA PRO D 183 2.28 -6.52 10.04
C PRO D 183 3.60 -7.24 10.35
N SER D 184 3.65 -8.54 10.06
CA SER D 184 4.81 -9.40 10.39
C SER D 184 4.95 -10.50 9.33
N ARG D 185 6.16 -11.01 9.16
CA ARG D 185 6.46 -12.12 8.23
C ARG D 185 6.08 -13.43 8.90
N ILE D 186 5.88 -14.49 8.13
CA ILE D 186 5.72 -15.86 8.68
C ILE D 186 7.11 -16.31 9.13
N PRO D 187 7.33 -16.57 10.45
CA PRO D 187 8.62 -17.04 10.92
C PRO D 187 9.07 -18.32 10.23
N PRO D 188 10.32 -18.38 9.70
CA PRO D 188 10.85 -19.62 9.13
C PRO D 188 10.91 -20.75 10.16
N GLU D 189 10.96 -20.39 11.44
CA GLU D 189 11.00 -21.34 12.59
C GLU D 189 9.70 -22.16 12.66
N PHE D 190 8.63 -21.73 11.98
CA PHE D 190 7.35 -22.47 11.93
C PHE D 190 7.58 -23.79 11.19
N GLY D 191 8.62 -23.86 10.35
CA GLY D 191 9.04 -25.10 9.67
C GLY D 191 9.58 -26.14 10.64
N ASN D 192 9.91 -25.73 11.87
CA ASN D 192 10.41 -26.63 12.94
C ASN D 192 9.23 -27.30 13.67
N LEU D 193 7.98 -26.92 13.36
CA LEU D 193 6.78 -27.56 13.94
C LEU D 193 6.48 -28.85 13.17
N THR D 194 7.24 -29.91 13.45
CA THR D 194 7.27 -31.16 12.63
C THR D 194 5.98 -31.97 12.78
N ASN D 195 5.20 -31.77 13.85
CA ASN D 195 3.91 -32.49 14.06
C ASN D 195 2.72 -31.63 13.59
N LEU D 196 2.95 -30.45 13.02
CA LEU D 196 1.84 -29.52 12.70
C LEU D 196 0.94 -30.14 11.61
N GLU D 197 -0.36 -30.17 11.86
CA GLU D 197 -1.38 -30.65 10.89
C GLU D 197 -2.16 -29.45 10.32
N VAL D 198 -2.32 -28.37 11.09
CA VAL D 198 -3.09 -27.17 10.66
C VAL D 198 -2.27 -25.90 10.90
N MET D 199 -2.15 -25.05 9.88
CA MET D 199 -1.61 -23.68 10.02
C MET D 199 -2.65 -22.71 9.50
N TRP D 200 -3.45 -22.12 10.40
CA TRP D 200 -4.57 -21.22 10.07
C TRP D 200 -4.17 -19.78 10.41
N LEU D 201 -3.76 -19.00 9.42
CA LEU D 201 -3.27 -17.61 9.61
C LEU D 201 -4.01 -16.67 8.67
N THR D 202 -5.31 -16.87 8.48
CA THR D 202 -6.17 -16.01 7.62
C THR D 202 -6.31 -14.63 8.29
N GLU D 203 -6.17 -13.56 7.52
CA GLU D 203 -6.36 -12.15 8.00
C GLU D 203 -5.50 -11.89 9.24
N CYS D 204 -4.19 -12.18 9.15
CA CYS D 204 -3.23 -11.93 10.25
C CYS D 204 -2.24 -10.82 9.84
N HIS D 205 -2.55 -10.07 8.78
CA HIS D 205 -1.72 -8.94 8.28
C HIS D 205 -0.31 -9.44 7.96
N LEU D 206 -0.20 -10.65 7.42
CA LEU D 206 1.12 -11.26 7.09
C LEU D 206 1.73 -10.53 5.91
N VAL D 207 3.04 -10.27 5.98
CA VAL D 207 3.80 -9.60 4.89
C VAL D 207 5.02 -10.48 4.58
N GLY D 208 5.69 -10.20 3.47
CA GLY D 208 6.92 -10.92 3.09
C GLY D 208 6.60 -12.17 2.29
N GLN D 209 7.58 -13.05 2.13
CA GLN D 209 7.45 -14.26 1.28
C GLN D 209 7.12 -15.46 2.15
N ILE D 210 6.49 -16.47 1.56
CA ILE D 210 6.22 -17.76 2.25
C ILE D 210 7.57 -18.45 2.41
N PRO D 211 7.99 -18.76 3.66
CA PRO D 211 9.29 -19.38 3.89
C PRO D 211 9.35 -20.80 3.29
N ASP D 212 10.49 -21.16 2.71
CA ASP D 212 10.72 -22.50 2.10
C ASP D 212 10.55 -23.56 3.19
N SER D 213 10.94 -23.22 4.43
CA SER D 213 10.88 -24.10 5.61
C SER D 213 9.51 -24.79 5.72
N LEU D 214 8.43 -24.11 5.32
CA LEU D 214 7.05 -24.66 5.44
C LEU D 214 6.93 -25.96 4.66
N GLY D 215 7.77 -26.16 3.64
CA GLY D 215 7.81 -27.40 2.83
C GLY D 215 8.20 -28.62 3.65
N GLN D 216 8.86 -28.43 4.79
CA GLN D 216 9.30 -29.55 5.67
C GLN D 216 8.12 -30.11 6.49
N LEU D 217 6.95 -29.45 6.48
CA LEU D 217 5.81 -29.87 7.32
C LEU D 217 5.09 -31.05 6.66
N SER D 218 5.65 -32.26 6.79
CA SER D 218 5.17 -33.49 6.10
C SER D 218 3.80 -33.93 6.63
N LYS D 219 3.41 -33.50 7.83
CA LYS D 219 2.13 -33.94 8.46
C LYS D 219 1.04 -32.88 8.25
N LEU D 220 1.36 -31.75 7.61
CA LEU D 220 0.38 -30.64 7.41
C LEU D 220 -0.79 -31.12 6.55
N VAL D 221 -2.01 -30.88 7.00
CA VAL D 221 -3.27 -31.26 6.30
C VAL D 221 -3.89 -29.99 5.70
N ASP D 222 -3.88 -28.88 6.43
CA ASP D 222 -4.48 -27.61 5.98
C ASP D 222 -3.45 -26.48 6.09
N LEU D 223 -3.17 -25.79 4.99
CA LEU D 223 -2.31 -24.57 4.99
C LEU D 223 -3.19 -23.40 4.54
N ASP D 224 -3.50 -22.47 5.44
CA ASP D 224 -4.37 -21.32 5.13
C ASP D 224 -3.61 -20.02 5.44
N LEU D 225 -3.15 -19.33 4.41
CA LEU D 225 -2.43 -18.05 4.54
C LEU D 225 -3.20 -16.97 3.79
N ALA D 226 -4.52 -17.16 3.65
CA ALA D 226 -5.40 -16.29 2.83
C ALA D 226 -5.66 -14.95 3.52
N LEU D 227 -6.13 -13.97 2.75
CA LEU D 227 -6.49 -12.62 3.23
C LEU D 227 -5.30 -11.99 3.95
N ASN D 228 -4.12 -11.99 3.32
CA ASN D 228 -2.91 -11.32 3.85
C ASN D 228 -2.25 -10.54 2.70
N ASP D 229 -1.07 -9.98 2.93
CA ASP D 229 -0.34 -9.18 1.92
C ASP D 229 0.97 -9.88 1.59
N LEU D 230 0.95 -11.21 1.53
CA LEU D 230 2.14 -12.03 1.22
C LEU D 230 2.56 -11.74 -0.23
N VAL D 231 3.87 -11.59 -0.45
CA VAL D 231 4.46 -11.26 -1.79
C VAL D 231 5.38 -12.41 -2.18
N GLY D 232 5.89 -12.39 -3.42
CA GLY D 232 6.81 -13.42 -3.93
C GLY D 232 6.06 -14.60 -4.52
N HIS D 233 6.77 -15.71 -4.78
CA HIS D 233 6.24 -16.86 -5.53
C HIS D 233 5.68 -17.89 -4.54
N ILE D 234 4.79 -18.77 -5.01
CA ILE D 234 4.40 -20.00 -4.26
C ILE D 234 5.63 -20.89 -4.25
N PRO D 235 6.24 -21.18 -3.07
CA PRO D 235 7.51 -21.91 -3.03
C PRO D 235 7.42 -23.32 -3.62
N PRO D 236 8.40 -23.73 -4.46
CA PRO D 236 8.47 -25.08 -4.98
C PRO D 236 8.63 -26.13 -3.88
N SER D 237 9.15 -25.72 -2.72
CA SER D 237 9.36 -26.59 -1.54
C SER D 237 8.02 -27.14 -1.03
N LEU D 238 6.90 -26.50 -1.38
CA LEU D 238 5.54 -26.91 -0.91
C LEU D 238 5.18 -28.29 -1.47
N GLY D 239 5.93 -28.81 -2.44
CA GLY D 239 5.80 -30.19 -2.94
C GLY D 239 6.15 -31.20 -1.85
N GLY D 240 6.86 -30.77 -0.81
CA GLY D 240 7.26 -31.58 0.35
C GLY D 240 6.12 -31.82 1.33
N LEU D 241 4.98 -31.15 1.14
CA LEU D 241 3.80 -31.28 2.04
C LEU D 241 3.07 -32.59 1.71
N THR D 242 3.61 -33.72 2.18
CA THR D 242 3.16 -35.08 1.79
C THR D 242 1.67 -35.27 2.11
N ASN D 243 1.20 -34.76 3.24
CA ASN D 243 -0.17 -35.07 3.74
C ASN D 243 -1.13 -33.91 3.46
N VAL D 244 -0.71 -32.85 2.77
CA VAL D 244 -1.56 -31.64 2.60
C VAL D 244 -2.82 -31.98 1.79
N VAL D 245 -3.99 -31.60 2.30
CA VAL D 245 -5.30 -31.83 1.64
C VAL D 245 -5.83 -30.49 1.13
N GLN D 246 -5.63 -29.41 1.90
CA GLN D 246 -6.17 -28.07 1.57
C GLN D 246 -5.05 -27.03 1.61
N ILE D 247 -4.92 -26.22 0.57
CA ILE D 247 -4.00 -25.05 0.55
C ILE D 247 -4.80 -23.81 0.16
N GLU D 248 -4.86 -22.80 1.04
CA GLU D 248 -5.56 -21.52 0.78
C GLU D 248 -4.54 -20.37 0.80
N LEU D 249 -4.28 -19.75 -0.35
CA LEU D 249 -3.36 -18.59 -0.47
C LEU D 249 -4.10 -17.44 -1.18
N TYR D 250 -5.43 -17.43 -1.13
CA TYR D 250 -6.26 -16.46 -1.90
C TYR D 250 -6.19 -15.06 -1.28
N ASN D 251 -6.37 -14.04 -2.12
CA ASN D 251 -6.32 -12.59 -1.78
C ASN D 251 -5.00 -12.25 -1.08
N ASN D 252 -3.87 -12.56 -1.70
CA ASN D 252 -2.54 -12.04 -1.30
C ASN D 252 -2.02 -11.18 -2.45
N SER D 253 -0.73 -10.84 -2.44
CA SER D 253 -0.06 -10.12 -3.55
C SER D 253 0.97 -11.06 -4.17
N LEU D 254 0.68 -12.37 -4.22
CA LEU D 254 1.63 -13.38 -4.74
C LEU D 254 1.78 -13.23 -6.25
N THR D 255 2.99 -13.44 -6.76
CA THR D 255 3.33 -13.37 -8.21
C THR D 255 4.07 -14.66 -8.58
N GLY D 256 4.50 -14.79 -9.83
CA GLY D 256 5.28 -15.96 -10.27
C GLY D 256 4.36 -17.06 -10.76
N GLU D 257 4.93 -18.21 -11.12
CA GLU D 257 4.17 -19.31 -11.76
C GLU D 257 3.77 -20.33 -10.69
N ILE D 258 2.69 -21.06 -10.93
CA ILE D 258 2.23 -22.15 -10.03
C ILE D 258 3.25 -23.28 -10.18
N PRO D 259 3.92 -23.69 -9.09
CA PRO D 259 4.97 -24.72 -9.19
C PRO D 259 4.42 -26.07 -9.62
N PRO D 260 5.09 -26.76 -10.57
CA PRO D 260 4.68 -28.10 -10.99
C PRO D 260 4.87 -29.13 -9.86
N GLU D 261 5.66 -28.78 -8.84
CA GLU D 261 5.91 -29.66 -7.66
C GLU D 261 4.61 -29.94 -6.91
N LEU D 262 3.58 -29.11 -7.10
CA LEU D 262 2.26 -29.32 -6.45
C LEU D 262 1.65 -30.64 -6.92
N GLY D 263 2.06 -31.14 -8.10
CA GLY D 263 1.64 -32.45 -8.63
C GLY D 263 2.10 -33.60 -7.73
N ASN D 264 3.14 -33.39 -6.93
CA ASN D 264 3.69 -34.41 -6.00
C ASN D 264 2.75 -34.61 -4.81
N LEU D 265 1.79 -33.69 -4.58
CA LEU D 265 0.90 -33.74 -3.39
C LEU D 265 -0.27 -34.69 -3.68
N LYS D 266 -0.11 -35.95 -3.31
CA LYS D 266 -1.10 -37.03 -3.57
C LYS D 266 -2.41 -36.73 -2.86
N SER D 267 -2.37 -36.16 -1.65
CA SER D 267 -3.57 -35.97 -0.80
C SER D 267 -4.24 -34.61 -1.08
N LEU D 268 -3.65 -33.75 -1.93
CA LEU D 268 -4.23 -32.41 -2.20
C LEU D 268 -5.61 -32.56 -2.84
N ARG D 269 -6.63 -31.91 -2.29
CA ARG D 269 -8.01 -31.94 -2.85
C ARG D 269 -8.51 -30.53 -3.12
N LEU D 270 -8.18 -29.56 -2.26
CA LEU D 270 -8.68 -28.17 -2.40
C LEU D 270 -7.50 -27.20 -2.51
N LEU D 271 -7.42 -26.45 -3.60
CA LEU D 271 -6.39 -25.39 -3.79
C LEU D 271 -7.08 -24.10 -4.23
N ASP D 272 -6.91 -23.02 -3.46
CA ASP D 272 -7.43 -21.67 -3.83
C ASP D 272 -6.27 -20.68 -3.74
N ALA D 273 -5.73 -20.26 -4.88
CA ALA D 273 -4.70 -19.19 -4.96
C ALA D 273 -5.27 -18.06 -5.80
N SER D 274 -6.58 -17.84 -5.70
N SER D 274 -6.58 -17.83 -5.69
CA SER D 274 -7.33 -16.80 -6.45
CA SER D 274 -7.34 -16.80 -6.46
C SER D 274 -6.95 -15.41 -5.93
C SER D 274 -7.00 -15.40 -5.91
N MET D 275 -7.30 -14.37 -6.70
CA MET D 275 -7.10 -12.94 -6.31
C MET D 275 -5.63 -12.70 -5.97
N ASN D 276 -4.70 -13.22 -6.79
CA ASN D 276 -3.25 -12.91 -6.69
C ASN D 276 -2.83 -12.28 -8.01
N GLN D 277 -1.53 -12.20 -8.28
CA GLN D 277 -0.99 -11.71 -9.58
C GLN D 277 -0.15 -12.82 -10.23
N LEU D 278 -0.59 -14.08 -10.12
CA LEU D 278 0.15 -15.26 -10.63
C LEU D 278 0.18 -15.24 -12.15
N THR D 279 1.34 -15.56 -12.73
CA THR D 279 1.59 -15.50 -14.19
C THR D 279 1.92 -16.91 -14.68
N GLY D 280 2.00 -17.10 -16.00
CA GLY D 280 2.38 -18.38 -16.61
C GLY D 280 1.17 -19.29 -16.78
N LYS D 281 1.41 -20.58 -17.01
CA LYS D 281 0.34 -21.56 -17.32
C LYS D 281 0.05 -22.40 -16.08
N ILE D 282 -1.19 -22.86 -15.94
CA ILE D 282 -1.56 -23.86 -14.89
C ILE D 282 -0.84 -25.15 -15.25
N PRO D 283 0.00 -25.72 -14.36
CA PRO D 283 0.79 -26.91 -14.68
C PRO D 283 -0.06 -28.17 -14.87
N ASP D 284 0.34 -29.03 -15.82
CA ASP D 284 -0.35 -30.30 -16.13
C ASP D 284 -0.30 -31.22 -14.91
N GLU D 285 0.83 -31.22 -14.20
CA GLU D 285 1.09 -32.12 -13.05
C GLU D 285 0.05 -31.89 -11.96
N LEU D 286 -0.25 -30.62 -11.65
CA LEU D 286 -1.29 -30.25 -10.65
C LEU D 286 -2.65 -30.76 -11.13
N CYS D 287 -2.97 -30.60 -12.41
CA CYS D 287 -4.28 -30.99 -12.97
C CYS D 287 -4.42 -32.53 -12.95
N ARG D 288 -3.31 -33.25 -12.96
CA ARG D 288 -3.31 -34.74 -12.84
C ARG D 288 -3.78 -35.18 -11.45
N VAL D 289 -3.51 -34.38 -10.41
CA VAL D 289 -3.95 -34.66 -9.01
C VAL D 289 -5.47 -34.72 -9.01
N PRO D 290 -6.10 -35.71 -8.32
CA PRO D 290 -7.55 -35.86 -8.32
C PRO D 290 -8.20 -34.81 -7.40
N LEU D 291 -8.28 -33.56 -7.86
CA LEU D 291 -8.73 -32.41 -7.03
C LEU D 291 -10.26 -32.40 -6.88
N GLU D 292 -10.73 -31.83 -5.79
CA GLU D 292 -12.16 -31.59 -5.53
C GLU D 292 -12.54 -30.15 -5.86
N SER D 293 -11.61 -29.22 -5.62
CA SER D 293 -11.83 -27.77 -5.85
C SER D 293 -10.54 -27.12 -6.36
N LEU D 294 -10.60 -26.47 -7.52
CA LEU D 294 -9.46 -25.68 -8.05
C LEU D 294 -9.94 -24.26 -8.33
N ASN D 295 -9.54 -23.29 -7.50
CA ASN D 295 -9.89 -21.86 -7.71
C ASN D 295 -8.58 -21.10 -7.97
N LEU D 296 -8.42 -20.55 -9.18
CA LEU D 296 -7.23 -19.72 -9.54
C LEU D 296 -7.72 -18.43 -10.20
N TYR D 297 -8.92 -17.97 -9.84
CA TYR D 297 -9.59 -16.82 -10.51
C TYR D 297 -8.89 -15.50 -10.15
N GLU D 298 -9.10 -14.49 -11.00
CA GLU D 298 -8.56 -13.11 -10.84
C GLU D 298 -7.04 -13.17 -10.64
N ASN D 299 -6.35 -13.85 -11.56
CA ASN D 299 -4.86 -13.84 -11.67
C ASN D 299 -4.50 -13.35 -13.08
N ASN D 300 -3.22 -13.37 -13.44
CA ASN D 300 -2.77 -13.02 -14.81
C ASN D 300 -2.32 -14.29 -15.53
N LEU D 301 -3.00 -15.41 -15.27
CA LEU D 301 -2.59 -16.73 -15.83
C LEU D 301 -2.88 -16.76 -17.32
N GLU D 302 -2.09 -17.51 -18.09
CA GLU D 302 -2.22 -17.62 -19.56
C GLU D 302 -2.11 -19.09 -19.98
N GLY D 303 -2.36 -19.38 -21.26
CA GLY D 303 -2.19 -20.72 -21.83
C GLY D 303 -3.46 -21.54 -21.75
N GLU D 304 -3.37 -22.82 -22.10
CA GLU D 304 -4.54 -23.73 -22.17
C GLU D 304 -4.75 -24.41 -20.82
N LEU D 305 -5.99 -24.65 -20.45
CA LEU D 305 -6.31 -25.49 -19.27
C LEU D 305 -5.92 -26.93 -19.62
N PRO D 306 -5.04 -27.59 -18.84
CA PRO D 306 -4.68 -28.98 -19.08
C PRO D 306 -5.91 -29.90 -19.03
N ALA D 307 -6.00 -30.86 -19.96
CA ALA D 307 -7.14 -31.78 -20.12
C ALA D 307 -7.18 -32.78 -18.95
N SER D 308 -6.06 -32.92 -18.23
CA SER D 308 -5.90 -33.84 -17.09
C SER D 308 -6.92 -33.55 -15.98
N ILE D 309 -7.38 -32.29 -15.86
CA ILE D 309 -8.33 -31.87 -14.78
C ILE D 309 -9.63 -32.68 -14.92
N ALA D 310 -10.01 -33.06 -16.14
CA ALA D 310 -11.22 -33.86 -16.44
C ALA D 310 -11.08 -35.27 -15.86
N LEU D 311 -9.85 -35.74 -15.64
CA LEU D 311 -9.57 -37.11 -15.11
C LEU D 311 -10.04 -37.24 -13.65
N SER D 312 -9.99 -36.17 -12.86
CA SER D 312 -10.33 -36.25 -11.40
C SER D 312 -11.76 -36.75 -11.24
N PRO D 313 -11.98 -37.76 -10.37
CA PRO D 313 -13.33 -38.20 -10.04
C PRO D 313 -13.96 -37.36 -8.92
N ASN D 314 -13.23 -36.41 -8.36
CA ASN D 314 -13.67 -35.66 -7.15
C ASN D 314 -13.97 -34.19 -7.45
N LEU D 315 -13.82 -33.72 -8.70
CA LEU D 315 -13.93 -32.27 -9.01
C LEU D 315 -15.40 -31.83 -8.96
N TYR D 316 -15.72 -30.88 -8.06
CA TYR D 316 -17.07 -30.28 -7.96
C TYR D 316 -16.99 -28.77 -8.15
N GLU D 317 -15.81 -28.17 -8.05
CA GLU D 317 -15.64 -26.70 -8.12
C GLU D 317 -14.40 -26.36 -8.95
N ILE D 318 -14.61 -25.64 -10.05
CA ILE D 318 -13.49 -25.07 -10.86
C ILE D 318 -13.84 -23.62 -11.15
N ARG D 319 -13.09 -22.68 -10.56
CA ARG D 319 -13.31 -21.23 -10.73
C ARG D 319 -12.00 -20.59 -11.17
N ILE D 320 -11.83 -20.37 -12.47
CA ILE D 320 -10.56 -19.85 -13.05
C ILE D 320 -10.86 -18.58 -13.85
N PHE D 321 -11.94 -17.87 -13.50
CA PHE D 321 -12.39 -16.64 -14.21
C PHE D 321 -11.36 -15.52 -14.01
N GLY D 322 -11.39 -14.51 -14.88
CA GLY D 322 -10.51 -13.33 -14.76
C GLY D 322 -9.05 -13.67 -15.03
N ASN D 323 -8.79 -14.46 -16.07
CA ASN D 323 -7.41 -14.79 -16.53
C ASN D 323 -7.36 -14.57 -18.04
N ARG D 324 -6.24 -14.90 -18.67
CA ARG D 324 -6.05 -14.79 -20.14
C ARG D 324 -5.94 -16.20 -20.71
N LEU D 325 -6.65 -17.17 -20.14
CA LEU D 325 -6.57 -18.59 -20.56
C LEU D 325 -7.12 -18.70 -21.98
N THR D 326 -6.49 -19.52 -22.81
CA THR D 326 -6.83 -19.66 -24.26
C THR D 326 -7.19 -21.12 -24.55
N GLY D 327 -7.70 -21.37 -25.76
CA GLY D 327 -8.00 -22.73 -26.24
C GLY D 327 -9.35 -23.20 -25.76
N GLY D 328 -9.60 -24.52 -25.85
CA GLY D 328 -10.91 -25.11 -25.52
C GLY D 328 -10.93 -25.73 -24.13
N LEU D 329 -12.12 -25.93 -23.59
CA LEU D 329 -12.31 -26.66 -22.32
C LEU D 329 -12.02 -28.14 -22.57
N PRO D 330 -11.65 -28.93 -21.54
CA PRO D 330 -11.44 -30.36 -21.70
C PRO D 330 -12.75 -31.03 -22.18
N LYS D 331 -12.65 -31.92 -23.17
CA LYS D 331 -13.81 -32.59 -23.82
C LYS D 331 -14.61 -33.38 -22.77
N ASP D 332 -13.93 -34.05 -21.84
CA ASP D 332 -14.56 -35.00 -20.90
C ASP D 332 -14.89 -34.30 -19.56
N LEU D 333 -14.80 -32.97 -19.50
CA LEU D 333 -15.08 -32.24 -18.23
C LEU D 333 -16.51 -32.54 -17.79
N GLY D 334 -16.68 -33.04 -16.56
CA GLY D 334 -18.00 -33.35 -15.97
C GLY D 334 -18.43 -34.77 -16.21
N LEU D 335 -17.73 -35.49 -17.09
CA LEU D 335 -18.07 -36.89 -17.45
C LEU D 335 -17.81 -37.81 -16.25
N ASN D 336 -16.67 -37.63 -15.57
CA ASN D 336 -16.21 -38.54 -14.49
C ASN D 336 -16.25 -37.85 -13.13
N SER D 337 -16.74 -36.62 -13.04
CA SER D 337 -16.72 -35.83 -11.78
C SER D 337 -18.08 -35.25 -11.47
N PRO D 338 -18.46 -35.12 -10.17
CA PRO D 338 -19.71 -34.47 -9.79
C PRO D 338 -19.56 -32.95 -9.81
N LEU D 339 -19.40 -32.36 -11.00
CA LEU D 339 -19.20 -30.91 -11.18
C LEU D 339 -20.44 -30.17 -10.67
N ARG D 340 -20.24 -29.22 -9.76
CA ARG D 340 -21.33 -28.40 -9.19
C ARG D 340 -21.18 -26.96 -9.66
N TRP D 341 -19.97 -26.41 -9.56
CA TRP D 341 -19.72 -24.98 -9.87
C TRP D 341 -18.61 -24.84 -10.89
N LEU D 342 -18.94 -24.34 -12.08
CA LEU D 342 -17.97 -24.07 -13.15
C LEU D 342 -18.02 -22.57 -13.45
N ASP D 343 -16.89 -21.88 -13.31
CA ASP D 343 -16.79 -20.45 -13.70
C ASP D 343 -15.48 -20.25 -14.45
N VAL D 344 -15.59 -20.13 -15.77
CA VAL D 344 -14.44 -19.93 -16.69
C VAL D 344 -14.60 -18.56 -17.35
N SER D 345 -15.37 -17.66 -16.75
CA SER D 345 -15.73 -16.33 -17.32
C SER D 345 -14.48 -15.44 -17.46
N GLU D 346 -14.57 -14.37 -18.26
CA GLU D 346 -13.48 -13.38 -18.48
C GLU D 346 -12.18 -14.11 -18.81
N ASN D 347 -12.21 -14.97 -19.84
CA ASN D 347 -11.02 -15.68 -20.39
C ASN D 347 -11.10 -15.59 -21.92
N GLU D 348 -10.14 -16.20 -22.62
CA GLU D 348 -10.10 -16.23 -24.11
C GLU D 348 -10.44 -17.62 -24.62
N PHE D 349 -11.22 -18.39 -23.85
CA PHE D 349 -11.61 -19.78 -24.21
C PHE D 349 -12.42 -19.76 -25.52
N SER D 350 -12.21 -20.77 -26.35
CA SER D 350 -12.90 -20.90 -27.66
C SER D 350 -13.38 -22.34 -27.81
N GLY D 351 -14.14 -22.62 -28.87
CA GLY D 351 -14.57 -23.99 -29.21
C GLY D 351 -15.92 -24.31 -28.59
N ASP D 352 -16.40 -25.53 -28.83
CA ASP D 352 -17.73 -25.97 -28.35
C ASP D 352 -17.68 -26.20 -26.84
N LEU D 353 -18.79 -25.96 -26.15
CA LEU D 353 -18.90 -26.37 -24.73
C LEU D 353 -18.73 -27.88 -24.67
N PRO D 354 -18.03 -28.42 -23.65
CA PRO D 354 -17.89 -29.87 -23.48
C PRO D 354 -19.29 -30.50 -23.38
N ALA D 355 -19.46 -31.68 -23.99
CA ALA D 355 -20.78 -32.33 -24.22
C ALA D 355 -21.43 -32.78 -22.90
N ASP D 356 -20.66 -33.22 -21.91
CA ASP D 356 -21.22 -33.88 -20.71
C ASP D 356 -20.74 -33.17 -19.44
N LEU D 357 -21.01 -31.86 -19.32
CA LEU D 357 -20.67 -31.08 -18.10
C LEU D 357 -21.53 -31.55 -16.92
N CYS D 358 -22.77 -31.97 -17.16
CA CYS D 358 -23.76 -32.36 -16.12
C CYS D 358 -24.02 -33.86 -16.15
N ALA D 359 -23.03 -34.67 -16.55
CA ALA D 359 -23.15 -36.14 -16.64
C ALA D 359 -23.54 -36.71 -15.27
N LYS D 360 -22.93 -36.19 -14.19
CA LYS D 360 -23.15 -36.70 -12.81
C LYS D 360 -24.44 -36.11 -12.22
N GLY D 361 -25.04 -35.11 -12.88
CA GLY D 361 -26.35 -34.57 -12.50
C GLY D 361 -26.30 -33.65 -11.29
N GLU D 362 -25.16 -32.97 -11.07
CA GLU D 362 -25.01 -32.08 -9.90
C GLU D 362 -24.63 -30.65 -10.30
N LEU D 363 -24.59 -30.33 -11.59
CA LEU D 363 -24.14 -28.98 -12.04
C LEU D 363 -25.21 -27.96 -11.64
N GLU D 364 -24.81 -26.95 -10.86
CA GLU D 364 -25.71 -25.89 -10.34
C GLU D 364 -25.41 -24.57 -11.04
N GLU D 365 -24.14 -24.27 -11.28
CA GLU D 365 -23.72 -22.97 -11.83
C GLU D 365 -22.86 -23.18 -13.07
N LEU D 366 -23.36 -22.75 -14.24
CA LEU D 366 -22.59 -22.72 -15.50
C LEU D 366 -22.35 -21.25 -15.85
N LEU D 367 -21.13 -20.76 -15.62
CA LEU D 367 -20.78 -19.33 -15.80
C LEU D 367 -19.61 -19.25 -16.78
N ILE D 368 -19.88 -18.83 -18.02
CA ILE D 368 -18.87 -18.85 -19.12
C ILE D 368 -18.83 -17.51 -19.84
N ILE D 369 -19.20 -16.40 -19.17
CA ILE D 369 -19.39 -15.08 -19.86
C ILE D 369 -18.04 -14.49 -20.29
N HIS D 370 -18.07 -13.61 -21.29
CA HIS D 370 -16.89 -12.90 -21.86
C HIS D 370 -15.84 -13.91 -22.32
N ASN D 371 -16.26 -14.89 -23.14
CA ASN D 371 -15.34 -15.86 -23.81
C ASN D 371 -15.71 -15.89 -25.30
N SER D 372 -15.00 -16.68 -26.10
CA SER D 372 -15.26 -16.84 -27.55
C SER D 372 -15.85 -18.23 -27.84
N PHE D 373 -16.60 -18.80 -26.89
CA PHE D 373 -17.23 -20.13 -27.05
C PHE D 373 -18.17 -20.07 -28.26
N SER D 374 -18.14 -21.11 -29.09
CA SER D 374 -18.91 -21.18 -30.35
C SER D 374 -19.77 -22.45 -30.33
N GLY D 375 -20.69 -22.58 -31.29
CA GLY D 375 -21.47 -23.81 -31.48
C GLY D 375 -22.82 -23.72 -30.78
N VAL D 376 -23.44 -24.87 -30.56
CA VAL D 376 -24.82 -24.95 -29.98
C VAL D 376 -24.73 -25.39 -28.52
N ILE D 377 -25.75 -25.07 -27.73
CA ILE D 377 -25.88 -25.59 -26.34
C ILE D 377 -25.96 -27.11 -26.44
N PRO D 378 -25.10 -27.88 -25.73
CA PRO D 378 -25.20 -29.34 -25.70
C PRO D 378 -26.61 -29.80 -25.30
N GLU D 379 -27.15 -30.79 -25.99
CA GLU D 379 -28.52 -31.33 -25.76
C GLU D 379 -28.60 -31.96 -24.38
N SER D 380 -27.46 -32.43 -23.84
CA SER D 380 -27.38 -33.07 -22.50
C SER D 380 -27.89 -32.12 -21.42
N LEU D 381 -27.57 -30.83 -21.54
CA LEU D 381 -27.90 -29.79 -20.54
C LEU D 381 -29.42 -29.61 -20.43
N ALA D 382 -30.19 -30.05 -21.41
CA ALA D 382 -31.67 -30.01 -21.36
C ALA D 382 -32.17 -30.90 -20.23
N ASP D 383 -31.39 -31.90 -19.83
CA ASP D 383 -31.76 -32.84 -18.73
C ASP D 383 -31.05 -32.44 -17.43
N CYS D 384 -30.26 -31.36 -17.40
CA CYS D 384 -29.51 -30.93 -16.18
C CYS D 384 -30.45 -30.15 -15.25
N ARG D 385 -31.34 -30.85 -14.56
CA ARG D 385 -32.37 -30.23 -13.67
C ARG D 385 -31.72 -29.62 -12.43
N SER D 386 -30.46 -29.95 -12.16
CA SER D 386 -29.67 -29.42 -11.00
C SER D 386 -29.35 -27.93 -11.17
N LEU D 387 -29.30 -27.41 -12.40
CA LEU D 387 -28.80 -26.03 -12.70
C LEU D 387 -29.68 -24.98 -12.00
N THR D 388 -29.04 -23.94 -11.45
CA THR D 388 -29.72 -22.80 -10.76
C THR D 388 -29.32 -21.47 -11.41
N ARG D 389 -28.07 -21.34 -11.86
CA ARG D 389 -27.57 -20.08 -12.47
C ARG D 389 -26.88 -20.41 -13.79
N ILE D 390 -27.41 -19.89 -14.91
CA ILE D 390 -26.85 -20.13 -16.27
C ILE D 390 -26.47 -18.77 -16.86
N ARG D 391 -25.18 -18.57 -17.14
CA ARG D 391 -24.66 -17.32 -17.72
C ARG D 391 -23.75 -17.65 -18.90
N LEU D 392 -24.33 -17.71 -20.11
CA LEU D 392 -23.61 -18.05 -21.37
C LEU D 392 -23.38 -16.77 -22.18
N ALA D 393 -23.57 -15.60 -21.58
CA ALA D 393 -23.57 -14.30 -22.27
C ALA D 393 -22.18 -13.92 -22.80
N TYR D 394 -22.14 -13.05 -23.81
CA TYR D 394 -20.91 -12.49 -24.43
C TYR D 394 -20.02 -13.62 -24.96
N ASN D 395 -20.60 -14.48 -25.81
CA ASN D 395 -19.92 -15.60 -26.50
C ASN D 395 -20.35 -15.58 -27.98
N ARG D 396 -19.90 -16.56 -28.77
CA ARG D 396 -20.19 -16.65 -30.22
C ARG D 396 -21.10 -17.85 -30.48
N PHE D 397 -21.99 -18.19 -29.54
CA PHE D 397 -22.92 -19.34 -29.67
C PHE D 397 -23.93 -19.09 -30.78
N SER D 398 -24.50 -20.17 -31.32
CA SER D 398 -25.54 -20.12 -32.37
C SER D 398 -26.54 -21.26 -32.19
N GLY D 399 -27.55 -21.32 -33.05
CA GLY D 399 -28.50 -22.44 -33.13
C GLY D 399 -29.64 -22.29 -32.15
N SER D 400 -30.65 -23.15 -32.28
CA SER D 400 -31.84 -23.18 -31.39
C SER D 400 -31.40 -23.65 -30.00
N VAL D 401 -31.91 -23.01 -28.95
CA VAL D 401 -31.72 -23.50 -27.56
C VAL D 401 -32.45 -24.83 -27.45
N PRO D 402 -31.84 -25.88 -26.85
CA PRO D 402 -32.55 -27.14 -26.66
C PRO D 402 -33.86 -26.87 -25.92
N THR D 403 -34.93 -27.57 -26.29
CA THR D 403 -36.29 -27.41 -25.74
C THR D 403 -36.25 -27.48 -24.21
N GLY D 404 -35.61 -28.51 -23.64
CA GLY D 404 -35.62 -28.74 -22.19
C GLY D 404 -34.94 -27.63 -21.41
N PHE D 405 -33.87 -27.05 -21.96
CA PHE D 405 -33.07 -25.99 -21.31
C PHE D 405 -33.99 -24.84 -20.85
N TRP D 406 -35.04 -24.54 -21.60
CA TRP D 406 -36.02 -23.47 -21.26
C TRP D 406 -36.79 -23.83 -19.99
N GLY D 407 -37.07 -25.12 -19.75
CA GLY D 407 -37.98 -25.56 -18.68
C GLY D 407 -37.25 -26.15 -17.48
N LEU D 408 -35.95 -25.93 -17.33
CA LEU D 408 -35.20 -26.44 -16.16
C LEU D 408 -35.82 -25.88 -14.88
N PRO D 409 -36.21 -26.74 -13.92
CA PRO D 409 -37.02 -26.34 -12.75
C PRO D 409 -36.39 -25.44 -11.68
N HIS D 410 -35.10 -25.54 -11.40
CA HIS D 410 -34.45 -24.80 -10.28
C HIS D 410 -33.64 -23.61 -10.79
N VAL D 411 -33.74 -23.26 -12.08
CA VAL D 411 -32.95 -22.14 -12.67
C VAL D 411 -33.59 -20.81 -12.26
N ASN D 412 -32.80 -19.97 -11.60
CA ASN D 412 -33.24 -18.64 -11.08
C ASN D 412 -32.88 -17.58 -12.14
N LEU D 413 -31.69 -17.68 -12.75
CA LEU D 413 -31.25 -16.74 -13.79
C LEU D 413 -30.84 -17.51 -15.04
N LEU D 414 -31.44 -17.16 -16.18
CA LEU D 414 -31.01 -17.65 -17.52
C LEU D 414 -30.56 -16.44 -18.33
N GLU D 415 -29.27 -16.36 -18.68
CA GLU D 415 -28.69 -15.20 -19.40
C GLU D 415 -27.98 -15.68 -20.66
N LEU D 416 -28.55 -15.40 -21.83
CA LEU D 416 -28.01 -15.82 -23.15
C LEU D 416 -27.61 -14.59 -23.97
N VAL D 417 -27.38 -13.44 -23.32
CA VAL D 417 -27.21 -12.12 -23.99
C VAL D 417 -25.95 -12.11 -24.87
N ASN D 418 -25.99 -11.35 -25.96
CA ASN D 418 -24.84 -11.08 -26.89
C ASN D 418 -24.31 -12.40 -27.48
N ASN D 419 -25.21 -13.24 -27.99
CA ASN D 419 -24.85 -14.45 -28.77
C ASN D 419 -25.60 -14.37 -30.10
N SER D 420 -25.56 -15.43 -30.91
CA SER D 420 -26.31 -15.52 -32.19
C SER D 420 -27.39 -16.58 -32.09
N PHE D 421 -27.95 -16.82 -30.91
CA PHE D 421 -28.97 -17.88 -30.71
C PHE D 421 -30.17 -17.60 -31.60
N SER D 422 -30.62 -18.64 -32.31
CA SER D 422 -31.80 -18.55 -33.22
C SER D 422 -32.93 -19.37 -32.62
N GLY D 423 -34.03 -19.50 -33.35
CA GLY D 423 -35.17 -20.34 -32.95
C GLY D 423 -36.15 -19.57 -32.10
N GLU D 424 -37.05 -20.29 -31.45
CA GLU D 424 -38.15 -19.71 -30.65
C GLU D 424 -37.95 -20.11 -29.18
N ILE D 425 -38.55 -19.36 -28.27
CA ILE D 425 -38.69 -19.82 -26.86
C ILE D 425 -39.74 -20.93 -26.88
N SER D 426 -39.39 -22.11 -26.37
CA SER D 426 -40.26 -23.30 -26.37
C SER D 426 -41.38 -23.12 -25.34
N LYS D 427 -42.48 -23.84 -25.51
CA LYS D 427 -43.60 -23.87 -24.55
C LYS D 427 -43.13 -24.50 -23.23
N SER D 428 -41.96 -25.15 -23.25
CA SER D 428 -41.33 -25.79 -22.07
C SER D 428 -40.97 -24.74 -21.01
N ILE D 429 -40.93 -23.45 -21.37
CA ILE D 429 -40.57 -22.33 -20.46
C ILE D 429 -41.52 -22.33 -19.25
N GLY D 430 -42.75 -22.85 -19.41
CA GLY D 430 -43.74 -22.94 -18.32
C GLY D 430 -43.21 -23.73 -17.13
N GLY D 431 -42.29 -24.67 -17.38
CA GLY D 431 -41.69 -25.56 -16.36
C GLY D 431 -40.67 -24.86 -15.48
N ALA D 432 -40.18 -23.68 -15.87
CA ALA D 432 -39.15 -22.93 -15.12
C ALA D 432 -39.80 -22.26 -13.90
N SER D 433 -40.15 -23.04 -12.89
CA SER D 433 -40.86 -22.57 -11.67
C SER D 433 -40.01 -21.56 -10.89
N ASN D 434 -38.68 -21.69 -10.89
CA ASN D 434 -37.78 -20.82 -10.09
C ASN D 434 -37.28 -19.61 -10.89
N LEU D 435 -37.63 -19.50 -12.18
CA LEU D 435 -37.04 -18.44 -13.05
C LEU D 435 -37.48 -17.07 -12.53
N SER D 436 -36.51 -16.22 -12.20
CA SER D 436 -36.74 -14.82 -11.76
C SER D 436 -36.24 -13.86 -12.83
N LEU D 437 -35.08 -14.14 -13.43
CA LEU D 437 -34.47 -13.22 -14.43
C LEU D 437 -34.27 -13.97 -15.76
N LEU D 438 -34.93 -13.51 -16.83
CA LEU D 438 -34.72 -14.02 -18.21
C LEU D 438 -34.12 -12.91 -19.06
N ILE D 439 -32.86 -13.07 -19.48
CA ILE D 439 -32.14 -12.05 -20.29
C ILE D 439 -31.69 -12.68 -21.61
N LEU D 440 -32.38 -12.38 -22.71
CA LEU D 440 -32.16 -13.00 -24.04
C LEU D 440 -31.74 -11.93 -25.05
N SER D 441 -31.34 -10.75 -24.58
CA SER D 441 -31.09 -9.56 -25.42
C SER D 441 -29.92 -9.79 -26.39
N ASN D 442 -29.97 -9.12 -27.54
CA ASN D 442 -28.90 -9.12 -28.58
C ASN D 442 -28.65 -10.55 -29.09
N ASN D 443 -29.71 -11.23 -29.52
CA ASN D 443 -29.63 -12.56 -30.18
C ASN D 443 -30.39 -12.51 -31.51
N GLU D 444 -30.61 -13.65 -32.17
CA GLU D 444 -31.38 -13.73 -33.45
C GLU D 444 -32.69 -14.50 -33.19
N PHE D 445 -33.23 -14.44 -31.97
CA PHE D 445 -34.45 -15.21 -31.58
C PHE D 445 -35.62 -14.73 -32.44
N THR D 446 -36.48 -15.67 -32.85
CA THR D 446 -37.67 -15.38 -33.71
C THR D 446 -38.92 -15.94 -33.04
N GLY D 447 -40.08 -15.54 -33.54
CA GLY D 447 -41.37 -16.16 -33.18
C GLY D 447 -42.13 -15.36 -32.15
N SER D 448 -43.35 -15.79 -31.88
CA SER D 448 -44.23 -15.19 -30.83
C SER D 448 -43.73 -15.65 -29.46
N LEU D 449 -43.87 -14.80 -28.44
CA LEU D 449 -43.61 -15.20 -27.03
C LEU D 449 -44.66 -16.25 -26.66
N PRO D 450 -44.25 -17.39 -26.08
CA PRO D 450 -45.19 -18.45 -25.73
C PRO D 450 -46.14 -18.04 -24.60
N GLU D 451 -47.37 -18.54 -24.63
CA GLU D 451 -48.41 -18.26 -23.61
C GLU D 451 -47.94 -18.76 -22.25
N GLU D 452 -47.06 -19.77 -22.23
CA GLU D 452 -46.56 -20.41 -20.98
C GLU D 452 -45.58 -19.47 -20.25
N ILE D 453 -45.09 -18.42 -20.91
CA ILE D 453 -44.21 -17.40 -20.25
C ILE D 453 -45.03 -16.75 -19.11
N GLY D 454 -46.34 -16.58 -19.29
CA GLY D 454 -47.24 -16.01 -18.26
C GLY D 454 -47.50 -16.99 -17.11
N SER D 455 -47.23 -18.27 -17.31
CA SER D 455 -47.31 -19.31 -16.25
C SER D 455 -46.23 -19.05 -15.20
N LEU D 456 -45.18 -18.29 -15.53
CA LEU D 456 -44.05 -17.98 -14.62
C LEU D 456 -44.44 -16.85 -13.65
N ASP D 457 -45.15 -17.19 -12.58
CA ASP D 457 -45.75 -16.22 -11.62
C ASP D 457 -44.66 -15.37 -10.95
N ASN D 458 -43.48 -15.94 -10.68
CA ASN D 458 -42.41 -15.25 -9.91
C ASN D 458 -41.41 -14.57 -10.85
N LEU D 459 -41.68 -14.47 -12.16
CA LEU D 459 -40.70 -13.84 -13.07
C LEU D 459 -40.59 -12.36 -12.71
N ASN D 460 -39.36 -11.88 -12.49
CA ASN D 460 -39.09 -10.50 -12.03
C ASN D 460 -38.56 -9.67 -13.20
N GLN D 461 -37.72 -10.24 -14.07
CA GLN D 461 -37.15 -9.49 -15.22
C GLN D 461 -37.34 -10.26 -16.52
N LEU D 462 -37.92 -9.62 -17.53
CA LEU D 462 -37.95 -10.15 -18.92
C LEU D 462 -37.25 -9.13 -19.82
N SER D 463 -36.04 -9.43 -20.27
CA SER D 463 -35.29 -8.55 -21.19
C SER D 463 -34.93 -9.33 -22.45
N ALA D 464 -35.59 -9.04 -23.57
CA ALA D 464 -35.44 -9.78 -24.84
C ALA D 464 -35.19 -8.79 -25.99
N SER D 465 -34.46 -7.71 -25.71
CA SER D 465 -34.21 -6.63 -26.70
C SER D 465 -33.30 -7.15 -27.82
N GLY D 466 -33.26 -6.44 -28.95
CA GLY D 466 -32.32 -6.73 -30.06
C GLY D 466 -32.53 -8.12 -30.64
N ASN D 467 -33.78 -8.54 -30.79
CA ASN D 467 -34.13 -9.88 -31.36
C ASN D 467 -35.10 -9.67 -32.54
N LYS D 468 -35.56 -10.76 -33.15
CA LYS D 468 -36.56 -10.70 -34.25
C LYS D 468 -37.86 -11.31 -33.76
N PHE D 469 -38.17 -11.17 -32.47
CA PHE D 469 -39.44 -11.66 -31.88
C PHE D 469 -40.60 -10.91 -32.55
N SER D 470 -41.72 -11.60 -32.77
CA SER D 470 -42.85 -11.02 -33.54
C SER D 470 -44.17 -11.43 -32.90
N GLY D 471 -45.25 -10.85 -33.42
CA GLY D 471 -46.64 -11.23 -33.08
C GLY D 471 -47.19 -10.42 -31.93
N SER D 472 -48.45 -10.66 -31.58
CA SER D 472 -49.13 -9.99 -30.46
C SER D 472 -48.54 -10.54 -29.16
N LEU D 473 -48.41 -9.69 -28.13
CA LEU D 473 -48.00 -10.15 -26.79
C LEU D 473 -49.03 -11.16 -26.29
N PRO D 474 -48.60 -12.30 -25.70
CA PRO D 474 -49.55 -13.25 -25.13
C PRO D 474 -50.35 -12.59 -24.00
N ASP D 475 -51.63 -12.93 -23.88
CA ASP D 475 -52.51 -12.36 -22.83
C ASP D 475 -51.95 -12.70 -21.44
N SER D 476 -51.29 -13.85 -21.31
CA SER D 476 -50.70 -14.35 -20.05
C SER D 476 -49.62 -13.40 -19.53
N LEU D 477 -48.89 -12.70 -20.42
CA LEU D 477 -47.75 -11.82 -20.01
C LEU D 477 -48.27 -10.76 -19.02
N MET D 478 -49.49 -10.28 -19.23
CA MET D 478 -50.13 -9.26 -18.37
C MET D 478 -50.48 -9.85 -16.99
N SER D 479 -50.45 -11.17 -16.84
CA SER D 479 -50.75 -11.85 -15.55
C SER D 479 -49.53 -11.85 -14.62
N LEU D 480 -48.35 -11.43 -15.10
CA LEU D 480 -47.10 -11.47 -14.30
C LEU D 480 -47.04 -10.27 -13.35
N GLY D 481 -47.43 -10.48 -12.09
CA GLY D 481 -47.56 -9.39 -11.10
C GLY D 481 -46.28 -9.15 -10.32
N GLU D 482 -45.25 -9.98 -10.53
CA GLU D 482 -43.95 -9.83 -9.84
C GLU D 482 -42.92 -9.24 -10.81
N LEU D 483 -43.37 -8.87 -12.02
CA LEU D 483 -42.45 -8.38 -13.08
C LEU D 483 -42.05 -6.93 -12.77
N GLY D 484 -40.75 -6.68 -12.62
CA GLY D 484 -40.22 -5.33 -12.37
C GLY D 484 -39.66 -4.70 -13.63
N THR D 485 -39.12 -5.50 -14.54
CA THR D 485 -38.53 -4.98 -15.80
C THR D 485 -39.08 -5.77 -16.98
N LEU D 486 -39.71 -5.07 -17.94
CA LEU D 486 -40.10 -5.66 -19.24
C LEU D 486 -39.46 -4.82 -20.35
N ASP D 487 -38.44 -5.36 -20.99
CA ASP D 487 -37.71 -4.66 -22.09
C ASP D 487 -37.78 -5.54 -23.33
N LEU D 488 -38.58 -5.12 -24.32
CA LEU D 488 -38.79 -5.86 -25.58
C LEU D 488 -38.40 -4.95 -26.77
N HIS D 489 -37.53 -3.97 -26.54
CA HIS D 489 -37.16 -2.97 -27.57
C HIS D 489 -36.33 -3.66 -28.65
N GLY D 490 -36.34 -3.11 -29.88
CA GLY D 490 -35.61 -3.65 -31.04
C GLY D 490 -36.14 -5.02 -31.45
N ASN D 491 -37.46 -5.14 -31.59
CA ASN D 491 -38.12 -6.39 -32.04
C ASN D 491 -39.17 -6.06 -33.11
N GLN D 492 -39.93 -7.06 -33.52
CA GLN D 492 -40.98 -6.92 -34.56
C GLN D 492 -42.35 -7.20 -33.94
N PHE D 493 -42.51 -6.91 -32.64
CA PHE D 493 -43.78 -7.17 -31.92
C PHE D 493 -44.87 -6.30 -32.53
N SER D 494 -46.08 -6.85 -32.64
CA SER D 494 -47.23 -6.17 -33.26
C SER D 494 -48.44 -6.29 -32.33
N GLY D 495 -49.54 -5.64 -32.70
CA GLY D 495 -50.82 -5.77 -31.98
C GLY D 495 -50.97 -4.65 -30.96
N GLU D 496 -51.96 -4.78 -30.08
CA GLU D 496 -52.33 -3.70 -29.14
C GLU D 496 -52.09 -4.14 -27.71
N LEU D 497 -51.74 -3.18 -26.85
CA LEU D 497 -51.71 -3.38 -25.38
C LEU D 497 -53.15 -3.40 -24.91
N THR D 498 -53.42 -4.03 -23.77
CA THR D 498 -54.79 -4.25 -23.24
C THR D 498 -54.90 -3.62 -21.85
N SER D 499 -56.13 -3.59 -21.32
CA SER D 499 -56.47 -3.13 -19.96
C SER D 499 -55.75 -4.00 -18.92
N GLY D 500 -55.36 -5.22 -19.31
CA GLY D 500 -54.69 -6.19 -18.42
C GLY D 500 -53.35 -5.70 -17.92
N ILE D 501 -52.78 -4.65 -18.53
CA ILE D 501 -51.45 -4.08 -18.11
C ILE D 501 -51.56 -3.58 -16.67
N LYS D 502 -52.77 -3.34 -16.18
CA LYS D 502 -53.03 -2.87 -14.79
C LYS D 502 -52.48 -3.87 -13.79
N SER D 503 -52.42 -5.16 -14.13
CA SER D 503 -51.93 -6.24 -13.24
C SER D 503 -50.40 -6.15 -13.06
N TRP D 504 -49.70 -5.34 -13.88
CA TRP D 504 -48.24 -5.11 -13.71
C TRP D 504 -48.00 -4.11 -12.59
N LYS D 505 -48.46 -4.44 -11.38
CA LYS D 505 -48.43 -3.51 -10.22
C LYS D 505 -46.99 -3.25 -9.77
N LYS D 506 -46.08 -4.21 -9.96
CA LYS D 506 -44.68 -4.08 -9.47
C LYS D 506 -43.74 -3.70 -10.62
N LEU D 507 -44.27 -3.24 -11.76
CA LEU D 507 -43.44 -2.95 -12.96
C LEU D 507 -42.77 -1.58 -12.82
N ASN D 508 -41.45 -1.55 -12.84
CA ASN D 508 -40.64 -0.31 -12.70
C ASN D 508 -40.29 0.23 -14.10
N GLU D 509 -40.04 -0.66 -15.05
CA GLU D 509 -39.62 -0.25 -16.42
C GLU D 509 -40.46 -1.01 -17.46
N LEU D 510 -41.09 -0.27 -18.39
CA LEU D 510 -41.74 -0.87 -19.58
C LEU D 510 -41.09 -0.26 -20.81
N ASN D 511 -40.37 -1.06 -21.60
CA ASN D 511 -39.69 -0.57 -22.83
C ASN D 511 -40.16 -1.42 -24.02
N LEU D 512 -40.99 -0.83 -24.88
CA LEU D 512 -41.55 -1.51 -26.07
C LEU D 512 -41.10 -0.76 -27.33
N ALA D 513 -40.00 0.00 -27.21
CA ALA D 513 -39.48 0.88 -28.29
C ALA D 513 -39.04 0.07 -29.51
N ASP D 514 -39.05 0.70 -30.69
CA ASP D 514 -38.60 0.10 -31.98
C ASP D 514 -39.34 -1.23 -32.21
N ASN D 515 -40.66 -1.21 -32.14
CA ASN D 515 -41.50 -2.38 -32.49
C ASN D 515 -42.54 -1.93 -33.53
N GLU D 516 -43.60 -2.71 -33.73
CA GLU D 516 -44.70 -2.37 -34.66
C GLU D 516 -46.02 -2.41 -33.91
N PHE D 517 -46.02 -1.98 -32.65
CA PHE D 517 -47.24 -1.96 -31.78
C PHE D 517 -48.24 -0.95 -32.35
N THR D 518 -49.53 -1.27 -32.29
CA THR D 518 -50.63 -0.41 -32.79
C THR D 518 -51.67 -0.24 -31.68
N GLY D 519 -52.67 0.62 -31.90
CA GLY D 519 -53.79 0.84 -30.97
C GLY D 519 -53.50 1.98 -30.01
N LYS D 520 -54.42 2.22 -29.07
CA LYS D 520 -54.30 3.30 -28.06
C LYS D 520 -53.41 2.81 -26.91
N ILE D 521 -52.76 3.75 -26.23
CA ILE D 521 -52.07 3.46 -24.93
C ILE D 521 -53.19 3.27 -23.90
N PRO D 522 -53.26 2.11 -23.22
CA PRO D 522 -54.36 1.82 -22.30
C PRO D 522 -54.40 2.84 -21.14
N ASP D 523 -55.60 3.21 -20.70
CA ASP D 523 -55.83 4.19 -19.61
C ASP D 523 -55.28 3.62 -18.30
N GLU D 524 -55.02 2.31 -18.25
CA GLU D 524 -54.56 1.61 -17.02
C GLU D 524 -53.06 1.84 -16.80
N ILE D 525 -52.39 2.60 -17.67
CA ILE D 525 -50.94 2.90 -17.53
C ILE D 525 -50.70 3.66 -16.21
N GLY D 526 -51.63 4.53 -15.80
CA GLY D 526 -51.56 5.28 -14.54
C GLY D 526 -51.66 4.39 -13.32
N SER D 527 -52.30 3.22 -13.44
CA SER D 527 -52.50 2.25 -12.33
C SER D 527 -51.16 1.65 -11.89
N LEU D 528 -50.10 1.77 -12.68
CA LEU D 528 -48.79 1.15 -12.37
C LEU D 528 -48.05 2.05 -11.37
N SER D 529 -48.15 1.72 -10.08
CA SER D 529 -47.66 2.54 -8.94
C SER D 529 -46.14 2.78 -9.02
N VAL D 530 -45.36 1.77 -9.40
CA VAL D 530 -43.87 1.84 -9.31
C VAL D 530 -43.26 2.08 -10.70
N LEU D 531 -44.07 2.43 -11.71
CA LEU D 531 -43.56 2.74 -13.08
C LEU D 531 -42.85 4.09 -13.06
N ASN D 532 -41.54 4.10 -13.32
CA ASN D 532 -40.71 5.32 -13.36
C ASN D 532 -40.04 5.48 -14.72
N TYR D 533 -40.00 4.42 -15.54
CA TYR D 533 -39.38 4.45 -16.89
C TYR D 533 -40.35 3.85 -17.92
N LEU D 534 -40.81 4.67 -18.87
CA LEU D 534 -41.74 4.22 -19.93
C LEU D 534 -41.21 4.65 -21.29
N ASP D 535 -40.90 3.69 -22.15
CA ASP D 535 -40.47 3.96 -23.55
C ASP D 535 -41.40 3.21 -24.50
N LEU D 536 -42.26 3.93 -25.21
CA LEU D 536 -43.17 3.37 -26.24
C LEU D 536 -42.81 4.00 -27.59
N SER D 537 -41.59 4.53 -27.71
CA SER D 537 -41.12 5.26 -28.92
C SER D 537 -40.96 4.28 -30.09
N GLY D 538 -40.93 4.81 -31.32
CA GLY D 538 -40.72 4.02 -32.54
C GLY D 538 -41.76 2.92 -32.69
N ASN D 539 -43.05 3.25 -32.48
CA ASN D 539 -44.16 2.31 -32.73
C ASN D 539 -45.21 3.02 -33.59
N MET D 540 -46.43 2.49 -33.63
CA MET D 540 -47.55 3.14 -34.36
C MET D 540 -48.72 3.31 -33.39
N PHE D 541 -48.42 3.64 -32.12
CA PHE D 541 -49.45 3.88 -31.08
C PHE D 541 -50.28 5.08 -31.51
N SER D 542 -51.60 4.99 -31.36
CA SER D 542 -52.56 5.99 -31.91
C SER D 542 -53.52 6.45 -30.83
N GLY D 543 -54.20 7.58 -31.06
CA GLY D 543 -55.22 8.12 -30.14
C GLY D 543 -54.64 9.18 -29.22
N LYS D 544 -55.40 9.58 -28.19
CA LYS D 544 -54.99 10.62 -27.22
C LYS D 544 -54.14 9.97 -26.13
N ILE D 545 -53.05 10.64 -25.72
CA ILE D 545 -52.24 10.21 -24.54
C ILE D 545 -53.17 10.22 -23.34
N PRO D 546 -53.27 9.10 -22.59
CA PRO D 546 -54.21 9.01 -21.48
C PRO D 546 -53.90 10.03 -20.38
N VAL D 547 -54.95 10.57 -19.75
CA VAL D 547 -54.83 11.57 -18.67
C VAL D 547 -54.20 10.91 -17.43
N SER D 548 -54.38 9.60 -17.28
CA SER D 548 -53.85 8.80 -16.14
C SER D 548 -52.32 8.91 -16.05
N LEU D 549 -51.64 9.19 -17.17
CA LEU D 549 -50.17 9.28 -17.22
C LEU D 549 -49.67 10.36 -16.25
N GLN D 550 -50.46 11.40 -16.00
CA GLN D 550 -50.04 12.54 -15.12
C GLN D 550 -49.98 12.05 -13.66
N SER D 551 -50.74 11.01 -13.28
CA SER D 551 -50.69 10.39 -11.94
C SER D 551 -49.28 9.83 -11.67
N LEU D 552 -48.64 9.28 -12.70
CA LEU D 552 -47.32 8.59 -12.57
C LEU D 552 -46.22 9.62 -12.30
N LYS D 553 -45.24 9.24 -11.48
CA LYS D 553 -43.99 10.04 -11.28
C LYS D 553 -42.92 9.36 -12.13
N LEU D 554 -42.71 9.83 -13.36
CA LEU D 554 -41.82 9.17 -14.34
C LEU D 554 -40.50 9.95 -14.40
N ASN D 555 -39.38 9.23 -14.33
CA ASN D 555 -38.04 9.84 -14.50
C ASN D 555 -37.66 9.73 -15.98
N GLN D 556 -38.28 8.82 -16.73
CA GLN D 556 -38.07 8.66 -18.19
C GLN D 556 -39.42 8.50 -18.87
N LEU D 557 -39.71 9.31 -19.89
CA LEU D 557 -40.90 9.13 -20.76
C LEU D 557 -40.50 9.35 -22.21
N ASN D 558 -40.74 8.39 -23.08
CA ASN D 558 -40.62 8.59 -24.54
C ASN D 558 -41.84 8.02 -25.24
N LEU D 559 -42.64 8.88 -25.86
CA LEU D 559 -43.79 8.50 -26.70
C LEU D 559 -43.52 8.97 -28.13
N SER D 560 -42.26 9.25 -28.45
CA SER D 560 -41.82 9.85 -29.73
C SER D 560 -42.01 8.87 -30.88
N TYR D 561 -42.20 9.40 -32.09
CA TYR D 561 -42.31 8.64 -33.36
C TYR D 561 -43.45 7.61 -33.23
N ASN D 562 -44.66 8.09 -32.97
CA ASN D 562 -45.90 7.27 -33.02
C ASN D 562 -46.93 8.02 -33.86
N ARG D 563 -48.21 7.64 -33.74
CA ARG D 563 -49.34 8.31 -34.44
C ARG D 563 -50.28 8.96 -33.42
N LEU D 564 -49.76 9.34 -32.24
CA LEU D 564 -50.58 9.90 -31.14
C LEU D 564 -51.14 11.25 -31.59
N SER D 565 -52.40 11.49 -31.24
CA SER D 565 -53.16 12.70 -31.66
C SER D 565 -53.80 13.34 -30.44
N GLY D 566 -54.27 14.57 -30.62
CA GLY D 566 -54.95 15.40 -29.60
C GLY D 566 -53.99 16.37 -28.95
N ASP D 567 -54.29 16.70 -27.69
CA ASP D 567 -53.59 17.70 -26.85
C ASP D 567 -52.76 16.99 -25.78
N LEU D 568 -51.57 17.56 -25.51
CA LEU D 568 -50.67 17.25 -24.37
C LEU D 568 -51.35 17.73 -23.09
N PRO D 569 -51.75 16.82 -22.17
CA PRO D 569 -52.32 17.21 -20.88
C PRO D 569 -51.48 18.29 -20.20
N PRO D 570 -52.09 19.22 -19.43
CA PRO D 570 -51.39 20.42 -18.96
C PRO D 570 -50.08 20.11 -18.21
N SER D 571 -50.09 19.05 -17.39
CA SER D 571 -48.95 18.59 -16.57
C SER D 571 -47.78 18.16 -17.47
N LEU D 572 -48.07 17.54 -18.61
CA LEU D 572 -47.05 16.99 -19.56
C LEU D 572 -46.66 18.05 -20.60
N ALA D 573 -47.36 19.19 -20.65
CA ALA D 573 -47.04 20.34 -21.54
C ALA D 573 -46.00 21.23 -20.86
N LYS D 574 -44.71 20.88 -21.01
CA LYS D 574 -43.56 21.58 -20.35
C LYS D 574 -42.29 21.37 -21.19
N ASP D 575 -41.19 22.01 -20.77
CA ASP D 575 -39.88 22.05 -21.48
C ASP D 575 -39.08 20.77 -21.19
N MET D 576 -39.35 20.10 -20.06
CA MET D 576 -38.67 18.84 -19.65
C MET D 576 -39.14 17.68 -20.54
N TYR D 577 -40.30 17.81 -21.18
CA TYR D 577 -40.92 16.75 -22.01
C TYR D 577 -40.80 17.10 -23.50
N LYS D 578 -39.87 17.98 -23.87
CA LYS D 578 -39.71 18.44 -25.27
C LYS D 578 -39.33 17.26 -26.18
N ASN D 579 -38.49 16.33 -25.72
CA ASN D 579 -38.01 15.20 -26.55
C ASN D 579 -38.88 13.96 -26.34
N SER D 580 -39.93 14.05 -25.52
CA SER D 580 -40.79 12.89 -25.17
C SER D 580 -41.89 12.69 -26.21
N PHE D 581 -42.31 13.75 -26.92
CA PHE D 581 -43.50 13.69 -27.83
C PHE D 581 -43.16 14.07 -29.27
N ILE D 582 -41.88 14.10 -29.66
CA ILE D 582 -41.43 14.42 -31.06
C ILE D 582 -41.94 13.33 -32.00
N GLY D 583 -42.19 13.66 -33.27
CA GLY D 583 -42.56 12.69 -34.31
C GLY D 583 -43.99 12.19 -34.20
N ASN D 584 -44.86 12.90 -33.46
CA ASN D 584 -46.31 12.64 -33.48
C ASN D 584 -47.00 13.82 -34.18
N PRO D 585 -47.36 13.68 -35.48
CA PRO D 585 -47.87 14.82 -36.25
C PRO D 585 -49.20 15.38 -35.76
N GLY D 586 -50.13 14.53 -35.32
CA GLY D 586 -51.45 14.93 -34.80
C GLY D 586 -51.36 15.59 -33.44
N LEU D 587 -50.19 15.52 -32.80
CA LEU D 587 -50.01 16.01 -31.41
C LEU D 587 -49.51 17.46 -31.43
N CYS D 588 -50.11 18.33 -30.61
CA CYS D 588 -49.66 19.73 -30.33
C CYS D 588 -49.96 20.13 -28.88
N GLY D 589 -48.98 20.71 -28.20
CA GLY D 589 -49.10 21.27 -26.84
C GLY D 589 -48.42 22.62 -26.73
N ASP D 590 -48.19 23.11 -25.50
CA ASP D 590 -47.55 24.43 -25.21
C ASP D 590 -46.04 24.22 -25.05
N ILE D 591 -45.39 23.56 -26.02
CA ILE D 591 -43.91 23.29 -26.04
C ILE D 591 -43.30 24.04 -27.22
N LYS D 592 -42.30 24.89 -26.96
CA LYS D 592 -41.68 25.81 -27.95
C LYS D 592 -40.76 25.01 -28.87
N GLY D 593 -41.30 24.51 -29.99
CA GLY D 593 -40.55 23.74 -31.02
C GLY D 593 -41.33 22.57 -31.58
N LEU D 594 -42.33 22.06 -30.84
CA LEU D 594 -43.14 20.87 -31.24
C LEU D 594 -43.89 21.18 -32.54
N CYS D 595 -44.77 22.21 -32.51
CA CYS D 595 -45.56 22.69 -33.67
C CYS D 595 -46.01 24.14 -33.44
N ASN E 8 -17.62 -6.26 -5.97
CA ASN E 8 -16.75 -5.05 -6.11
C ASN E 8 -17.15 -4.04 -5.03
N LEU E 9 -16.59 -2.83 -5.07
CA LEU E 9 -16.88 -1.76 -4.08
C LEU E 9 -18.36 -1.37 -4.14
N GLU E 10 -18.94 -1.30 -5.34
CA GLU E 10 -20.36 -0.89 -5.53
C GLU E 10 -21.28 -1.93 -4.88
N GLY E 11 -21.00 -3.22 -5.12
CA GLY E 11 -21.72 -4.34 -4.48
C GLY E 11 -21.61 -4.30 -2.97
N ASP E 12 -20.40 -4.04 -2.46
CA ASP E 12 -20.14 -3.95 -1.00
C ASP E 12 -20.99 -2.83 -0.40
N ALA E 13 -20.97 -1.64 -1.03
CA ALA E 13 -21.75 -0.47 -0.61
C ALA E 13 -23.24 -0.82 -0.54
N LEU E 14 -23.77 -1.48 -1.57
CA LEU E 14 -25.22 -1.83 -1.61
C LEU E 14 -25.51 -2.90 -0.55
N HIS E 15 -24.57 -3.81 -0.29
CA HIS E 15 -24.75 -4.85 0.76
C HIS E 15 -24.79 -4.19 2.13
N THR E 16 -23.92 -3.21 2.37
CA THR E 16 -23.92 -2.41 3.62
C THR E 16 -25.32 -1.82 3.84
N LEU E 17 -25.95 -1.30 2.77
CA LEU E 17 -27.33 -0.75 2.85
C LEU E 17 -28.30 -1.89 3.23
N ARG E 18 -28.14 -3.07 2.65
CA ARG E 18 -29.03 -4.23 2.90
C ARG E 18 -29.03 -4.57 4.39
N VAL E 19 -27.85 -4.62 5.02
CA VAL E 19 -27.72 -5.05 6.45
C VAL E 19 -28.35 -3.97 7.35
N THR E 20 -28.23 -2.71 6.95
CA THR E 20 -28.77 -1.53 7.69
C THR E 20 -30.29 -1.45 7.53
N LEU E 21 -30.82 -1.87 6.39
CA LEU E 21 -32.29 -1.79 6.11
C LEU E 21 -32.98 -3.02 6.70
N VAL E 22 -34.27 -2.90 7.01
CA VAL E 22 -35.13 -4.04 7.47
C VAL E 22 -36.01 -4.41 6.27
N ASP E 23 -36.00 -5.69 5.88
CA ASP E 23 -36.58 -6.15 4.59
C ASP E 23 -37.56 -7.30 4.86
N PRO E 24 -38.79 -6.99 5.35
CA PRO E 24 -39.77 -8.02 5.69
C PRO E 24 -40.15 -8.96 4.54
N ASN E 25 -40.23 -8.46 3.30
CA ASN E 25 -40.68 -9.25 2.12
C ASN E 25 -39.48 -9.78 1.32
N ASN E 26 -38.26 -9.64 1.84
CA ASN E 26 -37.01 -10.20 1.25
C ASN E 26 -36.87 -9.74 -0.20
N VAL E 27 -37.10 -8.45 -0.48
CA VAL E 27 -36.90 -7.85 -1.84
C VAL E 27 -35.40 -7.82 -2.17
N LEU E 28 -34.51 -7.87 -1.16
CA LEU E 28 -33.03 -7.80 -1.36
C LEU E 28 -32.42 -9.20 -1.31
N GLN E 29 -33.22 -10.25 -1.48
CA GLN E 29 -32.79 -11.67 -1.42
C GLN E 29 -31.67 -11.97 -2.42
N SER E 30 -31.72 -11.37 -3.60
CA SER E 30 -30.75 -11.59 -4.71
C SER E 30 -29.46 -10.82 -4.46
N TRP E 31 -29.38 -9.98 -3.42
CA TRP E 31 -28.21 -9.10 -3.21
C TRP E 31 -27.07 -9.91 -2.59
N ASP E 32 -26.44 -10.78 -3.39
CA ASP E 32 -25.38 -11.72 -2.93
C ASP E 32 -24.03 -11.04 -3.05
N PRO E 33 -23.34 -10.76 -1.92
CA PRO E 33 -22.05 -10.05 -1.96
C PRO E 33 -20.92 -10.86 -2.59
N THR E 34 -21.09 -12.17 -2.73
CA THR E 34 -20.09 -13.08 -3.34
C THR E 34 -19.99 -12.82 -4.84
N LEU E 35 -21.01 -12.22 -5.45
CA LEU E 35 -21.03 -11.92 -6.91
C LEU E 35 -19.97 -10.87 -7.22
N VAL E 36 -19.39 -10.96 -8.42
CA VAL E 36 -18.28 -10.08 -8.88
C VAL E 36 -18.79 -8.64 -8.92
N ASN E 37 -20.04 -8.43 -9.34
CA ASN E 37 -20.71 -7.11 -9.40
C ASN E 37 -22.18 -7.31 -9.08
N PRO E 38 -22.94 -6.25 -8.72
CA PRO E 38 -24.36 -6.39 -8.37
C PRO E 38 -25.34 -6.23 -9.54
N CYS E 39 -24.84 -6.31 -10.76
CA CYS E 39 -25.65 -6.00 -11.98
C CYS E 39 -26.76 -7.04 -12.17
N THR E 40 -26.55 -8.31 -11.78
CA THR E 40 -27.58 -9.37 -11.88
C THR E 40 -28.51 -9.35 -10.66
N TRP E 41 -28.21 -8.52 -9.65
CA TRP E 41 -29.13 -8.33 -8.49
C TRP E 41 -30.43 -7.72 -9.01
N PHE E 42 -31.58 -8.23 -8.58
CA PHE E 42 -32.88 -7.61 -8.90
C PHE E 42 -32.94 -6.27 -8.17
N HIS E 43 -33.54 -5.25 -8.80
CA HIS E 43 -33.68 -3.87 -8.27
C HIS E 43 -32.36 -3.09 -8.47
N VAL E 44 -31.37 -3.66 -9.16
CA VAL E 44 -30.12 -2.95 -9.52
C VAL E 44 -29.98 -3.00 -11.05
N THR E 45 -29.88 -1.84 -11.68
CA THR E 45 -29.57 -1.73 -13.13
C THR E 45 -28.16 -1.18 -13.26
N CYS E 46 -27.36 -1.79 -14.11
CA CYS E 46 -25.96 -1.38 -14.40
C CYS E 46 -25.85 -0.85 -15.83
N ASN E 47 -24.78 -0.12 -16.14
CA ASN E 47 -24.48 0.36 -17.51
C ASN E 47 -23.68 -0.72 -18.24
N ASN E 48 -23.29 -0.45 -19.49
CA ASN E 48 -22.52 -1.41 -20.34
C ASN E 48 -21.14 -1.65 -19.74
N GLU E 49 -20.64 -0.75 -18.88
CA GLU E 49 -19.34 -0.93 -18.19
C GLU E 49 -19.57 -1.58 -16.81
N ASN E 50 -20.77 -2.10 -16.55
CA ASN E 50 -21.14 -2.86 -15.32
C ASN E 50 -21.03 -1.96 -14.07
N SER E 51 -21.32 -0.67 -14.19
CA SER E 51 -21.39 0.26 -13.04
C SER E 51 -22.87 0.58 -12.77
N VAL E 52 -23.26 0.66 -11.50
CA VAL E 52 -24.70 0.82 -11.13
C VAL E 52 -25.17 2.21 -11.59
N ILE E 53 -26.29 2.25 -12.30
CA ILE E 53 -26.91 3.53 -12.76
C ILE E 53 -28.30 3.67 -12.13
N ARG E 54 -28.93 2.58 -11.70
CA ARG E 54 -30.26 2.68 -11.04
C ARG E 54 -30.38 1.72 -9.86
N VAL E 55 -30.99 2.20 -8.77
CA VAL E 55 -31.47 1.34 -7.65
C VAL E 55 -32.97 1.56 -7.56
N ASP E 56 -33.78 0.52 -7.73
CA ASP E 56 -35.25 0.67 -7.82
C ASP E 56 -35.91 -0.11 -6.68
N LEU E 57 -36.14 0.55 -5.54
CA LEU E 57 -36.63 -0.10 -4.30
C LEU E 57 -37.90 0.58 -3.78
N GLY E 58 -38.68 1.23 -4.65
CA GLY E 58 -39.94 1.91 -4.28
C GLY E 58 -41.01 0.93 -3.84
N ASN E 59 -41.83 1.31 -2.86
CA ASN E 59 -43.03 0.57 -2.38
C ASN E 59 -42.65 -0.88 -2.04
N ALA E 60 -41.60 -1.09 -1.25
CA ALA E 60 -41.06 -2.43 -0.94
C ALA E 60 -41.24 -2.80 0.55
N GLU E 61 -41.92 -1.94 1.31
CA GLU E 61 -42.13 -2.09 2.78
C GLU E 61 -40.78 -2.12 3.49
N LEU E 62 -39.77 -1.44 2.96
CA LEU E 62 -38.42 -1.34 3.58
C LEU E 62 -38.50 -0.35 4.75
N SER E 63 -37.87 -0.71 5.86
CA SER E 63 -37.70 0.17 7.04
C SER E 63 -36.21 0.20 7.38
N GLY E 64 -35.82 0.92 8.42
CA GLY E 64 -34.39 1.05 8.79
C GLY E 64 -33.83 2.36 8.29
N HIS E 65 -32.52 2.44 8.09
CA HIS E 65 -31.88 3.74 7.71
C HIS E 65 -30.94 3.55 6.53
N LEU E 66 -30.64 4.66 5.86
CA LEU E 66 -29.69 4.70 4.73
C LEU E 66 -28.27 4.72 5.25
N VAL E 67 -27.29 4.56 4.37
CA VAL E 67 -25.85 4.47 4.75
C VAL E 67 -25.09 5.50 3.93
N PRO E 68 -24.00 6.07 4.48
CA PRO E 68 -23.12 6.98 3.72
C PRO E 68 -22.44 6.26 2.55
N GLU E 69 -22.38 4.93 2.59
CA GLU E 69 -21.68 4.10 1.58
C GLU E 69 -22.35 4.24 0.21
N LEU E 70 -23.61 4.68 0.15
CA LEU E 70 -24.33 4.91 -1.14
C LEU E 70 -23.55 5.91 -2.00
N GLY E 71 -22.74 6.78 -1.37
CA GLY E 71 -21.95 7.81 -2.06
C GLY E 71 -20.92 7.24 -3.03
N VAL E 72 -20.50 5.98 -2.84
CA VAL E 72 -19.42 5.33 -3.67
C VAL E 72 -19.95 5.02 -5.07
N LEU E 73 -21.28 5.05 -5.28
CA LEU E 73 -21.91 4.76 -6.58
C LEU E 73 -21.77 5.97 -7.51
N LYS E 74 -20.58 6.18 -8.09
CA LYS E 74 -20.21 7.40 -8.87
C LYS E 74 -21.11 7.55 -10.10
N ASN E 75 -21.56 6.47 -10.72
CA ASN E 75 -22.33 6.51 -11.99
C ASN E 75 -23.83 6.42 -11.73
N LEU E 76 -24.29 6.38 -10.47
CA LEU E 76 -25.73 6.19 -10.16
C LEU E 76 -26.53 7.40 -10.67
N GLN E 77 -27.61 7.16 -11.39
CA GLN E 77 -28.45 8.22 -11.99
C GLN E 77 -29.84 8.24 -11.34
N TYR E 78 -30.35 7.09 -10.90
CA TYR E 78 -31.74 7.04 -10.35
C TYR E 78 -31.73 6.28 -9.03
N LEU E 79 -32.01 6.98 -7.93
CA LEU E 79 -32.18 6.37 -6.59
C LEU E 79 -33.66 6.41 -6.24
N GLU E 80 -34.32 5.27 -6.23
CA GLU E 80 -35.78 5.18 -6.00
C GLU E 80 -36.03 4.43 -4.71
N LEU E 81 -36.22 5.17 -3.60
CA LEU E 81 -36.40 4.57 -2.25
C LEU E 81 -37.75 5.03 -1.69
N TYR E 82 -38.65 5.49 -2.57
CA TYR E 82 -39.95 6.11 -2.17
C TYR E 82 -40.95 5.05 -1.68
N SER E 83 -42.05 5.50 -1.08
CA SER E 83 -43.15 4.64 -0.55
C SER E 83 -42.57 3.52 0.32
N ASN E 84 -41.82 3.88 1.37
CA ASN E 84 -41.23 2.94 2.35
C ASN E 84 -41.31 3.58 3.74
N ASN E 85 -40.77 2.93 4.76
CA ASN E 85 -40.77 3.47 6.15
C ASN E 85 -39.32 3.73 6.59
N ILE E 86 -38.45 4.12 5.65
CA ILE E 86 -37.04 4.44 5.98
C ILE E 86 -37.03 5.65 6.92
N THR E 87 -36.29 5.56 8.02
CA THR E 87 -36.19 6.64 9.05
C THR E 87 -34.74 7.12 9.11
N GLY E 88 -34.51 8.19 9.87
CA GLY E 88 -33.16 8.72 10.13
C GLY E 88 -32.80 9.80 9.11
N PRO E 89 -31.56 10.31 9.18
CA PRO E 89 -31.14 11.42 8.31
C PRO E 89 -30.87 11.01 6.86
N ILE E 90 -31.08 11.94 5.94
CA ILE E 90 -30.62 11.79 4.53
C ILE E 90 -29.10 11.94 4.58
N PRO E 91 -28.30 10.93 4.16
CA PRO E 91 -26.85 11.02 4.26
C PRO E 91 -26.30 12.18 3.41
N SER E 92 -25.34 12.93 3.97
CA SER E 92 -24.63 14.02 3.27
C SER E 92 -23.84 13.45 2.09
N ASN E 93 -23.40 12.19 2.19
CA ASN E 93 -22.52 11.58 1.15
C ASN E 93 -23.32 11.37 -0.15
N LEU E 94 -24.65 11.45 -0.12
CA LEU E 94 -25.48 11.42 -1.35
C LEU E 94 -25.05 12.55 -2.28
N GLY E 95 -24.48 13.63 -1.75
CA GLY E 95 -23.94 14.74 -2.54
C GLY E 95 -22.74 14.33 -3.39
N ASN E 96 -22.14 13.19 -3.09
CA ASN E 96 -20.98 12.67 -3.85
C ASN E 96 -21.46 11.88 -5.08
N LEU E 97 -22.78 11.71 -5.25
CA LEU E 97 -23.37 11.06 -6.45
C LEU E 97 -23.39 12.07 -7.60
N THR E 98 -22.26 12.28 -8.26
CA THR E 98 -22.03 13.35 -9.28
C THR E 98 -23.02 13.22 -10.44
N ASN E 99 -23.36 11.99 -10.87
CA ASN E 99 -24.16 11.76 -12.09
C ASN E 99 -25.64 11.56 -11.74
N LEU E 100 -26.07 11.81 -10.49
CA LEU E 100 -27.46 11.52 -10.07
C LEU E 100 -28.43 12.43 -10.82
N VAL E 101 -29.45 11.85 -11.43
CA VAL E 101 -30.50 12.59 -12.18
C VAL E 101 -31.77 12.64 -11.33
N SER E 102 -32.09 11.55 -10.62
CA SER E 102 -33.29 11.50 -9.76
C SER E 102 -32.95 11.10 -8.32
N LEU E 103 -33.38 11.89 -7.34
CA LEU E 103 -33.35 11.50 -5.90
C LEU E 103 -34.81 11.45 -5.40
N ASP E 104 -35.37 10.26 -5.27
CA ASP E 104 -36.80 10.10 -4.90
C ASP E 104 -36.90 9.39 -3.55
N LEU E 105 -36.95 10.17 -2.46
CA LEU E 105 -37.02 9.65 -1.07
C LEU E 105 -38.40 9.92 -0.50
N TYR E 106 -39.38 10.25 -1.34
CA TYR E 106 -40.72 10.70 -0.90
C TYR E 106 -41.50 9.54 -0.27
N LEU E 107 -42.54 9.86 0.50
CA LEU E 107 -43.40 8.90 1.25
C LEU E 107 -42.52 7.99 2.13
N ASN E 108 -41.71 8.60 2.99
CA ASN E 108 -40.87 7.89 4.00
C ASN E 108 -40.98 8.66 5.32
N SER E 109 -40.28 8.22 6.37
CA SER E 109 -40.24 8.91 7.68
C SER E 109 -38.87 9.55 7.92
N PHE E 110 -38.21 10.05 6.88
CA PHE E 110 -36.87 10.69 6.98
C PHE E 110 -36.96 11.95 7.84
N SER E 111 -36.10 12.04 8.85
CA SER E 111 -36.00 13.22 9.74
C SER E 111 -34.70 13.97 9.44
N GLY E 112 -34.47 15.11 10.10
CA GLY E 112 -33.21 15.85 10.02
C GLY E 112 -33.19 16.84 8.86
N PRO E 113 -32.04 17.48 8.61
CA PRO E 113 -31.93 18.52 7.58
C PRO E 113 -31.81 17.98 6.16
N ILE E 114 -32.27 18.74 5.16
CA ILE E 114 -31.90 18.49 3.75
C ILE E 114 -30.42 18.86 3.62
N PRO E 115 -29.53 17.92 3.29
CA PRO E 115 -28.09 18.21 3.27
C PRO E 115 -27.72 19.31 2.28
N GLU E 116 -26.81 20.21 2.68
CA GLU E 116 -26.25 21.27 1.82
C GLU E 116 -25.49 20.64 0.65
N SER E 117 -24.95 19.43 0.86
CA SER E 117 -24.16 18.66 -0.12
C SER E 117 -24.95 18.39 -1.40
N LEU E 118 -26.28 18.31 -1.31
CA LEU E 118 -27.16 17.97 -2.46
C LEU E 118 -26.99 19.02 -3.58
N GLY E 119 -26.54 20.23 -3.24
CA GLY E 119 -26.26 21.30 -4.21
C GLY E 119 -25.15 20.91 -5.17
N LYS E 120 -24.26 19.99 -4.78
CA LYS E 120 -23.11 19.54 -5.61
C LYS E 120 -23.60 18.56 -6.69
N LEU E 121 -24.87 18.14 -6.65
CA LEU E 121 -25.48 17.25 -7.67
C LEU E 121 -25.84 18.07 -8.91
N SER E 122 -24.84 18.36 -9.75
CA SER E 122 -24.94 19.27 -10.93
C SER E 122 -25.98 18.81 -11.94
N LYS E 123 -26.14 17.49 -12.15
CA LYS E 123 -27.00 16.96 -13.24
C LYS E 123 -28.39 16.56 -12.71
N LEU E 124 -28.71 16.85 -11.44
CA LEU E 124 -29.99 16.40 -10.83
C LEU E 124 -31.15 17.11 -11.53
N ARG E 125 -32.16 16.36 -11.95
CA ARG E 125 -33.38 16.93 -12.61
C ARG E 125 -34.59 16.71 -11.71
N PHE E 126 -34.60 15.66 -10.90
CA PHE E 126 -35.77 15.31 -10.05
C PHE E 126 -35.35 15.21 -8.59
N LEU E 127 -35.91 16.07 -7.74
CA LEU E 127 -35.72 16.00 -6.27
C LEU E 127 -37.09 15.93 -5.59
N ARG E 128 -37.48 14.75 -5.15
CA ARG E 128 -38.78 14.56 -4.46
C ARG E 128 -38.52 14.05 -3.04
N LEU E 129 -38.59 14.95 -2.05
CA LEU E 129 -38.39 14.62 -0.62
C LEU E 129 -39.70 14.81 0.13
N ASN E 130 -40.82 14.82 -0.60
CA ASN E 130 -42.15 15.14 -0.03
C ASN E 130 -42.60 13.99 0.88
N ASN E 131 -43.55 14.28 1.76
CA ASN E 131 -44.17 13.30 2.70
C ASN E 131 -43.07 12.65 3.55
N ASN E 132 -42.23 13.47 4.16
CA ASN E 132 -41.19 13.05 5.13
C ASN E 132 -41.34 13.93 6.37
N SER E 133 -40.51 13.72 7.40
CA SER E 133 -40.49 14.55 8.63
C SER E 133 -39.26 15.46 8.63
N LEU E 134 -38.77 15.89 7.46
CA LEU E 134 -37.52 16.70 7.34
C LEU E 134 -37.71 18.06 8.01
N THR E 135 -36.66 18.56 8.68
CA THR E 135 -36.68 19.82 9.45
C THR E 135 -35.54 20.72 8.95
N GLY E 136 -35.59 22.00 9.32
CA GLY E 136 -34.53 22.97 8.99
C GLY E 136 -34.89 23.80 7.76
N SER E 137 -33.89 24.49 7.20
CA SER E 137 -34.08 25.40 6.05
C SER E 137 -33.76 24.68 4.75
N ILE E 138 -34.29 25.17 3.63
CA ILE E 138 -33.99 24.66 2.26
C ILE E 138 -32.64 25.24 1.85
N PRO E 139 -31.60 24.42 1.55
CA PRO E 139 -30.28 24.95 1.23
C PRO E 139 -30.26 25.80 -0.06
N MET E 140 -29.52 26.91 -0.02
CA MET E 140 -29.38 27.85 -1.15
C MET E 140 -28.55 27.20 -2.25
N SER E 141 -27.77 26.18 -1.92
CA SER E 141 -26.93 25.41 -2.88
C SER E 141 -27.82 24.80 -3.96
N LEU E 142 -29.05 24.40 -3.62
CA LEU E 142 -29.99 23.74 -4.55
C LEU E 142 -30.28 24.64 -5.76
N THR E 143 -30.23 25.96 -5.58
CA THR E 143 -30.49 26.94 -6.67
C THR E 143 -29.40 26.83 -7.74
N ASN E 144 -28.19 26.43 -7.35
CA ASN E 144 -27.05 26.33 -8.30
C ASN E 144 -27.20 25.07 -9.19
N ILE E 145 -28.17 24.19 -8.92
CA ILE E 145 -28.44 23.01 -9.78
C ILE E 145 -29.28 23.47 -10.96
N THR E 146 -28.63 23.76 -12.09
CA THR E 146 -29.25 24.33 -13.31
C THR E 146 -30.25 23.33 -13.89
N THR E 147 -29.97 22.04 -13.76
CA THR E 147 -30.74 20.95 -14.40
C THR E 147 -32.06 20.68 -13.66
N LEU E 148 -32.26 21.21 -12.45
CA LEU E 148 -33.44 20.84 -11.63
C LEU E 148 -34.72 21.27 -12.34
N GLN E 149 -35.61 20.33 -12.64
CA GLN E 149 -36.88 20.61 -13.36
C GLN E 149 -38.08 20.17 -12.51
N VAL E 150 -37.91 19.21 -11.59
CA VAL E 150 -38.99 18.79 -10.65
C VAL E 150 -38.46 18.87 -9.22
N LEU E 151 -39.16 19.61 -8.36
CA LEU E 151 -38.83 19.71 -6.92
C LEU E 151 -40.13 19.58 -6.12
N ASP E 152 -40.17 18.64 -5.16
CA ASP E 152 -41.31 18.56 -4.22
C ASP E 152 -40.76 18.39 -2.80
N LEU E 153 -40.91 19.43 -1.97
CA LEU E 153 -40.51 19.41 -0.55
C LEU E 153 -41.76 19.49 0.32
N SER E 154 -42.93 19.17 -0.25
CA SER E 154 -44.23 19.34 0.43
C SER E 154 -44.39 18.31 1.55
N ASN E 155 -45.33 18.57 2.48
CA ASN E 155 -45.69 17.66 3.60
C ASN E 155 -44.41 17.30 4.36
N ASN E 156 -43.65 18.32 4.76
CA ASN E 156 -42.44 18.21 5.61
C ASN E 156 -42.58 19.21 6.76
N ARG E 157 -41.62 19.26 7.68
CA ARG E 157 -41.65 20.21 8.82
C ARG E 157 -40.55 21.28 8.63
N LEU E 158 -40.25 21.66 7.39
CA LEU E 158 -39.17 22.63 7.07
C LEU E 158 -39.60 24.06 7.45
N SER E 159 -38.63 24.94 7.62
CA SER E 159 -38.86 26.34 8.07
C SER E 159 -37.83 27.26 7.39
N GLY E 160 -38.06 28.56 7.48
CA GLY E 160 -37.13 29.59 6.95
C GLY E 160 -37.54 30.03 5.57
N SER E 161 -36.67 30.79 4.90
CA SER E 161 -36.96 31.40 3.57
C SER E 161 -36.93 30.33 2.49
N VAL E 162 -37.85 30.41 1.52
CA VAL E 162 -37.82 29.55 0.30
C VAL E 162 -37.03 30.31 -0.76
N PRO E 163 -35.91 29.77 -1.27
CA PRO E 163 -35.14 30.44 -2.33
C PRO E 163 -36.03 30.66 -3.57
N ASP E 164 -35.92 31.81 -4.23
CA ASP E 164 -36.70 32.09 -5.46
C ASP E 164 -35.76 32.39 -6.64
N ASN E 165 -34.45 32.21 -6.49
CA ASN E 165 -33.47 32.49 -7.58
C ASN E 165 -33.00 31.18 -8.22
N GLY E 166 -32.32 31.30 -9.37
CA GLY E 166 -31.80 30.17 -10.15
C GLY E 166 -32.90 29.21 -10.57
N SER E 167 -32.68 27.91 -10.37
CA SER E 167 -33.64 26.83 -10.75
C SER E 167 -34.97 27.01 -9.99
N PHE E 168 -34.96 27.66 -8.84
CA PHE E 168 -36.15 27.83 -7.99
C PHE E 168 -37.08 28.91 -8.55
N SER E 169 -36.63 29.67 -9.55
CA SER E 169 -37.42 30.77 -10.16
C SER E 169 -38.77 30.26 -10.69
N LEU E 170 -38.78 29.08 -11.31
CA LEU E 170 -39.97 28.50 -12.00
C LEU E 170 -40.87 27.75 -11.00
N PHE E 171 -40.43 27.54 -9.76
CA PHE E 171 -41.14 26.60 -8.84
C PHE E 171 -42.36 27.30 -8.24
N THR E 172 -43.50 26.60 -8.29
CA THR E 172 -44.84 27.01 -7.79
C THR E 172 -44.99 26.62 -6.32
N PRO E 173 -46.03 27.13 -5.60
CA PRO E 173 -46.27 26.78 -4.20
C PRO E 173 -46.49 25.29 -3.89
N ILE E 174 -47.10 24.51 -4.80
CA ILE E 174 -47.41 23.06 -4.60
C ILE E 174 -46.11 22.33 -4.19
N SER E 175 -44.95 22.84 -4.63
CA SER E 175 -43.62 22.29 -4.31
C SER E 175 -43.30 22.43 -2.81
N PHE E 176 -43.73 23.51 -2.15
CA PHE E 176 -43.31 23.82 -0.75
C PHE E 176 -44.51 23.78 0.23
N ALA E 177 -45.66 23.22 -0.18
CA ALA E 177 -46.92 23.26 0.60
C ALA E 177 -46.79 22.43 1.88
N ASN E 178 -47.58 22.80 2.90
CA ASN E 178 -47.78 22.09 4.19
C ASN E 178 -46.43 21.87 4.89
N ASN E 179 -45.63 22.93 5.03
CA ASN E 179 -44.38 22.93 5.82
C ASN E 179 -44.61 23.74 7.10
N LEU E 180 -43.70 23.63 8.08
CA LEU E 180 -43.90 24.13 9.46
C LEU E 180 -43.95 25.66 9.47
N ASP E 181 -42.94 26.32 8.92
CA ASP E 181 -42.83 27.80 8.97
C ASP E 181 -41.94 28.27 7.81
N LEU E 182 -42.28 27.90 6.58
CA LEU E 182 -41.58 28.42 5.38
C LEU E 182 -42.09 29.82 5.11
N CYS E 183 -41.19 30.74 4.78
CA CYS E 183 -41.53 32.16 4.46
C CYS E 183 -40.95 32.53 3.09
N GLY E 184 -41.48 33.58 2.46
CA GLY E 184 -40.95 34.12 1.19
C GLY E 184 -42.07 34.29 0.16
N PRO E 185 -41.75 34.75 -1.08
CA PRO E 185 -42.76 35.04 -2.10
CA PRO E 185 -42.76 35.04 -2.11
C PRO E 185 -43.67 33.89 -2.56
N VAL E 186 -43.11 32.69 -2.72
CA VAL E 186 -43.92 31.50 -3.14
C VAL E 186 -44.94 31.18 -2.03
N THR E 187 -44.60 31.44 -0.75
CA THR E 187 -45.49 31.17 0.42
C THR E 187 -46.41 32.38 0.68
N SER E 188 -47.37 32.20 1.59
CA SER E 188 -48.30 33.27 2.06
C SER E 188 -47.51 34.32 2.87
N HIS E 189 -47.00 33.95 4.04
CA HIS E 189 -46.26 34.82 4.99
C HIS E 189 -44.94 35.27 4.37
N PRO E 190 -44.65 36.59 4.29
CA PRO E 190 -43.31 37.07 3.94
C PRO E 190 -42.32 36.90 5.11
N CYS E 191 -41.04 37.13 4.87
CA CYS E 191 -39.91 36.78 5.79
C CYS E 191 -39.59 37.94 6.72
N PRO E 192 -39.20 37.67 7.99
CA PRO E 192 -38.67 38.71 8.88
C PRO E 192 -37.41 39.37 8.33
N TYR F 1 -22.14 -14.16 20.43
CA TYR F 1 -21.46 -15.20 19.60
C TYR F 1 -21.18 -14.65 18.19
N VAL F 2 -19.91 -14.33 17.91
CA VAL F 2 -19.41 -13.95 16.56
C VAL F 2 -19.17 -15.22 15.76
N PRO F 3 -19.86 -15.41 14.61
CA PRO F 3 -19.61 -16.58 13.76
C PRO F 3 -18.24 -16.47 13.08
N ILE F 4 -17.56 -17.61 12.94
CA ILE F 4 -16.13 -17.70 12.52
C ILE F 4 -16.08 -18.29 11.11
N PRO F 5 -15.54 -17.55 10.11
CA PRO F 5 -15.40 -18.10 8.77
C PRO F 5 -14.49 -19.33 8.86
N PRO F 6 -14.94 -20.52 8.42
CA PRO F 6 -14.09 -21.70 8.43
C PRO F 6 -12.90 -21.55 7.47
N SER F 7 -11.85 -22.36 7.64
CA SER F 7 -10.70 -22.46 6.70
C SER F 7 -11.19 -23.24 5.47
N ALA F 8 -11.43 -22.52 4.36
CA ALA F 8 -12.10 -23.08 3.16
C ALA F 8 -11.82 -22.20 1.95
N HYP F 9 -12.03 -22.70 0.71
CA HYP F 9 -11.92 -21.86 -0.49
C HYP F 9 -12.81 -20.63 -0.46
O HYP F 9 -13.88 -20.64 0.14
CB HYP F 9 -12.37 -22.84 -1.59
CG HYP F 9 -11.94 -24.19 -1.05
CD HYP F 9 -12.34 -24.12 0.40
OD1 HYP F 9 -10.53 -24.30 -1.18
N SER F 10 -12.32 -19.56 -1.12
CA SER F 10 -13.08 -18.34 -1.38
C SER F 10 -14.30 -18.65 -2.24
N LYS F 11 -15.25 -17.72 -2.33
CA LYS F 11 -16.64 -17.99 -2.82
C LYS F 11 -17.06 -17.03 -3.94
N ARG F 12 -16.14 -16.25 -4.52
CA ARG F 12 -16.49 -15.23 -5.56
C ARG F 12 -16.88 -15.94 -6.87
N HIS F 13 -17.96 -15.47 -7.51
CA HIS F 13 -18.50 -16.05 -8.77
C HIS F 13 -19.29 -15.00 -9.56
N ASN F 14 -19.57 -15.28 -10.84
CA ASN F 14 -20.32 -14.38 -11.76
C ASN F 14 -21.81 -14.70 -11.65
C1 NAG G . 36.49 -5.76 17.57
C2 NAG G . 35.10 -6.07 18.13
C3 NAG G . 34.44 -7.23 17.39
C4 NAG G . 34.40 -6.86 15.93
C5 NAG G . 35.80 -6.57 15.39
C6 NAG G . 35.75 -6.16 13.92
C7 NAG G . 34.83 -5.44 20.47
C8 NAG G . 34.79 -5.92 21.88
N2 NAG G . 35.10 -6.37 19.55
O3 NAG G . 33.12 -7.41 17.88
O4 NAG G . 33.79 -7.89 15.15
O5 NAG G . 36.38 -5.51 16.16
O6 NAG G . 34.67 -5.24 13.70
O7 NAG G . 34.62 -4.27 20.18
C1 NAG G . 33.01 -8.67 14.44
C2 NAG G . 32.87 -9.82 13.45
C3 NAG G . 31.59 -9.64 12.65
C4 NAG G . 30.43 -9.59 13.64
C5 NAG G . 30.62 -8.43 14.62
C6 NAG G . 29.53 -8.38 15.69
C7 NAG G . 35.19 -10.55 13.06
C8 NAG G . 36.36 -10.57 12.12
N2 NAG G . 34.09 -9.90 12.64
O3 NAG G . 31.38 -10.72 11.74
O4 NAG G . 29.18 -9.53 12.94
O5 NAG G . 31.87 -8.61 15.29
O6 NAG G . 28.43 -7.58 15.25
O7 NAG G . 35.27 -11.10 14.15
C1 BMA G . 28.06 -9.73 12.25
C2 BMA G . 26.71 -9.02 12.36
C3 BMA G . 25.64 -10.00 12.84
C4 BMA G . 25.64 -11.24 11.93
C5 BMA G . 27.04 -11.84 11.88
C6 BMA G . 27.09 -13.10 11.02
O2 BMA G . 26.33 -8.42 11.11
O3 BMA G . 24.35 -9.37 12.84
O4 BMA G . 24.70 -12.21 12.42
O5 BMA G . 27.94 -10.84 11.36
O6 BMA G . 28.41 -13.68 11.01
C1 NAG H . 24.13 14.50 -24.43
C2 NAG H . 25.47 15.21 -24.61
C3 NAG H . 25.23 16.63 -25.15
C4 NAG H . 24.49 16.51 -26.48
C5 NAG H . 23.15 15.82 -26.23
C6 NAG H . 22.34 15.65 -27.51
C7 NAG H . 27.15 14.43 -23.01
C8 NAG H . 27.77 14.64 -21.65
N2 NAG H . 26.17 15.28 -23.34
O3 NAG H . 26.48 17.33 -25.28
O4 NAG H . 24.32 17.79 -27.09
O5 NAG H . 23.41 14.52 -25.67
O6 NAG H . 23.09 14.93 -28.50
O7 NAG H . 27.52 13.54 -23.76
C1 NAG H . 24.41 18.98 -27.70
C2 NAG H . 23.54 20.11 -28.26
C3 NAG H . 23.99 20.54 -29.65
C4 NAG H . 25.50 20.76 -29.70
C5 NAG H . 26.21 19.52 -29.16
C6 NAG H . 27.74 19.60 -29.23
C7 NAG H . 21.36 19.64 -27.24
C8 NAG H . 19.98 19.08 -27.47
N2 NAG H . 22.16 19.66 -28.31
O3 NAG H . 23.30 21.74 -30.00
O4 NAG H . 25.89 21.06 -31.04
O5 NAG H . 25.79 19.29 -27.81
O6 NAG H . 28.28 20.03 -27.97
O7 NAG H . 21.70 20.04 -26.15
C1 NAG I . 55.73 -6.11 27.79
C2 NAG I . 55.98 -5.04 28.86
C3 NAG I . 56.64 -5.67 30.07
C4 NAG I . 55.77 -6.82 30.57
C5 NAG I . 55.47 -7.82 29.44
C6 NAG I . 54.50 -8.90 29.92
C7 NAG I . 56.29 -2.77 27.94
C8 NAG I . 57.26 -1.80 27.35
N2 NAG I . 56.79 -3.95 28.31
O3 NAG I . 56.78 -4.67 31.09
O4 NAG I . 56.44 -7.48 31.67
O5 NAG I . 54.88 -7.13 28.33
O6 NAG I . 54.04 -9.66 28.81
O7 NAG I . 55.10 -2.48 28.06
C1 NAG I . 57.06 -7.47 32.85
C2 NAG I . 57.68 -8.43 33.86
C3 NAG I . 56.62 -8.89 34.86
C4 NAG I . 56.02 -7.66 35.53
C5 NAG I . 55.48 -6.68 34.48
C6 NAG I . 54.98 -5.40 35.12
C7 NAG I . 57.79 -10.49 32.47
C8 NAG I . 58.72 -11.45 31.80
N2 NAG I . 58.38 -9.52 33.17
O3 NAG I . 57.21 -9.74 35.85
O4 NAG I . 54.95 -8.09 36.39
O5 NAG I . 56.53 -6.34 33.56
O6 NAG I . 53.56 -5.45 35.28
O7 NAG I . 56.58 -10.61 32.37
C1 NAG J . 25.99 10.77 37.67
C2 NAG J . 26.16 12.19 38.22
C3 NAG J . 25.32 12.35 39.48
C4 NAG J . 23.86 12.01 39.21
C5 NAG J . 23.74 10.63 38.58
C6 NAG J . 22.33 10.32 38.07
C7 NAG J . 28.39 13.09 37.70
C8 NAG J . 29.79 13.29 38.22
N2 NAG J . 27.56 12.45 38.53
O3 NAG J . 25.41 13.71 39.94
O4 NAG J . 23.17 12.05 40.47
O5 NAG J . 24.59 10.56 37.44
O6 NAG J . 22.00 11.09 36.90
O7 NAG J . 28.06 13.48 36.59
C1 NAG J . 22.70 12.32 41.69
C2 NAG J . 21.83 11.98 42.91
C3 NAG J . 20.46 12.64 42.75
C4 NAG J . 20.62 14.15 42.56
C5 NAG J . 21.57 14.41 41.37
C6 NAG J . 21.88 15.90 41.19
C7 NAG J . 21.21 9.65 42.31
C8 NAG J . 21.23 8.22 42.79
N2 NAG J . 21.72 10.55 43.15
O3 NAG J . 19.64 12.38 43.90
O4 NAG J . 19.32 14.73 42.32
O5 NAG J . 22.82 13.73 41.59
O6 NAG J . 22.56 16.08 39.95
O7 NAG J . 20.75 9.92 41.21
C1 BMA J . 18.27 15.14 43.06
C2 BMA J . 18.13 16.65 42.94
C3 BMA J . 17.89 17.29 44.30
C4 BMA J . 16.70 16.62 44.98
C5 BMA J . 16.93 15.11 45.02
C6 BMA J . 15.76 14.38 45.67
O2 BMA J . 17.06 16.99 42.05
O3 BMA J . 17.65 18.69 44.15
O4 BMA J . 16.54 17.13 46.31
O5 BMA J . 17.08 14.64 43.68
O6 BMA J . 16.00 12.98 45.66
C1 NAG K . -1.71 35.02 3.71
C2 NAG K . -2.83 34.12 3.20
C3 NAG K . -4.15 34.87 3.16
C4 NAG K . -4.42 35.54 4.50
C5 NAG K . -3.26 36.47 4.85
C6 NAG K . -3.45 37.21 6.17
C7 NAG K . -2.47 32.42 1.47
C8 NAG K . -2.10 32.20 0.04
N2 NAG K . -2.48 33.69 1.86
O3 NAG K . -5.22 33.96 2.88
O4 NAG K . -5.67 36.24 4.47
O5 NAG K . -2.08 35.67 4.92
O6 NAG K . -3.64 36.28 7.24
O7 NAG K . -2.77 31.49 2.22
C1 NAG K . -6.97 36.51 4.32
C2 NAG K . -7.89 37.70 4.59
C3 NAG K . -9.05 37.29 5.48
C4 NAG K . -9.76 36.07 4.91
C5 NAG K . -8.73 34.95 4.73
C6 NAG K . -9.34 33.65 4.19
C7 NAG K . -6.29 39.54 4.51
C8 NAG K . -5.55 40.56 5.32
N2 NAG K . -7.12 38.77 5.21
O3 NAG K . -9.99 38.36 5.61
O4 NAG K . -10.83 35.69 5.79
O5 NAG K . -7.71 35.39 3.83
O6 NAG K . -9.57 33.75 2.77
O7 NAG K . -6.14 39.45 3.31
C1 NAG L . 19.27 53.42 -1.05
C2 NAG L . 20.68 53.20 -1.60
C3 NAG L . 21.64 52.92 -0.45
C4 NAG L . 21.61 54.08 0.54
C5 NAG L . 20.17 54.29 1.03
C6 NAG L . 19.97 55.48 1.98
C7 NAG L . 20.98 52.16 -3.85
C8 NAG L . 21.39 53.47 -4.45
N2 NAG L . 20.67 52.09 -2.54
O3 NAG L . 22.98 52.73 -0.94
O4 NAG L . 22.50 53.79 1.63
O5 NAG L . 19.32 54.49 -0.10
O6 NAG L . 20.39 56.70 1.35
O7 NAG L . 20.93 51.15 -4.53
C1 NAG L . 23.66 53.76 2.27
C2 NAG L . 24.10 53.65 3.74
C3 NAG L . 25.22 54.63 4.05
C4 NAG L . 26.33 54.56 3.01
C5 NAG L . 25.75 54.77 1.62
C6 NAG L . 26.79 54.81 0.51
C7 NAG L . 21.93 53.10 4.77
C8 NAG L . 20.83 53.59 5.67
N2 NAG L . 22.95 53.94 4.60
O3 NAG L . 25.78 54.34 5.34
O4 NAG L . 27.34 55.56 3.30
O5 NAG L . 24.80 53.72 1.38
O6 NAG L . 27.55 53.59 0.48
O7 NAG L . 21.85 52.00 4.23
C1 NAG M . -34.36 -20.82 -6.56
C2 NAG M . -34.36 -21.97 -5.54
C3 NAG M . -33.61 -21.55 -4.28
C4 NAG M . -32.22 -21.02 -4.65
C5 NAG M . -32.38 -19.85 -5.63
C6 NAG M . -31.06 -19.17 -6.03
C7 NAG M . -36.33 -23.47 -5.67
C8 NAG M . -37.75 -23.70 -5.22
N2 NAG M . -35.73 -22.38 -5.20
O3 NAG M . -33.50 -22.68 -3.41
O4 NAG M . -31.48 -20.65 -3.47
O5 NAG M . -33.03 -20.35 -6.80
O6 NAG M . -30.26 -20.06 -6.80
O7 NAG M . -35.79 -24.26 -6.44
C1 NAG M . -30.93 -20.38 -2.28
C2 NAG M . -30.31 -19.55 -1.16
C3 NAG M . -29.25 -20.35 -0.40
C4 NAG M . -29.77 -21.73 -0.03
C5 NAG M . -30.31 -22.44 -1.27
C6 NAG M . -30.81 -23.86 -0.97
C7 NAG M . -30.36 -17.24 -2.00
C8 NAG M . -29.53 -16.14 -2.60
N2 NAG M . -29.69 -18.36 -1.72
O3 NAG M . -28.90 -19.65 0.80
O4 NAG M . -28.71 -22.48 0.57
O5 NAG M . -31.37 -21.66 -1.81
O6 NAG M . -31.93 -23.82 -0.09
O7 NAG M . -31.56 -17.11 -1.80
C1 NAG N . -23.63 -6.61 -27.36
C2 NAG N . -22.31 -5.89 -27.64
C3 NAG N . -22.54 -4.51 -28.26
C4 NAG N . -23.40 -4.67 -29.51
C5 NAG N . -24.72 -5.35 -29.13
C6 NAG N . -25.64 -5.53 -30.33
C7 NAG N . -20.43 -6.40 -26.14
C8 NAG N . -19.78 -6.09 -24.83
N2 NAG N . -21.55 -5.74 -26.40
O3 NAG N . -21.28 -3.91 -28.58
O4 NAG N . -23.64 -3.41 -30.16
O5 NAG N . -24.43 -6.63 -28.56
O6 NAG N . -24.97 -6.27 -31.36
O7 NAG N . -19.95 -7.20 -26.92
C1 NAG N . -23.52 -2.27 -30.85
C2 NAG N . -24.52 -1.21 -31.29
C3 NAG N . -24.22 -0.74 -32.72
C4 NAG N . -22.76 -0.34 -32.88
C5 NAG N . -21.87 -1.51 -32.44
C6 NAG N . -20.39 -1.18 -32.57
C7 NAG N . -26.53 -1.89 -30.05
C8 NAG N . -27.94 -2.40 -30.16
N2 NAG N . -25.87 -1.74 -31.21
O3 NAG N . -25.03 0.40 -33.06
O4 NAG N . -22.49 0.04 -34.23
O5 NAG N . -22.18 -1.82 -31.07
O6 NAG N . -19.61 -2.32 -32.17
O7 NAG N . -26.04 -1.64 -28.96
C1 NAG O . 11.67 -23.98 23.69
C2 NAG O . 11.86 -22.93 24.78
C3 NAG O . 12.61 -23.54 25.95
C4 NAG O . 11.89 -24.81 26.40
C5 NAG O . 11.75 -25.79 25.23
C6 NAG O . 11.03 -27.07 25.59
C7 NAG O . 11.96 -20.64 23.93
C8 NAG O . 12.84 -19.60 23.30
N2 NAG O . 12.57 -21.77 24.26
O3 NAG O . 12.65 -22.59 27.02
O4 NAG O . 12.60 -25.39 27.50
O5 NAG O . 11.01 -25.14 24.19
O6 NAG O . 9.71 -26.76 26.04
O7 NAG O . 10.77 -20.45 24.10
C1 NAG O . 13.32 -25.62 28.59
C2 NAG O . 13.49 -26.73 29.63
C3 NAG O . 12.56 -26.49 30.81
C4 NAG O . 12.67 -25.07 31.33
C5 NAG O . 12.52 -24.05 30.19
C6 NAG O . 12.73 -22.62 30.66
C7 NAG O . 14.04 -28.64 28.20
C8 NAG O . 13.58 -29.98 27.69
N2 NAG O . 13.22 -28.02 29.04
O3 NAG O . 12.90 -27.41 31.86
O4 NAG O . 11.62 -24.88 32.30
O5 NAG O . 13.50 -24.33 29.19
O6 NAG O . 11.50 -22.06 31.13
O7 NAG O . 15.12 -28.16 27.84
C1 NAG P . -24.91 -20.04 22.58
C2 NAG P . -25.61 -20.82 21.48
C3 NAG P . -27.00 -20.24 21.25
C4 NAG P . -27.80 -20.29 22.55
C5 NAG P . -27.04 -19.56 23.65
C6 NAG P . -27.75 -19.76 24.99
C7 NAG P . -24.22 -21.86 19.72
C8 NAG P . -23.61 -21.64 18.37
N2 NAG P . -24.87 -20.80 20.22
O3 NAG P . -27.67 -21.01 20.25
O4 NAG P . -29.10 -19.70 22.38
O5 NAG P . -25.72 -20.10 23.76
O6 NAG P . -26.91 -19.35 26.06
O7 NAG P . -24.14 -22.93 20.30
C1 NAG P . -30.30 -19.12 22.20
C2 NAG P . -31.24 -18.12 22.86
C3 NAG P . -32.51 -18.84 23.30
C4 NAG P . -33.16 -19.48 22.09
C5 NAG P . -32.16 -20.42 21.41
C6 NAG P . -32.78 -21.03 20.16
C7 NAG P . -29.79 -16.40 23.82
C8 NAG P . -29.37 -15.69 25.07
N2 NAG P . -30.64 -17.42 23.98
O3 NAG P . -33.41 -17.88 23.89
O4 NAG P . -34.37 -20.16 22.47
O5 NAG P . -30.97 -19.72 21.08
O6 NAG P . -31.78 -21.68 19.37
O7 NAG P . -29.41 -16.03 22.72
C1 NAG Q . -18.86 -8.98 34.56
C2 NAG Q . -18.84 -7.55 35.09
C3 NAG Q . -19.66 -7.51 36.39
C4 NAG Q . -21.09 -7.96 36.10
C5 NAG Q . -21.05 -9.38 35.53
C6 NAG Q . -22.44 -9.92 35.15
C7 NAG Q . -16.73 -6.53 34.39
C8 NAG Q . -15.33 -6.16 34.80
N2 NAG Q . -17.47 -7.11 35.33
O3 NAG Q . -19.66 -6.19 36.96
O4 NAG Q . -21.88 -7.91 37.29
O5 NAG Q . -20.23 -9.36 34.37
O6 NAG Q . -23.01 -9.18 34.06
O7 NAG Q . -17.13 -6.31 33.25
C1 NAG Q . -22.65 -7.76 38.37
C2 NAG Q . -23.27 -8.48 39.56
C3 NAG Q . -24.76 -8.17 39.67
C4 NAG Q . -24.98 -6.66 39.66
C5 NAG Q . -24.34 -6.07 38.40
C6 NAG Q . -24.54 -4.56 38.28
C7 NAG Q . -21.90 -10.53 39.58
C8 NAG Q . -21.90 -12.03 39.38
N2 NAG Q . -23.09 -9.92 39.44
O3 NAG Q . -25.30 -8.73 40.88
O4 NAG Q . -26.38 -6.37 39.72
O5 NAG Q . -22.94 -6.36 38.42
O6 NAG Q . -24.08 -4.15 37.00
O7 NAG Q . -20.87 -9.94 39.83
C1 NAG R . -8.06 -25.00 14.26
C2 NAG R . -9.45 -25.37 14.80
C3 NAG R . -10.01 -26.61 14.13
C4 NAG R . -10.07 -26.30 12.63
C5 NAG R . -8.68 -25.95 12.12
C6 NAG R . -8.73 -25.61 10.63
C7 NAG R . -9.50 -24.62 17.12
C8 NAG R . -9.56 -25.05 18.56
N2 NAG R . -9.44 -25.61 16.23
O3 NAG R . -11.30 -26.92 14.66
O4 NAG R . -10.61 -27.40 11.88
O5 NAG R . -8.18 -24.82 12.84
O6 NAG R . -9.81 -24.71 10.39
O7 NAG R . -9.54 -23.45 16.78
C1 NAG R . -11.40 -28.31 11.36
C2 NAG R . -11.51 -29.49 10.41
C3 NAG R . -12.80 -29.39 9.60
C4 NAG R . -14.00 -29.23 10.53
C5 NAG R . -13.78 -28.04 11.46
C6 NAG R . -14.89 -27.88 12.49
C7 NAG R . -9.16 -30.02 9.91
C8 NAG R . -8.08 -29.99 8.87
N2 NAG R . -10.34 -29.53 9.53
O3 NAG R . -12.96 -30.58 8.81
O4 NAG R . -15.18 -29.11 9.72
O5 NAG R . -12.57 -28.22 12.20
O6 NAG R . -14.73 -28.89 13.48
O7 NAG R . -8.95 -30.48 11.03
C1 BMA R . -15.99 -30.08 9.32
C2 BMA R . -17.49 -29.77 9.42
C3 BMA R . -18.27 -30.92 10.04
C4 BMA R . -17.93 -32.24 9.36
C5 BMA R . -16.41 -32.43 9.28
C6 BMA R . -16.06 -33.72 8.55
O2 BMA R . -18.00 -29.45 8.12
O3 BMA R . -19.67 -30.70 9.90
O4 BMA R . -18.52 -33.31 10.09
O5 BMA R . -15.85 -31.31 8.60
O6 BMA R . -14.89 -34.32 9.12
C1 NAG S . 14.92 -24.67 13.92
C2 NAG S . 15.16 -23.30 13.27
C3 NAG S . 16.65 -22.91 13.27
C4 NAG S . 17.31 -23.17 14.63
C5 NAG S . 17.05 -24.61 15.06
C6 NAG S . 17.73 -25.00 16.37
C7 NAG S . 14.58 -22.27 11.09
C8 NAG S . 14.16 -22.55 9.68
N2 NAG S . 14.70 -23.34 11.88
O3 NAG S . 16.83 -21.53 12.95
O4 NAG S . 18.71 -22.89 14.55
O5 NAG S . 15.63 -24.77 15.16
O6 NAG S . 17.07 -24.44 17.51
O7 NAG S . 14.79 -21.13 11.47
C1 FUC S . 17.00 -23.98 18.78
C2 FUC S . 16.51 -22.56 19.10
C3 FUC S . 15.11 -22.57 19.70
C4 FUC S . 15.06 -23.52 20.90
C5 FUC S . 15.55 -24.90 20.47
C6 FUC S . 15.51 -25.89 21.63
O2 FUC S . 16.51 -21.76 17.91
O3 FUC S . 14.72 -21.26 20.12
O4 FUC S . 15.87 -23.01 21.97
O5 FUC S . 16.88 -24.81 19.94
C1 NAG T . -48.68 13.40 1.93
C2 NAG T . -49.79 12.42 1.56
C3 NAG T . -51.15 13.10 1.64
C4 NAG T . -51.32 13.79 2.99
C5 NAG T . -50.18 14.78 3.21
C6 NAG T . -50.26 15.48 4.55
C7 NAG T . -49.67 10.70 -0.19
C8 NAG T . -49.45 10.47 -1.67
N2 NAG T . -49.59 11.98 0.19
O3 NAG T . -52.18 12.10 1.46
O4 NAG T . -52.57 14.46 3.07
O5 NAG T . -48.97 14.03 3.17
O6 NAG T . -50.35 14.52 5.61
O7 NAG T . -49.92 9.78 0.58
C1 NAG T . -53.86 14.76 3.16
C2 NAG T . -54.71 15.92 3.69
C3 NAG T . -55.45 15.47 4.95
C4 NAG T . -56.20 14.17 4.71
C5 NAG T . -55.22 13.10 4.19
C6 NAG T . -55.88 11.74 3.94
C7 NAG T . -53.32 17.83 3.00
C8 NAG T . -52.39 18.92 3.43
N2 NAG T . -53.83 17.06 3.96
O3 NAG T . -56.39 16.47 5.34
O4 NAG T . -56.82 13.74 5.93
O5 NAG T . -54.64 13.58 2.98
O6 NAG T . -56.54 11.73 2.67
O7 NAG T . -53.58 17.66 1.83
C1 NAG U . -29.20 32.66 -5.10
C2 NAG U . -27.80 32.67 -5.71
C3 NAG U . -26.75 32.53 -4.62
C4 NAG U . -26.90 33.67 -3.63
C5 NAG U . -28.32 33.63 -3.06
C6 NAG U . -28.60 34.73 -2.04
C7 NAG U . -27.77 31.84 -8.02
C8 NAG U . -27.51 30.68 -8.92
N2 NAG U . -27.61 31.62 -6.71
O3 NAG U . -25.43 32.54 -5.20
O4 NAG U . -25.91 33.57 -2.60
O5 NAG U . -29.26 33.70 -4.12
O6 NAG U . -28.44 36.04 -2.62
O7 NAG U . -28.09 32.93 -8.48
C1 NAG U . -24.94 33.30 -1.73
C2 NAG U . -24.72 33.35 -0.21
C3 NAG U . -23.79 34.51 0.13
C4 NAG U . -22.50 34.43 -0.69
C5 NAG U . -22.85 34.37 -2.18
C6 NAG U . -21.59 34.25 -3.03
C7 NAG U . -26.69 32.53 1.01
C8 NAG U . -28.01 32.89 1.63
N2 NAG U . -26.01 33.53 0.46
O3 NAG U . -23.46 34.46 1.53
O4 NAG U . -21.67 35.57 -0.42
O5 NAG U . -23.69 33.23 -2.42
O6 NAG U . -21.97 34.21 -4.41
O7 NAG U . -26.29 31.37 1.02
C1 NAG V . 12.07 31.20 -25.20
C2 NAG V . 13.16 31.99 -24.48
C3 NAG V . 13.88 32.89 -25.48
C4 NAG V . 14.51 32.01 -26.56
C5 NAG V . 13.44 31.12 -27.20
C6 NAG V . 14.10 30.15 -28.18
C7 NAG V . 12.73 32.50 -22.09
C8 NAG V . 13.57 31.33 -21.64
N2 NAG V . 12.60 32.78 -23.39
O3 NAG V . 14.89 33.64 -24.79
O4 NAG V . 15.15 32.83 -27.54
O5 NAG V . 12.72 30.38 -26.19
O6 NAG V . 13.25 29.04 -28.47
O7 NAG V . 12.15 33.20 -21.27
C1 NAG W . 37.40 11.05 3.37
C2 NAG W . 35.97 11.50 3.66
C3 NAG W . 35.89 13.03 3.58
C4 NAG W . 36.94 13.68 4.48
C5 NAG W . 38.33 13.15 4.10
C6 NAG W . 39.43 13.75 4.97
C7 NAG W . 34.60 9.65 2.80
C8 NAG W . 33.57 9.22 1.79
N2 NAG W . 35.03 10.91 2.72
O3 NAG W . 34.58 13.47 3.95
O4 NAG W . 36.91 15.11 4.37
O5 NAG W . 38.32 11.73 4.25
O6 NAG W . 40.69 13.12 4.67
O7 NAG W . 35.02 8.85 3.62
C1 NAG X . 11.53 0.45 -4.59
C2 NAG X . 11.36 -0.67 -3.57
C3 NAG X . 11.96 -0.25 -2.22
C4 NAG X . 13.41 0.19 -2.40
C5 NAG X . 13.46 1.31 -3.45
C6 NAG X . 14.86 1.89 -3.65
C7 NAG X . 9.39 -2.12 -3.92
C8 NAG X . 7.95 -2.36 -3.55
N2 NAG X . 9.96 -1.04 -3.37
O3 NAG X . 11.90 -1.35 -1.31
O4 NAG X . 13.94 0.62 -1.14
O5 NAG X . 12.91 0.82 -4.68
O6 NAG X . 15.76 0.90 -4.16
O7 NAG X . 9.99 -2.89 -4.66
C1 NAG Y . 19.50 0.01 25.60
C2 NAG Y . 18.74 -0.89 24.63
C3 NAG Y . 17.32 -0.38 24.40
C4 NAG Y . 16.59 -0.15 25.72
C5 NAG Y . 17.43 0.76 26.61
C6 NAG Y . 16.75 0.95 27.97
C7 NAG Y . 20.20 -2.00 22.96
C8 NAG Y . 20.81 -1.86 21.60
N2 NAG Y . 19.45 -0.96 23.36
O3 NAG Y . 16.60 -1.36 23.64
O4 NAG Y . 15.28 0.42 25.50
O5 NAG Y . 18.73 0.18 26.80
O6 NAG Y . 17.70 1.41 28.95
O7 NAG Y . 20.40 -2.99 23.64
C1 NAG Z . 59.34 -6.85 18.13
C2 NAG Z . 60.17 -7.37 19.31
C3 NAG Z . 61.67 -7.29 18.98
C4 NAG Z . 61.98 -7.95 17.64
C5 NAG Z . 61.08 -7.35 16.55
C6 NAG Z . 61.33 -7.97 15.17
C7 NAG Z . 60.53 -5.97 21.40
C8 NAG Z . 59.81 -5.31 22.53
N2 NAG Z . 59.76 -6.63 20.52
O3 NAG Z . 62.45 -7.96 19.98
O4 NAG Z . 63.36 -7.76 17.31
O5 NAG Z . 59.72 -7.55 16.94
O6 NAG Z . 61.06 -9.38 15.21
O7 NAG Z . 61.75 -5.89 21.32
MG MG AA . 18.78 5.06 52.15
NA NA BA . 41.17 10.41 4.38
C1 NAG CA . 29.27 32.02 3.83
C2 NAG CA . 30.77 31.69 3.84
C3 NAG CA . 31.28 31.40 5.26
C4 NAG CA . 30.93 32.55 6.19
C5 NAG CA . 29.43 32.78 6.17
C6 NAG CA . 29.04 33.99 7.03
C7 NAG CA . 32.23 30.28 2.44
C8 NAG CA . 32.31 29.05 1.58
N2 NAG CA . 31.02 30.55 2.97
O3 NAG CA . 32.71 31.25 5.25
O4 NAG CA . 31.37 32.26 7.52
O5 NAG CA . 29.03 33.02 4.83
O6 NAG CA . 27.66 34.33 6.81
O7 NAG CA . 33.21 30.99 2.64
C1 NAG DA . 2.59 24.34 12.30
C2 NAG DA . 1.23 23.72 12.63
C3 NAG DA . 0.60 24.44 13.83
C4 NAG DA . 1.57 24.46 15.01
C5 NAG DA . 2.89 25.11 14.56
C6 NAG DA . 3.91 25.22 15.70
C7 NAG DA . 0.15 22.79 10.60
C8 NAG DA . -0.76 23.10 9.45
N2 NAG DA . 0.35 23.81 11.47
O3 NAG DA . -0.62 23.79 14.22
O4 NAG DA . 0.99 25.18 16.10
O5 NAG DA . 3.44 24.35 13.47
O6 NAG DA . 4.25 23.94 16.25
O7 NAG DA . 0.67 21.70 10.73
C1 NAG EA . 25.29 49.46 -2.68
C2 NAG EA . 26.77 49.12 -2.47
C3 NAG EA . 27.47 50.35 -1.90
C4 NAG EA . 27.34 51.48 -2.93
C5 NAG EA . 25.87 51.72 -3.25
C6 NAG EA . 25.77 52.75 -4.38
C7 NAG EA . 27.27 46.72 -2.10
C8 NAG EA . 27.50 46.51 -3.58
N2 NAG EA . 26.95 47.93 -1.64
O3 NAG EA . 28.84 50.06 -1.63
O4 NAG EA . 27.94 52.67 -2.41
O5 NAG EA . 25.22 50.51 -3.65
O6 NAG EA . 24.44 52.78 -4.92
O7 NAG EA . 27.41 45.77 -1.34
MG MG FA . 16.65 14.62 -9.83
C1 NAG GA . -8.76 -8.62 -0.26
C2 NAG GA . -10.22 -8.32 0.09
C3 NAG GA . -10.45 -6.82 0.05
C4 NAG GA . -9.44 -6.09 0.93
C5 NAG GA . -8.02 -6.49 0.50
C6 NAG GA . -6.93 -5.84 1.34
C7 NAG GA . -11.60 -10.25 -0.67
C8 NAG GA . -12.62 -10.71 -1.67
N2 NAG GA . -11.15 -8.99 -0.83
O3 NAG GA . -11.79 -6.53 0.49
O4 NAG GA . -9.61 -4.67 0.84
O5 NAG GA . -7.88 -7.91 0.61
O6 NAG GA . -5.66 -6.29 0.86
O7 NAG GA . -11.24 -10.99 0.21
C1 NAG HA . -36.91 9.45 -27.69
C2 NAG HA . -35.78 10.25 -27.04
C3 NAG HA . -35.05 11.10 -28.07
C4 NAG HA . -34.51 10.18 -29.15
C5 NAG HA . -35.66 9.36 -29.76
C6 NAG HA . -35.12 8.38 -30.81
C7 NAG HA . -36.13 10.79 -24.65
C8 NAG HA . -36.81 11.71 -23.67
N2 NAG HA . -36.31 11.08 -25.95
O3 NAG HA . -33.98 11.83 -27.45
O4 NAG HA . -33.83 10.93 -30.16
O5 NAG HA . -36.34 8.64 -28.74
O6 NAG HA . -35.91 7.19 -30.82
O7 NAG HA . -35.47 9.84 -24.26
C1 NAG IA . -11.65 -4.97 24.07
C2 NAG IA . -12.75 -4.22 24.82
C3 NAG IA . -12.57 -2.71 24.66
C4 NAG IA . -11.14 -2.28 24.99
C5 NAG IA . -10.16 -3.09 24.13
C6 NAG IA . -8.68 -2.71 24.34
C7 NAG IA . -14.97 -5.36 24.89
C8 NAG IA . -16.18 -5.71 24.06
N2 NAG IA . -14.05 -4.62 24.27
O3 NAG IA . -13.48 -2.01 25.52
O4 NAG IA . -10.97 -0.86 24.79
O5 NAG IA . -10.35 -4.48 24.43
O6 NAG IA . -8.19 -3.22 25.58
O7 NAG IA . -14.88 -5.74 26.04
MG MG JA . -16.28 -25.79 57.39
NA NA KA . -23.41 -35.55 34.62
NA NA LA . -4.91 -9.12 0.65
C1 NAG MA . -43.33 3.11 10.42
C2 NAG MA . -44.54 2.26 10.82
C3 NAG MA . -45.20 2.85 12.06
C4 NAG MA . -44.17 3.02 13.17
C5 NAG MA . -43.00 3.87 12.67
C6 NAG MA . -41.93 4.10 13.73
C7 NAG MA . -45.71 1.07 8.99
C8 NAG MA . -46.75 1.18 7.91
N2 NAG MA . -45.51 2.16 9.73
O3 NAG MA . -46.27 2.00 12.52
O4 NAG MA . -44.78 3.63 14.32
O5 NAG MA . -42.42 3.24 11.51
O6 NAG MA . -41.34 2.86 14.16
O7 NAG MA . -45.09 0.02 9.15
MG MG NA . -30.29 -6.47 -12.47
#